data_2VSE
#
_entry.id   2VSE
#
_cell.length_a   130.963
_cell.length_b   130.963
_cell.length_c   396.061
_cell.angle_alpha   90.00
_cell.angle_beta   90.00
_cell.angle_gamma   120.00
#
_symmetry.space_group_name_H-M   'H 3'
#
loop_
_entity.id
_entity.type
_entity.pdbx_description
1 polymer 'MOSQUITOCIDAL TOXIN'
2 non-polymer (4S)-2-METHYL-2,4-PENTANEDIOL
3 non-polymer GLYCEROL
4 water water
#
_entity_poly.entity_id   1
_entity_poly.type   'polypeptide(L)'
_entity_poly.pdbx_seq_one_letter_code
;ASPNSPKDNTWIQAASLTWLMDMSSLLYQLISTRIPSFASPNGLHMREQTIDSNTGQIQIDNEHRLLRWDRRPPNDIFLN
GFIPRVTNQNLSPVEDTHLLNYLRTNSPSIFVSTTRARYNNLGLEITPWTPHSANNNIIYRYEIFAPGGIDINASFSRNH
NPFPNEDEITFPGGIRPEFIRSTYEYHNGEIVRIWINPNFINPSTLNDVSGPSNISKVFWHENHSEGNNMDSKGFILDLD
YNQDFDMFAPNGEIPNNNLLNNNSLNVIQNSEYQIKNKKDRNIVVTLDSDYGGSPVESYKNFGFENQKWNIKYDSKKNAY
KIYNRETPTLLLSWNSNSSNGEQVIRGYTESGSNNQYWTIEKNVNGFYKFRNLSDPSKILDLKDGNTLNKTPLVVSSENS
SSSQEWLIEKTNYQTVKDGTYQVSSKLNENKVIEQISTNKVHIFSNSDKENQVWNLIYNPILKAYKIKSLKYPNYSLAWD
SNNTRTIVAATGDYNDQYWLIERNEDNTYIIRNYENRKIVLDLSNGSTTDGNGLLGFEFHGGINQRWIIKPFSFNSIQDG
IYQFMTVINQDLIADLTTNNYTIATKTNNYSSNQKWTVTYNDKKRAYKIRNLQHAHLSLAWDSNHSDKIFGATGDYDDQY
WIPILQTDGSFIFRNYKNPNKIFGTNGQPINDIPLKAQDVTGQNNQKWYLRHLNSSNNFTGYFNISSKKNFNKIITMNSN
KTQAVIFDNIGINNQSWKLKYNDNKNAYQIHILDNFLYFQGGHNIVATMRNVTNDDLRSYWYVEYNFNKDGFIIRNAFDT
SYVLDVFQGNFANNTPIITYQNYLNDNQLWNFIPSLGVEPR
;
_entity_poly.pdbx_strand_id   A,B
#
loop_
_chem_comp.id
_chem_comp.type
_chem_comp.name
_chem_comp.formula
GOL non-polymer GLYCEROL 'C3 H8 O3'
MPD non-polymer (4S)-2-METHYL-2,4-PENTANEDIOL 'C6 H14 O2'
#
# COMPACT_ATOMS: atom_id res chain seq x y z
N SER A 2 -3.50 -37.10 -5.93
CA SER A 2 -3.50 -38.58 -6.18
C SER A 2 -4.87 -39.07 -6.67
N PRO A 3 -4.88 -40.02 -7.64
CA PRO A 3 -6.16 -40.57 -8.14
C PRO A 3 -6.79 -41.60 -7.19
N ASN A 4 -8.12 -41.68 -7.22
CA ASN A 4 -8.92 -42.66 -6.43
C ASN A 4 -8.82 -42.60 -4.89
N SER A 5 -8.04 -41.66 -4.36
CA SER A 5 -7.96 -41.44 -2.89
C SER A 5 -9.30 -40.91 -2.35
N PRO A 6 -9.41 -40.69 -1.02
CA PRO A 6 -10.69 -40.17 -0.50
C PRO A 6 -11.05 -38.80 -1.07
N LYS A 7 -12.34 -38.55 -1.18
CA LYS A 7 -12.86 -37.31 -1.78
C LYS A 7 -12.57 -36.08 -0.93
N ASP A 8 -12.46 -36.28 0.40
CA ASP A 8 -12.25 -35.18 1.34
C ASP A 8 -11.45 -35.55 2.59
N ASN A 9 -11.22 -34.55 3.45
CA ASN A 9 -10.63 -34.67 4.79
C ASN A 9 -11.21 -35.70 5.75
N THR A 10 -12.51 -35.97 5.64
CA THR A 10 -13.29 -36.48 6.77
C THR A 10 -12.64 -37.64 7.52
N TRP A 11 -12.07 -38.60 6.79
CA TRP A 11 -11.53 -39.82 7.38
C TRP A 11 -10.49 -39.59 8.47
N ILE A 12 -9.87 -38.41 8.46
CA ILE A 12 -8.84 -38.05 9.44
C ILE A 12 -9.09 -36.72 10.18
N GLN A 13 -10.32 -36.20 10.16
CA GLN A 13 -10.64 -34.91 10.79
C GLN A 13 -10.52 -34.91 12.30
N ALA A 14 -10.51 -36.10 12.89
CA ALA A 14 -10.47 -36.27 14.33
C ALA A 14 -9.06 -36.27 14.88
N ALA A 15 -8.07 -36.35 13.99
CA ALA A 15 -6.66 -36.56 14.37
C ALA A 15 -6.20 -35.69 15.55
N SER A 16 -5.61 -36.37 16.53
CA SER A 16 -4.87 -35.73 17.60
C SER A 16 -3.64 -35.07 16.98
N LEU A 17 -3.04 -35.76 16.01
CA LEU A 17 -1.94 -35.19 15.23
C LEU A 17 -2.52 -34.22 14.20
N THR A 18 -2.79 -33.00 14.65
CA THR A 18 -3.56 -32.04 13.85
C THR A 18 -2.96 -31.68 12.51
N TRP A 19 -1.63 -31.64 12.44
CA TRP A 19 -0.89 -31.34 11.20
C TRP A 19 -1.18 -32.35 10.09
N LEU A 20 -1.69 -33.51 10.48
CA LEU A 20 -1.96 -34.59 9.55
C LEU A 20 -3.21 -34.32 8.71
N MET A 21 -4.09 -33.47 9.23
CA MET A 21 -5.43 -33.27 8.68
C MET A 21 -5.48 -32.72 7.25
N ASP A 22 -4.45 -32.00 6.83
CA ASP A 22 -4.44 -31.47 5.47
C ASP A 22 -3.46 -32.23 4.57
N MET A 23 -3.17 -33.48 4.95
CA MET A 23 -2.30 -34.37 4.18
C MET A 23 -3.03 -35.64 3.78
N SER A 24 -4.32 -35.52 3.47
CA SER A 24 -5.14 -36.65 3.06
C SER A 24 -4.51 -37.45 1.88
N SER A 25 -4.22 -36.78 0.77
CA SER A 25 -3.63 -37.43 -0.39
C SER A 25 -2.40 -38.27 -0.04
N LEU A 26 -1.44 -37.64 0.63
CA LEU A 26 -0.19 -38.29 0.97
C LEU A 26 -0.37 -39.45 1.94
N LEU A 27 -1.14 -39.23 2.98
CA LEU A 27 -1.38 -40.30 3.95
C LEU A 27 -2.03 -41.52 3.31
N TYR A 28 -2.96 -41.29 2.38
CA TYR A 28 -3.63 -42.40 1.73
C TYR A 28 -2.64 -43.19 0.87
N GLN A 29 -1.74 -42.48 0.21
CA GLN A 29 -0.69 -43.10 -0.57
C GLN A 29 0.22 -43.97 0.29
N LEU A 30 0.69 -43.42 1.41
CA LEU A 30 1.60 -44.14 2.30
C LEU A 30 0.96 -45.38 2.91
N ILE A 31 -0.32 -45.26 3.31
CA ILE A 31 -1.06 -46.40 3.85
C ILE A 31 -1.26 -47.47 2.77
N SER A 32 -1.66 -47.04 1.57
CA SER A 32 -1.95 -47.96 0.47
C SER A 32 -0.75 -48.75 -0.07
N THR A 33 0.44 -48.14 -0.17
CA THR A 33 1.59 -48.84 -0.82
C THR A 33 1.92 -50.18 -0.22
N ARG A 34 1.70 -50.33 1.08
CA ARG A 34 1.96 -51.60 1.77
C ARG A 34 0.71 -52.52 1.84
N ILE A 35 -0.32 -52.23 1.03
CA ILE A 35 -1.52 -53.06 0.98
C ILE A 35 -1.66 -53.72 -0.38
N PRO A 36 -1.40 -55.05 -0.46
CA PRO A 36 -1.53 -55.78 -1.72
C PRO A 36 -2.97 -55.77 -2.23
N SER A 37 -3.13 -55.62 -3.55
CA SER A 37 -4.44 -55.54 -4.19
C SER A 37 -5.44 -56.61 -3.70
N PHE A 38 -4.97 -57.86 -3.59
CA PHE A 38 -5.80 -58.99 -3.12
C PHE A 38 -6.30 -58.82 -1.65
N ALA A 39 -5.50 -58.18 -0.80
CA ALA A 39 -5.85 -57.99 0.62
C ALA A 39 -6.97 -56.95 0.81
N SER A 40 -7.09 -56.05 -0.16
CA SER A 40 -8.11 -55.01 -0.16
C SER A 40 -8.53 -54.76 -1.62
N PRO A 41 -9.47 -55.57 -2.12
CA PRO A 41 -9.77 -55.49 -3.56
C PRO A 41 -10.41 -54.15 -3.96
N ASN A 42 -11.17 -53.55 -3.05
CA ASN A 42 -11.84 -52.28 -3.31
C ASN A 42 -11.12 -51.08 -2.73
N GLY A 43 -9.95 -51.29 -2.12
CA GLY A 43 -9.26 -50.25 -1.34
C GLY A 43 -9.95 -50.07 0.01
N LEU A 44 -9.32 -49.37 0.93
CA LEU A 44 -9.93 -49.28 2.26
C LEU A 44 -11.21 -48.43 2.30
N HIS A 45 -12.15 -48.87 3.15
CA HIS A 45 -13.45 -48.23 3.30
C HIS A 45 -13.40 -47.25 4.45
N MET A 46 -13.85 -46.03 4.20
CA MET A 46 -13.96 -45.00 5.24
C MET A 46 -15.39 -44.96 5.76
N ARG A 47 -15.56 -44.85 7.08
CA ARG A 47 -16.90 -44.75 7.67
C ARG A 47 -17.65 -43.65 6.96
N GLU A 48 -18.86 -43.98 6.52
CA GLU A 48 -19.72 -42.99 5.91
C GLU A 48 -20.64 -42.40 6.97
N GLN A 49 -21.14 -41.19 6.68
CA GLN A 49 -22.17 -40.55 7.50
C GLN A 49 -21.74 -40.27 8.94
N THR A 50 -20.46 -39.98 9.17
CA THR A 50 -20.00 -39.64 10.53
C THR A 50 -20.31 -38.18 10.84
N ILE A 51 -20.49 -37.41 9.76
CA ILE A 51 -20.95 -36.01 9.81
C ILE A 51 -22.29 -35.90 9.08
N ASP A 52 -23.09 -34.90 9.47
CA ASP A 52 -24.31 -34.53 8.75
C ASP A 52 -23.94 -33.75 7.47
N SER A 53 -24.91 -33.49 6.61
CA SER A 53 -24.70 -32.61 5.46
C SER A 53 -25.75 -31.51 5.39
N ASN A 54 -26.34 -31.22 6.55
CA ASN A 54 -27.28 -30.12 6.70
C ASN A 54 -26.79 -29.18 7.81
N THR A 55 -25.68 -29.58 8.43
CA THR A 55 -25.08 -28.85 9.54
C THR A 55 -23.56 -28.99 9.59
N GLY A 56 -23.04 -30.10 9.08
CA GLY A 56 -21.59 -30.39 9.18
C GLY A 56 -21.17 -30.97 10.52
N GLN A 57 -22.10 -30.99 11.48
CA GLN A 57 -21.82 -31.46 12.84
C GLN A 57 -21.63 -32.98 12.91
N ILE A 58 -20.87 -33.41 13.91
CA ILE A 58 -20.69 -34.83 14.17
C ILE A 58 -22.05 -35.50 14.48
N GLN A 59 -22.31 -36.61 13.81
CA GLN A 59 -23.55 -37.37 14.00
C GLN A 59 -23.48 -38.20 15.27
N ILE A 60 -24.38 -37.91 16.20
CA ILE A 60 -24.41 -38.61 17.47
C ILE A 60 -25.65 -39.50 17.54
N ASP A 61 -25.46 -40.76 17.15
CA ASP A 61 -26.48 -41.80 17.25
C ASP A 61 -25.84 -43.17 17.43
N ASN A 62 -26.67 -44.17 17.74
CA ASN A 62 -26.23 -45.55 17.97
C ASN A 62 -25.29 -46.10 16.90
N GLU A 63 -25.65 -45.84 15.63
CA GLU A 63 -24.91 -46.33 14.46
C GLU A 63 -23.46 -45.87 14.38
N HIS A 64 -23.14 -44.75 15.03
CA HIS A 64 -21.79 -44.19 14.93
C HIS A 64 -21.10 -44.15 16.27
N ARG A 65 -21.77 -44.70 17.29
CA ARG A 65 -21.20 -44.73 18.61
C ARG A 65 -20.01 -45.70 18.64
N LEU A 66 -18.88 -45.17 19.10
CA LEU A 66 -17.68 -45.97 19.24
C LEU A 66 -17.22 -46.07 20.68
N LEU A 67 -16.48 -47.14 20.95
CA LEU A 67 -15.95 -47.42 22.27
C LEU A 67 -14.47 -47.72 22.19
N ARG A 68 -13.71 -47.27 23.19
CA ARG A 68 -12.32 -47.70 23.32
C ARG A 68 -11.98 -48.16 24.74
N TRP A 69 -11.57 -49.40 24.86
CA TRP A 69 -11.01 -49.91 26.11
C TRP A 69 -9.58 -49.41 26.29
N ASP A 70 -9.31 -48.78 27.43
CA ASP A 70 -8.00 -48.20 27.71
C ASP A 70 -7.72 -48.19 29.22
N ARG A 71 -6.48 -48.49 29.59
CA ARG A 71 -6.08 -48.56 31.00
C ARG A 71 -5.72 -47.18 31.56
N ARG A 72 -5.57 -46.21 30.67
CA ARG A 72 -5.28 -44.83 31.07
C ARG A 72 -6.56 -44.10 31.52
N PRO A 73 -6.48 -43.38 32.65
CA PRO A 73 -7.59 -42.68 33.28
C PRO A 73 -7.98 -41.34 32.60
N PRO A 74 -9.12 -40.75 33.03
CA PRO A 74 -9.62 -39.49 32.49
C PRO A 74 -8.64 -38.32 32.65
N ASN A 75 -7.98 -38.23 33.81
CA ASN A 75 -7.02 -37.15 34.03
C ASN A 75 -5.96 -37.09 32.95
N ASP A 76 -5.77 -38.22 32.25
CA ASP A 76 -4.90 -38.31 31.08
C ASP A 76 -5.73 -38.20 29.79
N ILE A 77 -6.68 -39.11 29.59
CA ILE A 77 -7.39 -39.18 28.31
C ILE A 77 -8.27 -37.97 27.98
N PHE A 78 -9.03 -37.45 28.96
CA PHE A 78 -9.87 -36.29 28.73
C PHE A 78 -9.03 -35.01 28.52
N LEU A 79 -7.80 -35.03 29.02
CA LEU A 79 -6.88 -33.91 28.87
C LEU A 79 -6.19 -33.98 27.52
N ASN A 80 -5.72 -35.16 27.14
CA ASN A 80 -4.85 -35.28 25.98
C ASN A 80 -5.54 -35.88 24.75
N GLY A 81 -6.69 -36.53 24.94
CA GLY A 81 -7.29 -37.31 23.87
C GLY A 81 -6.52 -38.62 23.68
N PHE A 82 -6.71 -39.25 22.53
CA PHE A 82 -5.98 -40.47 22.23
C PHE A 82 -4.87 -40.16 21.24
N ILE A 83 -3.67 -39.96 21.77
CA ILE A 83 -2.49 -39.69 20.97
C ILE A 83 -1.83 -41.01 20.55
N PRO A 84 -1.54 -41.20 19.25
CA PRO A 84 -0.93 -42.44 18.78
C PRO A 84 0.47 -42.66 19.32
N ARG A 85 0.95 -43.89 19.20
CA ARG A 85 2.29 -44.23 19.66
C ARG A 85 3.39 -43.58 18.83
N VAL A 86 3.08 -43.26 17.57
CA VAL A 86 4.01 -42.50 16.72
C VAL A 86 3.44 -41.11 16.49
N THR A 87 4.26 -40.08 16.71
CA THR A 87 3.79 -38.69 16.61
C THR A 87 4.74 -37.85 15.74
N ASN A 88 5.71 -38.54 15.15
CA ASN A 88 6.75 -37.97 14.28
C ASN A 88 6.18 -37.32 13.00
N GLN A 89 6.59 -36.09 12.69
CA GLN A 89 6.08 -35.40 11.49
C GLN A 89 6.69 -35.89 10.18
N ASN A 90 7.88 -36.48 10.29
CA ASN A 90 8.54 -37.11 9.15
C ASN A 90 8.06 -38.55 8.97
N LEU A 91 6.87 -38.73 8.40
CA LEU A 91 6.23 -40.06 8.31
C LEU A 91 6.86 -41.00 7.30
N SER A 92 6.97 -42.27 7.66
CA SER A 92 7.52 -43.29 6.78
C SER A 92 6.49 -44.40 6.54
N PRO A 93 6.44 -44.91 5.28
CA PRO A 93 5.50 -45.98 4.95
C PRO A 93 5.94 -47.37 5.43
N VAL A 94 7.21 -47.53 5.82
CA VAL A 94 7.75 -48.81 6.31
C VAL A 94 7.06 -49.36 7.59
N GLU A 95 6.94 -48.53 8.63
CA GLU A 95 6.29 -48.91 9.90
C GLU A 95 5.24 -47.93 10.36
N ASP A 96 5.61 -46.66 10.52
CA ASP A 96 4.73 -45.59 11.06
C ASP A 96 3.31 -45.65 10.53
N THR A 97 3.14 -45.94 9.25
CA THR A 97 1.80 -45.94 8.64
C THR A 97 1.40 -47.32 8.12
N HIS A 98 2.08 -48.35 8.62
CA HIS A 98 1.92 -49.71 8.12
C HIS A 98 0.74 -50.37 8.85
N LEU A 99 -0.45 -50.19 8.28
CA LEU A 99 -1.72 -50.58 8.90
C LEU A 99 -1.81 -52.06 9.22
N LEU A 100 -1.47 -52.90 8.24
CA LEU A 100 -1.61 -54.34 8.36
C LEU A 100 -0.65 -54.90 9.40
N ASN A 101 0.52 -54.29 9.53
CA ASN A 101 1.48 -54.71 10.55
C ASN A 101 0.93 -54.39 11.95
N TYR A 102 0.37 -53.19 12.06
CA TYR A 102 -0.33 -52.72 13.25
C TYR A 102 -1.44 -53.70 13.65
N LEU A 103 -2.28 -54.06 12.68
CA LEU A 103 -3.39 -54.97 12.89
C LEU A 103 -2.97 -56.38 13.27
N ARG A 104 -1.84 -56.84 12.73
CA ARG A 104 -1.34 -58.19 12.96
C ARG A 104 -0.38 -58.33 14.16
N THR A 105 0.34 -57.25 14.48
CA THR A 105 1.45 -57.31 15.43
C THR A 105 1.29 -56.32 16.60
N ASN A 106 0.36 -55.38 16.43
CA ASN A 106 0.23 -54.22 17.34
C ASN A 106 1.50 -53.37 17.42
N SER A 107 2.16 -53.24 16.29
CA SER A 107 3.38 -52.46 16.15
C SER A 107 3.08 -50.96 16.30
N PRO A 108 4.07 -50.17 16.77
CA PRO A 108 3.85 -48.73 16.94
C PRO A 108 3.52 -48.08 15.61
N SER A 109 2.48 -47.27 15.59
CA SER A 109 2.03 -46.58 14.39
C SER A 109 1.27 -45.31 14.75
N ILE A 110 0.71 -44.67 13.72
CA ILE A 110 -0.07 -43.45 13.92
C ILE A 110 -1.53 -43.79 14.19
N PHE A 111 -1.82 -45.09 14.31
CA PHE A 111 -3.18 -45.55 14.42
C PHE A 111 -3.67 -45.72 15.85
N VAL A 112 -4.93 -45.40 16.04
CA VAL A 112 -5.59 -45.60 17.32
C VAL A 112 -6.89 -46.31 16.98
N SER A 113 -7.11 -47.47 17.59
CA SER A 113 -8.35 -48.21 17.32
C SER A 113 -9.48 -48.01 18.33
N THR A 114 -10.70 -48.20 17.84
CA THR A 114 -11.93 -48.16 18.62
C THR A 114 -12.77 -49.33 18.15
N THR A 115 -13.81 -49.69 18.91
CA THR A 115 -14.78 -50.72 18.49
C THR A 115 -16.22 -50.20 18.52
N ARG A 116 -17.00 -50.55 17.49
CA ARG A 116 -18.39 -50.11 17.37
C ARG A 116 -19.17 -50.50 18.61
N ALA A 117 -20.11 -49.66 19.00
CA ALA A 117 -21.10 -50.08 19.99
C ALA A 117 -22.10 -51.00 19.30
N ARG A 118 -22.63 -51.98 20.03
CA ARG A 118 -23.50 -53.04 19.47
C ARG A 118 -24.91 -52.96 20.02
N TYR A 119 -25.89 -53.16 19.14
CA TYR A 119 -27.31 -53.02 19.48
C TYR A 119 -28.12 -54.13 18.83
N ASN A 120 -29.23 -54.50 19.48
CA ASN A 120 -30.15 -55.43 18.85
C ASN A 120 -31.14 -54.67 17.97
N ASN A 121 -31.96 -55.40 17.23
CA ASN A 121 -32.88 -54.83 16.24
C ASN A 121 -34.00 -53.97 16.84
N LEU A 122 -33.96 -53.80 18.17
CA LEU A 122 -34.91 -52.94 18.87
C LEU A 122 -34.15 -51.71 19.41
N GLY A 123 -32.84 -51.70 19.19
CA GLY A 123 -32.00 -50.56 19.53
C GLY A 123 -31.46 -50.53 20.95
N LEU A 124 -31.56 -51.66 21.65
CA LEU A 124 -31.03 -51.79 23.01
C LEU A 124 -29.58 -52.28 22.97
N GLU A 125 -28.72 -51.67 23.78
CA GLU A 125 -27.28 -51.93 23.75
C GLU A 125 -26.89 -53.35 24.18
N ILE A 126 -26.00 -53.93 23.38
CA ILE A 126 -25.50 -55.29 23.56
C ILE A 126 -24.08 -55.26 24.11
N THR A 127 -23.66 -56.37 24.73
CA THR A 127 -22.27 -56.59 25.12
C THR A 127 -21.33 -56.43 23.92
N PRO A 128 -20.44 -55.41 23.95
CA PRO A 128 -19.53 -55.11 22.84
C PRO A 128 -18.28 -56.01 22.83
N TRP A 129 -17.38 -55.74 21.87
CA TRP A 129 -16.06 -56.37 21.85
C TRP A 129 -15.35 -56.05 23.17
N THR A 130 -14.88 -57.07 23.87
CA THR A 130 -14.42 -56.93 25.26
C THR A 130 -13.06 -57.58 25.47
N PRO A 131 -12.07 -56.80 25.97
CA PRO A 131 -10.73 -57.31 26.28
C PRO A 131 -10.77 -58.43 27.33
N HIS A 132 -9.91 -59.43 27.15
CA HIS A 132 -9.86 -60.59 28.05
C HIS A 132 -9.52 -60.21 29.48
N SER A 133 -8.83 -59.09 29.64
CA SER A 133 -8.38 -58.62 30.95
C SER A 133 -9.39 -57.68 31.65
N ALA A 134 -10.53 -57.44 30.99
CA ALA A 134 -11.51 -56.43 31.40
C ALA A 134 -12.08 -56.58 32.82
N ASN A 135 -12.05 -57.81 33.35
CA ASN A 135 -12.54 -58.05 34.70
C ASN A 135 -11.42 -58.07 35.74
N ASN A 136 -10.21 -57.79 35.28
CA ASN A 136 -9.06 -57.70 36.16
C ASN A 136 -8.59 -56.27 36.31
N ASN A 137 -8.46 -55.83 37.56
CA ASN A 137 -7.96 -54.51 37.92
C ASN A 137 -8.68 -53.33 37.24
N ILE A 138 -7.96 -52.23 37.06
CA ILE A 138 -8.55 -50.98 36.61
C ILE A 138 -8.45 -50.80 35.08
N ILE A 139 -9.60 -50.83 34.42
CA ILE A 139 -9.69 -50.50 33.00
C ILE A 139 -10.84 -49.51 32.77
N TYR A 140 -10.81 -48.82 31.64
CA TYR A 140 -11.82 -47.81 31.32
C TYR A 140 -12.49 -48.08 29.98
N ARG A 141 -13.75 -47.69 29.87
CA ARG A 141 -14.50 -47.89 28.62
C ARG A 141 -14.99 -46.55 28.06
N TYR A 142 -14.19 -45.97 27.16
CA TYR A 142 -14.43 -44.63 26.60
C TYR A 142 -15.49 -44.59 25.50
N GLU A 143 -16.38 -43.60 25.58
CA GLU A 143 -17.42 -43.41 24.59
C GLU A 143 -17.00 -42.30 23.64
N ILE A 144 -17.07 -42.58 22.34
CA ILE A 144 -16.51 -41.70 21.31
C ILE A 144 -17.51 -41.41 20.19
N PHE A 145 -17.61 -40.14 19.79
CA PHE A 145 -18.28 -39.75 18.56
C PHE A 145 -17.35 -38.84 17.76
N ALA A 146 -16.75 -39.38 16.71
CA ALA A 146 -15.71 -38.67 15.98
C ALA A 146 -15.97 -38.67 14.49
N PRO A 147 -15.49 -37.63 13.79
CA PRO A 147 -15.54 -37.64 12.33
C PRO A 147 -14.60 -38.70 11.78
N GLY A 148 -14.96 -39.26 10.62
CA GLY A 148 -14.10 -40.20 9.89
C GLY A 148 -13.78 -41.50 10.58
N GLY A 149 -12.55 -41.97 10.36
CA GLY A 149 -12.12 -43.30 10.79
C GLY A 149 -12.21 -44.31 9.64
N ILE A 150 -11.36 -45.33 9.69
CA ILE A 150 -11.33 -46.39 8.69
C ILE A 150 -12.08 -47.63 9.18
N ASP A 151 -13.00 -48.13 8.35
CA ASP A 151 -13.74 -49.35 8.67
C ASP A 151 -12.91 -50.57 8.26
N ILE A 152 -12.25 -51.15 9.24
CA ILE A 152 -11.34 -52.29 9.03
C ILE A 152 -11.99 -53.51 8.38
N ASN A 153 -13.12 -53.95 8.92
CA ASN A 153 -13.83 -55.11 8.37
C ASN A 153 -14.19 -54.94 6.91
N ALA A 154 -14.69 -53.76 6.56
CA ALA A 154 -15.01 -53.41 5.17
C ALA A 154 -13.76 -53.25 4.28
N SER A 155 -12.60 -53.13 4.91
CA SER A 155 -11.34 -52.89 4.20
C SER A 155 -10.58 -54.18 3.84
N PHE A 156 -10.65 -55.20 4.68
CA PHE A 156 -9.71 -56.33 4.62
C PHE A 156 -10.32 -57.73 4.70
N SER A 157 -9.59 -58.68 4.12
CA SER A 157 -9.83 -60.13 4.26
C SER A 157 -8.60 -60.84 4.87
N ARG A 158 -8.38 -60.62 6.17
CA ARG A 158 -7.47 -61.44 6.98
C ARG A 158 -8.22 -61.92 8.24
N ASN A 159 -8.31 -63.24 8.42
CA ASN A 159 -9.09 -63.81 9.52
C ASN A 159 -8.45 -63.56 10.89
N PRO A 164 -9.54 -61.24 14.63
CA PRO A 164 -10.14 -60.21 13.80
C PRO A 164 -11.37 -59.60 14.48
N ASN A 165 -11.27 -58.32 14.79
CA ASN A 165 -12.37 -57.61 15.43
C ASN A 165 -13.22 -56.92 14.36
N GLU A 166 -14.31 -57.57 13.98
CA GLU A 166 -15.15 -57.08 12.88
C GLU A 166 -15.77 -55.71 13.15
N ASP A 167 -15.68 -55.25 14.41
CA ASP A 167 -16.20 -53.95 14.79
C ASP A 167 -15.10 -52.91 15.00
N GLU A 168 -13.87 -53.23 14.58
CA GLU A 168 -12.76 -52.28 14.76
C GLU A 168 -12.84 -51.11 13.79
N ILE A 169 -12.79 -49.90 14.33
CA ILE A 169 -12.70 -48.68 13.54
C ILE A 169 -11.41 -47.98 13.97
N THR A 170 -10.56 -47.65 13.00
CA THR A 170 -9.21 -47.17 13.25
C THR A 170 -9.01 -45.72 12.83
N PHE A 171 -8.35 -44.94 13.68
CA PHE A 171 -8.17 -43.51 13.42
C PHE A 171 -6.70 -43.13 13.20
N PRO A 172 -6.34 -42.75 11.95
CA PRO A 172 -4.97 -42.32 11.71
C PRO A 172 -4.74 -40.96 12.33
N GLY A 173 -3.71 -40.86 13.18
CA GLY A 173 -3.42 -39.62 13.88
C GLY A 173 -4.22 -39.46 15.17
N GLY A 174 -4.96 -40.53 15.55
CA GLY A 174 -5.68 -40.56 16.81
C GLY A 174 -6.96 -39.75 16.86
N ILE A 175 -7.41 -39.47 18.08
CA ILE A 175 -8.70 -38.81 18.30
C ILE A 175 -8.55 -37.70 19.34
N ARG A 176 -8.93 -36.48 18.97
CA ARG A 176 -8.89 -35.34 19.92
C ARG A 176 -9.90 -35.53 21.06
N PRO A 177 -9.65 -34.92 22.25
CA PRO A 177 -10.49 -35.19 23.43
C PRO A 177 -11.94 -34.70 23.34
N GLU A 178 -12.20 -33.71 22.50
CA GLU A 178 -13.55 -33.20 22.34
C GLU A 178 -14.50 -34.19 21.66
N PHE A 179 -13.96 -35.32 21.20
CA PHE A 179 -14.77 -36.37 20.58
C PHE A 179 -15.03 -37.52 21.55
N ILE A 180 -14.52 -37.36 22.77
CA ILE A 180 -14.73 -38.34 23.83
C ILE A 180 -15.78 -37.80 24.80
N ARG A 181 -16.99 -38.37 24.77
CA ARG A 181 -18.07 -37.83 25.58
C ARG A 181 -18.05 -38.33 27.02
N SER A 182 -17.69 -39.59 27.22
CA SER A 182 -17.77 -40.21 28.55
C SER A 182 -16.92 -41.46 28.66
N THR A 183 -16.81 -41.98 29.88
CA THR A 183 -16.11 -43.23 30.12
C THR A 183 -16.61 -43.96 31.38
N TYR A 184 -16.55 -45.29 31.36
CA TYR A 184 -16.87 -46.09 32.54
C TYR A 184 -15.58 -46.46 33.26
N GLU A 185 -15.58 -46.31 34.58
CA GLU A 185 -14.45 -46.75 35.37
C GLU A 185 -14.76 -48.10 35.99
N TYR A 186 -13.92 -49.08 35.66
CA TYR A 186 -14.08 -50.44 36.15
C TYR A 186 -12.99 -50.78 37.17
N HIS A 187 -13.44 -51.24 38.33
CA HIS A 187 -12.55 -51.82 39.32
C HIS A 187 -12.95 -53.29 39.43
N ASN A 188 -12.04 -54.16 39.01
CA ASN A 188 -12.25 -55.61 39.01
C ASN A 188 -13.60 -56.08 38.44
N GLY A 189 -13.93 -55.62 37.23
CA GLY A 189 -15.13 -56.07 36.53
C GLY A 189 -16.39 -55.24 36.73
N GLU A 190 -16.54 -54.65 37.92
CA GLU A 190 -17.72 -53.86 38.30
C GLU A 190 -17.52 -52.41 37.90
N ILE A 191 -18.60 -51.73 37.49
CA ILE A 191 -18.52 -50.31 37.16
C ILE A 191 -18.67 -49.48 38.43
N VAL A 192 -17.72 -48.59 38.69
CA VAL A 192 -17.75 -47.75 39.89
C VAL A 192 -18.16 -46.29 39.65
N ARG A 193 -17.99 -45.82 38.42
CA ARG A 193 -18.18 -44.41 38.08
C ARG A 193 -18.43 -44.22 36.58
N ILE A 194 -19.23 -43.23 36.23
CA ILE A 194 -19.40 -42.81 34.86
C ILE A 194 -18.91 -41.37 34.75
N TRP A 195 -17.83 -41.18 34.01
CA TRP A 195 -17.22 -39.88 33.85
C TRP A 195 -17.80 -39.21 32.64
N ILE A 196 -18.11 -37.93 32.75
CA ILE A 196 -18.63 -37.16 31.62
C ILE A 196 -17.69 -35.99 31.37
N ASN A 197 -17.39 -35.76 30.08
CA ASN A 197 -16.43 -34.76 29.62
C ASN A 197 -17.11 -33.48 29.14
N PRO A 198 -17.05 -32.41 29.96
CA PRO A 198 -17.66 -31.13 29.59
C PRO A 198 -17.24 -30.62 28.21
N ASN A 199 -16.03 -30.96 27.79
CA ASN A 199 -15.44 -30.45 26.58
C ASN A 199 -15.84 -31.23 25.31
N PHE A 200 -16.74 -32.20 25.47
CA PHE A 200 -17.27 -32.95 24.34
C PHE A 200 -17.88 -32.00 23.32
N ILE A 201 -17.70 -32.33 22.04
CA ILE A 201 -18.05 -31.43 20.94
C ILE A 201 -19.49 -30.90 20.96
N ASN A 202 -20.43 -31.68 21.49
CA ASN A 202 -21.82 -31.23 21.67
C ASN A 202 -22.20 -31.23 23.15
N PRO A 203 -21.93 -30.11 23.85
CA PRO A 203 -22.17 -30.00 25.28
C PRO A 203 -23.65 -29.98 25.68
N SER A 204 -24.56 -30.12 24.72
CA SER A 204 -25.98 -30.22 25.05
C SER A 204 -26.52 -31.67 25.01
N THR A 205 -25.64 -32.64 24.73
CA THR A 205 -26.02 -34.05 24.72
C THR A 205 -25.40 -34.81 25.90
N LEU A 206 -24.83 -34.07 26.84
CA LEU A 206 -24.12 -34.68 27.96
C LEU A 206 -25.07 -35.42 28.90
N ASN A 207 -26.34 -35.07 28.87
CA ASN A 207 -27.31 -35.74 29.70
C ASN A 207 -27.99 -36.92 29.02
N ASP A 208 -27.55 -37.24 27.80
CA ASP A 208 -28.01 -38.43 27.10
C ASP A 208 -27.10 -39.62 27.40
N VAL A 209 -26.03 -39.38 28.15
CA VAL A 209 -25.16 -40.46 28.60
C VAL A 209 -25.95 -41.30 29.59
N SER A 210 -25.92 -42.62 29.35
CA SER A 210 -26.62 -43.58 30.18
C SER A 210 -25.68 -44.66 30.68
N GLY A 211 -26.13 -45.37 31.72
CA GLY A 211 -25.39 -46.47 32.30
C GLY A 211 -26.25 -47.12 33.35
N PRO A 212 -25.65 -47.99 34.18
CA PRO A 212 -26.47 -48.65 35.19
C PRO A 212 -26.91 -47.69 36.28
N SER A 213 -28.10 -47.97 36.83
CA SER A 213 -28.67 -47.27 37.97
C SER A 213 -27.73 -47.32 39.18
N ASN A 214 -27.89 -46.34 40.08
CA ASN A 214 -27.19 -46.33 41.37
C ASN A 214 -25.66 -46.37 41.19
N ILE A 215 -25.21 -45.84 40.06
CA ILE A 215 -23.79 -45.55 39.84
C ILE A 215 -23.68 -44.08 39.47
N SER A 216 -22.86 -43.37 40.24
CA SER A 216 -22.77 -41.93 40.14
C SER A 216 -22.08 -41.47 38.84
N LYS A 217 -22.60 -40.38 38.28
CA LYS A 217 -22.03 -39.74 37.11
C LYS A 217 -21.30 -38.50 37.60
N VAL A 218 -20.08 -38.28 37.11
CA VAL A 218 -19.36 -37.06 37.47
C VAL A 218 -18.75 -36.32 36.30
N PHE A 219 -18.95 -35.01 36.30
CA PHE A 219 -18.38 -34.10 35.32
C PHE A 219 -16.89 -33.90 35.64
N TRP A 220 -16.05 -34.34 34.72
CA TRP A 220 -14.61 -34.28 34.86
C TRP A 220 -14.04 -32.87 34.74
N HIS A 221 -13.00 -32.59 35.52
CA HIS A 221 -12.15 -31.43 35.30
C HIS A 221 -10.70 -31.88 35.44
N GLU A 222 -9.75 -31.06 34.96
CA GLU A 222 -8.34 -31.45 35.01
C GLU A 222 -7.85 -31.64 36.45
N ASN A 223 -6.99 -32.64 36.64
CA ASN A 223 -6.48 -33.02 37.97
C ASN A 223 -7.58 -33.34 38.99
N HIS A 224 -8.68 -33.95 38.51
CA HIS A 224 -9.74 -34.43 39.38
C HIS A 224 -9.16 -35.39 40.42
N SER A 225 -9.46 -35.15 41.69
CA SER A 225 -8.86 -35.90 42.78
C SER A 225 -9.02 -37.41 42.66
N GLU A 226 -10.16 -37.87 42.15
CA GLU A 226 -10.38 -39.31 41.91
C GLU A 226 -10.28 -39.68 40.43
N GLY A 227 -9.48 -38.92 39.68
CA GLY A 227 -9.48 -39.00 38.21
C GLY A 227 -8.27 -39.62 37.52
N ASN A 228 -7.28 -40.07 38.29
CA ASN A 228 -6.25 -40.90 37.70
C ASN A 228 -5.95 -42.18 38.48
N ASN A 229 -7.02 -42.95 38.66
CA ASN A 229 -6.95 -44.30 39.21
C ASN A 229 -6.43 -45.24 38.14
N MET A 230 -5.25 -45.79 38.38
CA MET A 230 -4.62 -46.72 37.43
C MET A 230 -3.73 -47.79 38.06
N ASP A 231 -3.41 -48.82 37.27
CA ASP A 231 -2.53 -49.92 37.66
C ASP A 231 -1.08 -49.47 37.84
N SER A 232 -0.29 -50.30 38.53
CA SER A 232 1.14 -50.07 38.65
C SER A 232 1.88 -50.66 37.46
N ASN A 242 1.98 -52.33 26.03
CA ASN A 242 1.75 -50.96 25.57
C ASN A 242 0.29 -50.51 25.73
N GLN A 243 0.04 -49.22 25.48
CA GLN A 243 -1.30 -48.60 25.63
C GLN A 243 -2.41 -49.24 24.80
N ASP A 244 -2.07 -49.82 23.65
CA ASP A 244 -3.05 -50.48 22.76
C ASP A 244 -3.24 -51.97 23.05
N PHE A 245 -2.69 -52.46 24.16
CA PHE A 245 -2.77 -53.89 24.48
C PHE A 245 -4.20 -54.41 24.45
N ASP A 246 -5.13 -53.66 25.05
CA ASP A 246 -6.50 -54.15 25.23
C ASP A 246 -7.46 -53.85 24.08
N MET A 247 -6.98 -53.19 23.03
CA MET A 247 -7.75 -52.98 21.81
C MET A 247 -7.31 -53.90 20.66
N PHE A 248 -6.19 -54.60 20.88
CA PHE A 248 -5.64 -55.57 19.93
C PHE A 248 -6.57 -56.78 19.79
N ALA A 249 -7.09 -57.00 18.59
CA ALA A 249 -8.10 -58.04 18.30
C ALA A 249 -7.92 -59.39 19.03
N PRO A 250 -6.70 -59.98 18.98
CA PRO A 250 -6.47 -61.22 19.74
C PRO A 250 -6.52 -61.08 21.27
N ASN A 251 -6.58 -59.86 21.79
CA ASN A 251 -6.63 -59.63 23.24
C ASN A 251 -8.05 -59.36 23.79
N GLY A 252 -9.04 -59.68 22.95
CA GLY A 252 -10.45 -59.59 23.33
C GLY A 252 -11.34 -60.27 22.32
N GLU A 253 -12.65 -60.26 22.59
CA GLU A 253 -13.66 -60.80 21.68
C GLU A 253 -15.06 -60.39 22.15
N ILE A 254 -16.06 -60.72 21.35
CA ILE A 254 -17.46 -60.56 21.75
C ILE A 254 -17.85 -61.82 22.53
N PRO A 255 -18.09 -61.68 23.85
CA PRO A 255 -18.45 -62.84 24.69
C PRO A 255 -19.86 -63.37 24.40
N ASN A 256 -20.80 -62.47 24.11
CA ASN A 256 -22.20 -62.83 23.89
C ASN A 256 -23.07 -61.64 23.45
N ASN A 257 -24.37 -61.86 23.32
CA ASN A 257 -25.29 -60.83 22.84
C ASN A 257 -26.24 -60.37 23.94
N ASN A 258 -25.72 -60.27 25.16
CA ASN A 258 -26.54 -59.86 26.30
C ASN A 258 -26.85 -58.37 26.31
N LEU A 259 -28.00 -58.05 26.89
CA LEU A 259 -28.41 -56.67 27.12
C LEU A 259 -27.56 -56.10 28.24
N LEU A 260 -27.09 -54.86 28.04
CA LEU A 260 -26.35 -54.17 29.07
C LEU A 260 -27.30 -53.36 29.92
N ASN A 261 -26.96 -53.24 31.19
CA ASN A 261 -27.72 -52.46 32.15
C ASN A 261 -27.53 -50.96 31.88
N ASN A 262 -28.59 -50.29 31.42
CA ASN A 262 -28.51 -48.91 30.94
C ASN A 262 -29.75 -48.06 31.26
N ASN A 263 -29.87 -46.93 30.56
CA ASN A 263 -31.04 -46.04 30.57
C ASN A 263 -31.66 -45.90 31.97
N SER A 264 -30.84 -45.47 32.92
CA SER A 264 -31.25 -45.58 34.33
C SER A 264 -31.40 -44.26 35.07
N LEU A 265 -31.35 -43.17 34.30
CA LEU A 265 -31.59 -41.86 34.88
C LEU A 265 -32.58 -41.10 34.00
N ASN A 266 -32.07 -40.58 32.88
CA ASN A 266 -32.76 -39.57 32.06
C ASN A 266 -33.12 -38.34 32.90
N VAL A 267 -32.13 -37.90 33.67
CA VAL A 267 -32.26 -36.72 34.49
C VAL A 267 -31.21 -35.73 34.04
N ILE A 268 -31.32 -34.49 34.52
CA ILE A 268 -30.26 -33.52 34.35
C ILE A 268 -29.32 -33.69 35.54
N GLN A 269 -28.06 -34.05 35.26
CA GLN A 269 -27.05 -34.19 36.32
C GLN A 269 -26.79 -32.85 36.97
N ASN A 270 -26.59 -32.84 38.30
CA ASN A 270 -26.30 -31.61 39.05
C ASN A 270 -25.03 -30.94 38.57
N SER A 271 -25.15 -29.77 37.93
CA SER A 271 -23.98 -29.00 37.52
C SER A 271 -24.33 -27.59 37.04
N GLU A 272 -23.32 -26.90 36.52
CA GLU A 272 -23.51 -25.58 35.96
C GLU A 272 -23.90 -25.68 34.49
N TYR A 273 -24.98 -25.01 34.13
CA TYR A 273 -25.51 -25.02 32.78
C TYR A 273 -25.87 -23.61 32.34
N GLN A 274 -26.02 -23.45 31.03
CA GLN A 274 -26.76 -22.31 30.47
C GLN A 274 -28.05 -22.82 29.85
N ILE A 275 -29.09 -22.01 29.93
CA ILE A 275 -30.39 -22.35 29.35
C ILE A 275 -30.67 -21.45 28.15
N LYS A 276 -30.72 -22.05 26.97
CA LYS A 276 -30.83 -21.31 25.70
C LYS A 276 -32.17 -21.57 25.04
N ASN A 277 -32.81 -20.52 24.54
CA ASN A 277 -34.09 -20.67 23.87
C ASN A 277 -33.94 -21.28 22.48
N LYS A 278 -34.93 -22.07 22.07
CA LYS A 278 -34.91 -22.69 20.74
C LYS A 278 -35.13 -21.68 19.62
N LYS A 279 -36.03 -20.72 19.86
CA LYS A 279 -36.35 -19.69 18.86
C LYS A 279 -35.16 -18.79 18.52
N ASP A 280 -34.25 -18.58 19.49
CA ASP A 280 -33.00 -17.87 19.26
C ASP A 280 -31.92 -18.34 20.24
N ARG A 281 -31.01 -19.16 19.74
CA ARG A 281 -29.95 -19.76 20.57
C ARG A 281 -28.91 -18.78 21.09
N ASN A 282 -28.91 -17.56 20.57
CA ASN A 282 -28.01 -16.53 21.04
C ASN A 282 -28.45 -15.92 22.38
N ILE A 283 -29.70 -16.19 22.77
CA ILE A 283 -30.28 -15.62 24.00
C ILE A 283 -30.42 -16.67 25.12
N VAL A 284 -30.13 -16.26 26.35
CA VAL A 284 -30.13 -17.19 27.47
C VAL A 284 -30.96 -16.67 28.63
N VAL A 285 -31.40 -17.58 29.48
CA VAL A 285 -32.08 -17.27 30.73
C VAL A 285 -31.09 -16.54 31.65
N THR A 286 -31.44 -15.33 32.05
CA THR A 286 -30.52 -14.51 32.82
C THR A 286 -31.20 -13.76 33.95
N LEU A 287 -30.59 -13.79 35.12
CA LEU A 287 -31.12 -13.05 36.27
C LEU A 287 -30.65 -11.61 36.23
N ASP A 288 -31.62 -10.69 36.17
CA ASP A 288 -31.34 -9.27 35.92
C ASP A 288 -30.40 -8.63 36.93
N SER A 289 -30.68 -8.81 38.22
CA SER A 289 -29.90 -8.23 39.30
C SER A 289 -29.65 -9.24 40.42
N ASP A 290 -29.19 -8.76 41.58
CA ASP A 290 -28.84 -9.66 42.69
C ASP A 290 -29.70 -9.47 43.95
N TYR A 291 -30.94 -9.01 43.77
CA TYR A 291 -31.87 -8.82 44.90
C TYR A 291 -33.14 -9.66 44.76
N GLY A 292 -33.81 -9.88 45.90
CA GLY A 292 -35.05 -10.63 45.93
C GLY A 292 -36.10 -10.06 44.98
N GLY A 293 -36.74 -10.95 44.23
CA GLY A 293 -37.80 -10.54 43.32
C GLY A 293 -37.33 -9.93 42.01
N SER A 294 -36.03 -10.01 41.73
CA SER A 294 -35.48 -9.56 40.46
C SER A 294 -36.05 -10.42 39.33
N PRO A 295 -36.55 -9.78 38.26
CA PRO A 295 -37.11 -10.53 37.16
C PRO A 295 -36.06 -11.39 36.45
N VAL A 296 -36.52 -12.50 35.87
CA VAL A 296 -35.67 -13.35 35.05
C VAL A 296 -36.03 -13.06 33.60
N GLU A 297 -35.02 -12.69 32.81
CA GLU A 297 -35.23 -12.25 31.43
C GLU A 297 -34.37 -13.02 30.45
N SER A 298 -34.73 -12.93 29.17
CA SER A 298 -33.84 -13.36 28.11
C SER A 298 -32.89 -12.21 27.84
N TYR A 299 -31.61 -12.54 27.63
CA TYR A 299 -30.63 -11.55 27.19
C TYR A 299 -29.66 -12.24 26.27
N LYS A 300 -29.07 -11.48 25.36
CA LYS A 300 -28.01 -11.98 24.50
C LYS A 300 -26.90 -12.57 25.37
N ASN A 301 -26.53 -13.82 25.08
CA ASN A 301 -25.45 -14.53 25.76
C ASN A 301 -24.09 -13.83 25.59
N PHE A 302 -23.51 -13.39 26.71
CA PHE A 302 -22.13 -12.89 26.74
C PHE A 302 -21.32 -13.70 27.76
N GLY A 303 -21.89 -14.79 28.25
CA GLY A 303 -21.25 -15.63 29.26
C GLY A 303 -21.00 -14.97 30.60
N PHE A 304 -21.92 -14.13 31.04
CA PHE A 304 -21.89 -13.54 32.37
C PHE A 304 -22.28 -14.59 33.42
N GLU A 305 -21.75 -14.45 34.64
CA GLU A 305 -22.13 -15.35 35.73
C GLU A 305 -23.64 -15.37 35.96
N ASN A 306 -24.30 -14.20 35.87
CA ASN A 306 -25.77 -14.14 36.04
C ASN A 306 -26.54 -14.80 34.90
N GLN A 307 -25.80 -15.32 33.92
CA GLN A 307 -26.41 -16.06 32.80
C GLN A 307 -26.14 -17.55 32.91
N LYS A 308 -25.74 -17.99 34.10
CA LYS A 308 -25.46 -19.40 34.35
C LYS A 308 -26.22 -19.87 35.60
N TRP A 309 -26.67 -21.12 35.58
CA TRP A 309 -27.51 -21.65 36.64
C TRP A 309 -27.00 -23.00 37.07
N ASN A 310 -27.03 -23.24 38.37
CA ASN A 310 -26.79 -24.56 38.91
C ASN A 310 -28.09 -25.30 38.98
N ILE A 311 -28.19 -26.41 38.24
CA ILE A 311 -29.41 -27.19 38.25
C ILE A 311 -29.23 -28.32 39.23
N LYS A 312 -30.17 -28.47 40.15
CA LYS A 312 -30.09 -29.46 41.22
C LYS A 312 -31.36 -30.28 41.26
N TYR A 313 -31.20 -31.60 41.13
CA TYR A 313 -32.32 -32.54 41.08
C TYR A 313 -32.76 -32.98 42.48
N ASP A 314 -34.07 -33.14 42.63
CA ASP A 314 -34.64 -33.72 43.84
C ASP A 314 -35.28 -35.07 43.48
N SER A 315 -34.75 -36.15 44.09
CA SER A 315 -35.26 -37.51 43.86
C SER A 315 -36.73 -37.64 44.19
N LYS A 316 -37.08 -37.28 45.42
CA LYS A 316 -38.41 -37.51 45.96
C LYS A 316 -39.51 -36.85 45.14
N LYS A 317 -39.19 -35.69 44.57
CA LYS A 317 -40.18 -34.87 43.88
C LYS A 317 -40.07 -35.01 42.36
N ASN A 318 -39.05 -35.72 41.90
CA ASN A 318 -38.73 -35.81 40.47
C ASN A 318 -38.82 -34.43 39.78
N ALA A 319 -38.14 -33.44 40.37
CA ALA A 319 -38.16 -32.06 39.89
C ALA A 319 -36.86 -31.38 40.31
N TYR A 320 -36.65 -30.16 39.84
CA TYR A 320 -35.36 -29.51 39.97
C TYR A 320 -35.46 -28.10 40.54
N LYS A 321 -34.44 -27.71 41.30
CA LYS A 321 -34.25 -26.31 41.63
C LYS A 321 -33.13 -25.73 40.75
N ILE A 322 -33.24 -24.44 40.44
CA ILE A 322 -32.37 -23.79 39.49
C ILE A 322 -31.84 -22.51 40.16
N TYR A 323 -30.58 -22.57 40.58
CA TYR A 323 -29.94 -21.51 41.37
C TYR A 323 -29.06 -20.70 40.46
N ASN A 324 -29.17 -19.38 40.55
CA ASN A 324 -28.29 -18.52 39.77
C ASN A 324 -26.86 -18.66 40.22
N ARG A 325 -25.92 -18.59 39.29
CA ARG A 325 -24.51 -18.72 39.64
C ARG A 325 -23.90 -17.47 40.24
N GLU A 326 -24.25 -16.32 39.69
CA GLU A 326 -23.85 -15.01 40.24
C GLU A 326 -24.40 -14.79 41.66
N THR A 327 -25.66 -15.15 41.86
CA THR A 327 -26.32 -14.97 43.16
C THR A 327 -26.96 -16.31 43.57
N PRO A 328 -26.14 -17.24 44.08
CA PRO A 328 -26.56 -18.63 44.38
C PRO A 328 -27.75 -18.76 45.33
N THR A 329 -27.96 -17.78 46.22
CA THR A 329 -29.12 -17.80 47.11
C THR A 329 -30.45 -17.48 46.38
N LEU A 330 -30.39 -17.18 45.10
CA LEU A 330 -31.60 -16.84 44.36
C LEU A 330 -31.99 -17.93 43.38
N LEU A 331 -33.24 -18.40 43.49
CA LEU A 331 -33.73 -19.52 42.68
C LEU A 331 -34.72 -19.02 41.62
N LEU A 332 -34.62 -19.60 40.44
CA LEU A 332 -35.56 -19.33 39.35
C LEU A 332 -36.96 -19.73 39.83
N SER A 333 -37.83 -18.74 39.99
CA SER A 333 -39.10 -18.90 40.69
C SER A 333 -40.29 -18.31 39.95
N TRP A 334 -41.47 -18.93 40.13
CA TRP A 334 -42.75 -18.33 39.79
C TRP A 334 -43.56 -18.21 41.07
N ASN A 335 -43.88 -16.97 41.45
CA ASN A 335 -44.65 -16.73 42.67
C ASN A 335 -46.15 -17.01 42.46
N SER A 336 -46.50 -18.28 42.64
CA SER A 336 -47.89 -18.73 42.53
C SER A 336 -48.79 -18.22 43.66
N ASN A 337 -48.19 -17.58 44.66
CA ASN A 337 -48.95 -17.02 45.78
C ASN A 337 -49.15 -15.51 45.71
N SER A 338 -48.88 -14.94 44.54
CA SER A 338 -49.01 -13.50 44.33
C SER A 338 -50.45 -13.11 44.12
N SER A 339 -50.85 -11.98 44.71
CA SER A 339 -52.00 -11.24 44.22
C SER A 339 -51.49 -10.59 42.92
N ASN A 340 -52.41 -10.13 42.07
CA ASN A 340 -52.09 -9.78 40.67
C ASN A 340 -52.01 -11.03 39.80
N GLY A 341 -51.76 -12.17 40.45
CA GLY A 341 -51.61 -13.45 39.78
C GLY A 341 -50.54 -13.43 38.71
N GLU A 342 -49.42 -12.78 38.99
CA GLU A 342 -48.38 -12.59 37.97
C GLU A 342 -47.95 -13.91 37.32
N GLN A 343 -47.64 -13.83 36.04
CA GLN A 343 -47.19 -14.98 35.27
C GLN A 343 -45.69 -14.88 35.00
N VAL A 344 -45.08 -13.79 35.46
CA VAL A 344 -43.64 -13.54 35.26
C VAL A 344 -42.76 -14.41 36.16
N ILE A 345 -41.52 -14.60 35.73
CA ILE A 345 -40.52 -15.36 36.48
C ILE A 345 -39.61 -14.41 37.25
N ARG A 346 -39.25 -14.77 38.48
CA ARG A 346 -38.32 -13.96 39.28
C ARG A 346 -37.30 -14.84 40.04
N GLY A 347 -36.28 -14.22 40.60
CA GLY A 347 -35.35 -14.91 41.51
C GLY A 347 -35.67 -14.62 42.97
N TYR A 348 -36.06 -15.66 43.71
CA TYR A 348 -36.31 -15.56 45.15
C TYR A 348 -35.44 -16.55 45.95
N THR A 349 -35.24 -16.26 47.23
CA THR A 349 -34.55 -17.18 48.13
C THR A 349 -35.38 -18.45 48.32
N GLU A 350 -34.72 -19.56 48.68
CA GLU A 350 -35.37 -20.82 49.07
C GLU A 350 -36.50 -20.61 50.08
N SER A 351 -37.73 -20.87 49.64
CA SER A 351 -38.92 -20.66 50.48
C SER A 351 -39.51 -21.95 51.04
N GLY A 352 -39.28 -23.06 50.34
CA GLY A 352 -39.81 -24.36 50.73
C GLY A 352 -40.90 -24.81 49.79
N SER A 353 -41.41 -23.88 48.99
CA SER A 353 -42.56 -24.06 48.11
C SER A 353 -42.24 -24.83 46.85
N ASN A 354 -43.25 -25.51 46.29
CA ASN A 354 -43.11 -26.21 45.02
C ASN A 354 -43.05 -25.28 43.81
N ASN A 355 -43.39 -24.00 44.01
CA ASN A 355 -43.32 -23.04 42.90
C ASN A 355 -41.90 -22.64 42.46
N GLN A 356 -40.89 -23.14 43.19
CA GLN A 356 -39.48 -22.99 42.77
C GLN A 356 -38.93 -24.33 42.31
N TYR A 357 -39.82 -25.27 42.04
CA TYR A 357 -39.42 -26.55 41.48
C TYR A 357 -39.96 -26.68 40.07
N TRP A 358 -39.18 -27.33 39.22
CA TRP A 358 -39.52 -27.47 37.82
C TRP A 358 -39.28 -28.89 37.42
N THR A 359 -40.24 -29.51 36.73
CA THR A 359 -39.96 -30.78 36.07
C THR A 359 -39.39 -30.44 34.70
N ILE A 360 -38.46 -31.26 34.25
CA ILE A 360 -37.74 -31.04 33.01
C ILE A 360 -37.93 -32.26 32.12
N GLU A 361 -38.73 -32.09 31.07
CA GLU A 361 -39.06 -33.17 30.14
C GLU A 361 -38.44 -32.93 28.77
N LYS A 362 -37.78 -33.97 28.23
CA LYS A 362 -37.22 -33.90 26.88
C LYS A 362 -38.26 -34.37 25.87
N ASN A 363 -38.37 -33.65 24.75
CA ASN A 363 -39.33 -34.02 23.70
C ASN A 363 -38.73 -34.85 22.56
N VAL A 364 -39.59 -35.24 21.61
CA VAL A 364 -39.21 -35.99 20.41
C VAL A 364 -37.92 -35.49 19.76
N ASN A 365 -37.76 -34.17 19.64
CA ASN A 365 -36.60 -33.59 18.93
C ASN A 365 -35.37 -33.35 19.80
N GLY A 366 -35.49 -33.56 21.10
CA GLY A 366 -34.33 -33.45 21.99
C GLY A 366 -34.15 -32.08 22.64
N PHE A 367 -35.23 -31.30 22.69
CA PHE A 367 -35.25 -30.04 23.42
C PHE A 367 -36.00 -30.26 24.74
N TYR A 368 -35.83 -29.34 25.68
CA TYR A 368 -36.45 -29.47 27.02
C TYR A 368 -37.55 -28.47 27.27
N LYS A 369 -38.62 -28.93 27.91
CA LYS A 369 -39.70 -28.07 28.42
C LYS A 369 -39.63 -28.03 29.95
N PHE A 370 -39.78 -26.84 30.50
CA PHE A 370 -39.84 -26.66 31.94
C PHE A 370 -41.29 -26.41 32.33
N ARG A 371 -41.83 -27.21 33.25
CA ARG A 371 -43.15 -26.93 33.80
C ARG A 371 -43.12 -26.91 35.33
N ASN A 372 -43.76 -25.89 35.91
CA ASN A 372 -43.72 -25.66 37.35
C ASN A 372 -44.37 -26.78 38.16
N LEU A 373 -43.70 -27.18 39.24
CA LEU A 373 -44.17 -28.32 40.03
C LEU A 373 -45.49 -28.03 40.72
N SER A 374 -45.67 -26.80 41.22
CA SER A 374 -46.90 -26.44 41.92
C SER A 374 -48.13 -26.38 41.00
N ASP A 375 -47.90 -26.10 39.72
CA ASP A 375 -48.95 -26.11 38.70
C ASP A 375 -48.35 -26.59 37.37
N PRO A 376 -48.39 -27.92 37.14
CA PRO A 376 -47.71 -28.51 35.98
C PRO A 376 -48.27 -28.08 34.61
N SER A 377 -49.39 -27.38 34.61
CA SER A 377 -49.95 -26.79 33.38
C SER A 377 -49.20 -25.53 32.95
N LYS A 378 -48.35 -25.02 33.83
CA LYS A 378 -47.62 -23.77 33.60
C LYS A 378 -46.20 -24.03 33.08
N ILE A 379 -45.98 -23.67 31.82
CA ILE A 379 -44.71 -23.97 31.13
C ILE A 379 -43.84 -22.71 30.94
N LEU A 380 -42.54 -22.88 31.16
CA LEU A 380 -41.55 -21.82 31.06
C LEU A 380 -41.42 -21.34 29.62
N ASP A 381 -41.58 -20.03 29.42
CA ASP A 381 -41.75 -19.44 28.10
C ASP A 381 -41.23 -18.00 28.10
N LEU A 382 -41.11 -17.41 26.90
CA LEU A 382 -40.80 -15.99 26.73
C LEU A 382 -42.09 -15.23 26.44
N LYS A 383 -42.27 -14.07 27.07
CA LYS A 383 -43.49 -13.27 26.89
C LYS A 383 -43.80 -12.99 25.42
N ASP A 384 -45.03 -13.32 25.02
CA ASP A 384 -45.52 -13.13 23.63
C ASP A 384 -44.64 -13.82 22.58
N GLY A 385 -43.68 -14.62 23.04
CA GLY A 385 -42.73 -15.29 22.15
C GLY A 385 -41.66 -14.38 21.58
N ASN A 386 -41.37 -13.29 22.29
CA ASN A 386 -40.36 -12.32 21.85
C ASN A 386 -38.95 -12.73 22.23
N THR A 387 -38.01 -12.51 21.32
CA THR A 387 -36.60 -12.87 21.55
C THR A 387 -35.75 -11.63 21.83
N LEU A 388 -36.36 -10.47 21.73
CA LEU A 388 -35.73 -9.18 22.05
C LEU A 388 -35.07 -9.21 23.44
N ASN A 389 -33.98 -8.48 23.60
CA ASN A 389 -33.31 -8.39 24.91
C ASN A 389 -34.24 -7.85 25.99
N LYS A 390 -34.10 -8.40 27.18
CA LYS A 390 -34.86 -7.99 28.37
C LYS A 390 -36.32 -8.41 28.42
N THR A 391 -36.83 -9.10 27.40
CA THR A 391 -38.22 -9.55 27.44
C THR A 391 -38.40 -10.64 28.48
N PRO A 392 -39.33 -10.43 29.44
CA PRO A 392 -39.43 -11.26 30.65
C PRO A 392 -39.68 -12.73 30.35
N LEU A 393 -39.06 -13.60 31.13
CA LEU A 393 -39.47 -15.00 31.15
C LEU A 393 -40.80 -15.07 31.87
N VAL A 394 -41.74 -15.80 31.27
CA VAL A 394 -43.06 -15.98 31.85
C VAL A 394 -43.43 -17.45 31.98
N VAL A 395 -44.56 -17.69 32.61
CA VAL A 395 -45.16 -19.01 32.61
C VAL A 395 -46.40 -18.90 31.70
N SER A 396 -46.66 -19.94 30.91
CA SER A 396 -47.82 -19.95 30.00
C SER A 396 -48.29 -21.37 29.69
N SER A 397 -49.51 -21.49 29.18
CA SER A 397 -50.07 -22.78 28.84
C SER A 397 -49.39 -23.34 27.59
N GLU A 398 -49.48 -24.66 27.41
CA GLU A 398 -48.75 -25.38 26.37
C GLU A 398 -49.02 -24.88 24.93
N ASN A 399 -47.92 -24.67 24.22
CA ASN A 399 -47.91 -24.14 22.85
C ASN A 399 -47.32 -25.14 21.87
N SER A 400 -47.59 -24.91 20.59
CA SER A 400 -46.79 -25.51 19.52
C SER A 400 -45.55 -24.65 19.24
N SER A 401 -45.44 -23.53 19.97
CA SER A 401 -44.40 -22.52 19.74
C SER A 401 -43.03 -22.92 20.29
N SER A 402 -41.99 -22.49 19.57
CA SER A 402 -40.61 -22.85 19.90
C SER A 402 -40.01 -22.00 21.02
N SER A 403 -40.76 -20.99 21.47
CA SER A 403 -40.30 -20.12 22.55
C SER A 403 -40.41 -20.80 23.91
N GLN A 404 -41.14 -21.91 23.99
CA GLN A 404 -41.17 -22.68 25.25
C GLN A 404 -40.29 -23.94 25.19
N GLU A 405 -39.50 -24.06 24.13
CA GLU A 405 -38.51 -25.12 24.01
C GLU A 405 -37.11 -24.59 24.31
N TRP A 406 -36.33 -25.35 25.07
CA TRP A 406 -35.02 -24.89 25.53
C TRP A 406 -33.91 -25.92 25.36
N LEU A 407 -32.68 -25.44 25.25
CA LEU A 407 -31.48 -26.28 25.35
C LEU A 407 -30.84 -26.09 26.72
N ILE A 408 -30.46 -27.20 27.34
CA ILE A 408 -29.73 -27.17 28.60
C ILE A 408 -28.29 -27.54 28.27
N GLU A 409 -27.43 -26.54 28.20
CA GLU A 409 -26.06 -26.71 27.74
C GLU A 409 -25.05 -26.68 28.89
N LYS A 410 -24.23 -27.71 28.97
CA LYS A 410 -23.18 -27.79 29.99
C LYS A 410 -22.12 -26.72 29.74
N THR A 411 -21.78 -25.96 30.78
CA THR A 411 -20.73 -24.97 30.63
C THR A 411 -19.41 -25.69 30.58
N ASN A 412 -18.50 -25.16 29.77
CA ASN A 412 -17.22 -25.79 29.50
C ASN A 412 -16.17 -24.73 29.18
N TYR A 413 -15.04 -24.77 29.87
CA TYR A 413 -14.06 -23.70 29.82
C TYR A 413 -12.70 -24.13 29.27
N GLN A 414 -12.27 -25.34 29.63
CA GLN A 414 -10.97 -25.80 29.22
C GLN A 414 -11.07 -26.42 27.84
N THR A 415 -11.08 -25.52 26.88
CA THR A 415 -11.49 -25.77 25.53
C THR A 415 -10.28 -26.17 24.65
N VAL A 416 -9.11 -25.64 24.98
CA VAL A 416 -7.87 -26.04 24.33
C VAL A 416 -6.79 -26.48 25.32
N LYS A 417 -6.00 -27.46 24.89
CA LYS A 417 -4.90 -27.98 25.68
C LYS A 417 -3.83 -26.90 25.88
N ASP A 418 -3.17 -26.93 27.03
CA ASP A 418 -2.02 -26.07 27.27
C ASP A 418 -0.94 -26.33 26.23
N GLY A 419 -0.42 -25.27 25.63
CA GLY A 419 0.71 -25.37 24.72
C GLY A 419 0.88 -24.20 23.78
N THR A 420 1.65 -24.42 22.71
CA THR A 420 1.93 -23.38 21.72
C THR A 420 0.98 -23.47 20.53
N TYR A 421 0.50 -22.30 20.13
CA TYR A 421 -0.49 -22.17 19.09
C TYR A 421 -0.22 -20.95 18.21
N GLN A 422 -0.76 -21.01 17.01
CA GLN A 422 -0.83 -19.88 16.12
C GLN A 422 -2.30 -19.51 16.07
N VAL A 423 -2.60 -18.22 16.14
CA VAL A 423 -3.98 -17.74 16.18
C VAL A 423 -4.21 -16.89 14.93
N SER A 424 -5.17 -17.29 14.10
CA SER A 424 -5.43 -16.61 12.85
C SER A 424 -6.92 -16.36 12.63
N SER A 425 -7.24 -15.41 11.76
CA SER A 425 -8.62 -14.99 11.54
C SER A 425 -9.37 -15.91 10.59
N LYS A 426 -10.64 -16.12 10.87
CA LYS A 426 -11.52 -16.88 10.00
C LYS A 426 -11.56 -16.26 8.59
N LEU A 427 -11.37 -14.94 8.51
CA LEU A 427 -11.36 -14.24 7.22
C LEU A 427 -10.24 -14.71 6.29
N ASN A 428 -9.14 -15.15 6.90
CA ASN A 428 -7.92 -15.55 6.19
C ASN A 428 -7.01 -16.30 7.16
N GLU A 429 -6.91 -17.62 6.99
CA GLU A 429 -6.19 -18.42 7.99
C GLU A 429 -4.66 -18.32 7.91
N ASN A 430 -4.15 -17.64 6.90
CA ASN A 430 -2.73 -17.31 6.86
C ASN A 430 -2.42 -15.92 7.43
N LYS A 431 -3.43 -15.26 8.00
CA LYS A 431 -3.23 -14.00 8.70
C LYS A 431 -3.22 -14.24 10.20
N VAL A 432 -2.03 -14.23 10.78
CA VAL A 432 -1.85 -14.58 12.19
C VAL A 432 -1.67 -13.36 13.10
N ILE A 433 -2.00 -13.54 14.37
CA ILE A 433 -1.71 -12.55 15.40
C ILE A 433 -0.21 -12.56 15.71
N GLU A 434 0.44 -11.43 15.42
CA GLU A 434 1.88 -11.29 15.57
C GLU A 434 2.26 -10.22 16.61
N GLN A 435 3.25 -10.54 17.44
CA GLN A 435 3.75 -9.59 18.39
C GLN A 435 4.98 -8.87 17.83
N ILE A 436 4.83 -7.58 17.59
CA ILE A 436 5.98 -6.80 17.14
C ILE A 436 6.43 -5.85 18.27
N SER A 437 7.74 -5.58 18.33
CA SER A 437 8.41 -5.11 19.56
C SER A 437 7.90 -5.92 20.78
N THR A 438 7.44 -5.25 21.83
CA THR A 438 6.94 -5.96 23.02
C THR A 438 5.50 -5.64 23.31
N ASN A 439 5.15 -4.35 23.28
CA ASN A 439 3.79 -3.91 23.62
C ASN A 439 2.77 -4.00 22.47
N LYS A 440 3.27 -4.17 21.25
CA LYS A 440 2.43 -4.07 20.06
C LYS A 440 2.09 -5.42 19.42
N VAL A 441 0.83 -5.57 19.06
CA VAL A 441 0.35 -6.74 18.32
C VAL A 441 -0.44 -6.29 17.09
N HIS A 442 -0.37 -7.05 16.01
CA HIS A 442 -1.14 -6.76 14.80
C HIS A 442 -1.30 -8.03 13.96
N ILE A 443 -2.15 -7.95 12.94
CA ILE A 443 -2.30 -9.05 12.00
C ILE A 443 -1.19 -9.00 10.93
N PHE A 444 -0.70 -10.17 10.54
CA PHE A 444 0.33 -10.28 9.52
C PHE A 444 0.30 -11.64 8.81
N SER A 445 0.79 -11.69 7.58
CA SER A 445 0.90 -12.97 6.89
C SER A 445 1.80 -13.91 7.66
N ASN A 446 1.42 -15.18 7.75
CA ASN A 446 2.23 -16.12 8.50
C ASN A 446 3.54 -16.41 7.79
N SER A 447 4.62 -16.48 8.57
CA SER A 447 5.89 -17.04 8.11
C SER A 447 6.58 -17.89 9.18
N ASP A 448 5.77 -18.39 10.13
CA ASP A 448 6.20 -19.43 11.07
C ASP A 448 7.31 -18.97 12.01
N LYS A 449 7.27 -17.70 12.41
CA LYS A 449 8.25 -17.14 13.35
C LYS A 449 7.77 -17.13 14.80
N GLU A 450 8.74 -17.07 15.72
CA GLU A 450 8.51 -17.05 17.17
C GLU A 450 7.45 -16.04 17.62
N ASN A 451 7.54 -14.82 17.08
CA ASN A 451 6.61 -13.75 17.41
C ASN A 451 5.25 -13.92 16.75
N GLN A 452 5.06 -15.06 16.09
CA GLN A 452 3.74 -15.46 15.58
C GLN A 452 3.18 -16.69 16.31
N VAL A 453 3.82 -17.05 17.42
CA VAL A 453 3.43 -18.24 18.18
C VAL A 453 3.12 -17.83 19.61
N TRP A 454 2.02 -18.35 20.15
CA TRP A 454 1.57 -17.95 21.48
C TRP A 454 1.43 -19.18 22.38
N ASN A 455 1.75 -18.96 23.65
CA ASN A 455 1.61 -19.95 24.69
C ASN A 455 0.26 -19.70 25.37
N LEU A 456 -0.66 -20.66 25.23
CA LEU A 456 -1.93 -20.60 25.93
C LEU A 456 -1.83 -21.50 27.15
N ILE A 457 -1.98 -20.90 28.33
CA ILE A 457 -2.02 -21.64 29.59
C ILE A 457 -3.29 -21.36 30.39
N TYR A 458 -3.98 -22.44 30.74
CA TYR A 458 -5.23 -22.40 31.46
C TYR A 458 -5.02 -22.14 32.93
N ASN A 459 -5.87 -21.29 33.50
CA ASN A 459 -5.90 -21.03 34.92
C ASN A 459 -7.13 -21.73 35.50
N PRO A 460 -6.92 -22.79 36.32
CA PRO A 460 -8.01 -23.63 36.85
C PRO A 460 -8.97 -22.90 37.77
N ILE A 461 -8.52 -21.80 38.38
CA ILE A 461 -9.37 -21.03 39.30
C ILE A 461 -10.28 -20.12 38.47
N LEU A 462 -9.68 -19.44 37.52
CA LEU A 462 -10.38 -18.48 36.69
C LEU A 462 -11.18 -19.13 35.56
N LYS A 463 -10.83 -20.38 35.21
CA LYS A 463 -11.39 -21.09 34.06
C LYS A 463 -11.16 -20.29 32.80
N ALA A 464 -10.02 -19.60 32.72
CA ALA A 464 -9.68 -18.77 31.57
C ALA A 464 -8.20 -18.88 31.22
N TYR A 465 -7.81 -18.32 30.08
CA TYR A 465 -6.46 -18.51 29.56
C TYR A 465 -5.63 -17.25 29.57
N LYS A 466 -4.37 -17.39 29.97
CA LYS A 466 -3.38 -16.37 29.64
C LYS A 466 -2.79 -16.71 28.26
N ILE A 467 -2.72 -15.71 27.39
CA ILE A 467 -2.16 -15.85 26.05
C ILE A 467 -0.82 -15.13 26.00
N LYS A 468 0.26 -15.89 26.12
CA LYS A 468 1.59 -15.36 26.36
C LYS A 468 2.46 -15.45 25.12
N SER A 469 3.11 -14.33 24.84
CA SER A 469 4.18 -14.26 23.84
C SER A 469 5.22 -15.37 24.04
N LEU A 470 5.61 -16.03 22.97
CA LEU A 470 6.67 -17.02 23.07
C LEU A 470 8.05 -16.36 23.23
N LYS A 471 8.32 -15.33 22.43
CA LYS A 471 9.59 -14.62 22.53
C LYS A 471 9.74 -13.81 23.84
N TYR A 472 8.62 -13.33 24.37
CA TYR A 472 8.63 -12.48 25.57
C TYR A 472 7.61 -12.93 26.64
N PRO A 473 7.99 -13.94 27.45
CA PRO A 473 7.05 -14.63 28.34
C PRO A 473 6.40 -13.70 29.38
N ASN A 474 7.09 -12.62 29.75
CA ASN A 474 6.55 -11.60 30.66
C ASN A 474 5.35 -10.84 30.10
N TYR A 475 5.16 -10.89 28.79
CA TYR A 475 4.06 -10.15 28.19
C TYR A 475 2.98 -11.10 27.72
N SER A 476 1.74 -10.72 28.01
CA SER A 476 0.57 -11.46 27.56
C SER A 476 -0.39 -10.54 26.84
N LEU A 477 -1.25 -11.13 26.03
CA LEU A 477 -2.24 -10.41 25.26
C LEU A 477 -3.27 -9.77 26.20
N ALA A 478 -3.42 -8.45 26.11
CA ALA A 478 -4.30 -7.69 27.01
C ALA A 478 -5.18 -6.68 26.27
N TRP A 479 -6.30 -6.32 26.90
CA TRP A 479 -7.17 -5.27 26.39
C TRP A 479 -6.82 -3.94 27.06
N ASP A 480 -6.50 -2.95 26.23
CA ASP A 480 -6.17 -1.61 26.70
C ASP A 480 -7.45 -0.86 27.08
N SER A 481 -8.11 -1.35 28.14
CA SER A 481 -9.46 -0.93 28.50
C SER A 481 -9.63 0.54 28.85
N ASN A 482 -8.59 1.12 29.46
CA ASN A 482 -8.67 2.51 29.95
C ASN A 482 -8.23 3.59 28.97
N ASN A 483 -7.74 3.20 27.80
CA ASN A 483 -7.25 4.18 26.83
C ASN A 483 -7.69 3.88 25.38
N THR A 484 -6.84 3.20 24.61
CA THR A 484 -7.10 3.01 23.17
C THR A 484 -8.19 1.98 22.84
N ARG A 485 -8.60 1.20 23.84
CA ARG A 485 -9.52 0.06 23.68
C ARG A 485 -9.00 -0.97 22.64
N THR A 486 -7.73 -0.80 22.27
CA THR A 486 -6.96 -1.64 21.35
C THR A 486 -6.47 -2.90 22.08
N ILE A 487 -6.14 -3.94 21.33
CA ILE A 487 -5.44 -5.11 21.88
C ILE A 487 -3.94 -4.84 21.91
N VAL A 488 -3.32 -5.11 23.06
CA VAL A 488 -1.90 -4.87 23.25
C VAL A 488 -1.28 -6.07 23.98
N ALA A 489 0.04 -6.06 24.11
CA ALA A 489 0.74 -7.01 24.95
C ALA A 489 1.28 -6.26 26.15
N ALA A 490 1.10 -6.80 27.34
CA ALA A 490 1.55 -6.11 28.55
C ALA A 490 2.00 -7.05 29.66
N THR A 491 2.79 -6.49 30.57
CA THR A 491 3.26 -7.19 31.76
C THR A 491 2.11 -7.36 32.77
N GLY A 492 2.40 -8.02 33.89
CA GLY A 492 1.43 -8.17 34.96
C GLY A 492 0.59 -9.41 34.85
N ASP A 493 -0.16 -9.69 35.92
CA ASP A 493 -0.97 -10.90 35.99
C ASP A 493 -2.37 -10.55 36.52
N TYR A 494 -3.03 -9.64 35.83
CA TYR A 494 -4.33 -9.14 36.26
C TYR A 494 -5.41 -9.95 35.60
N ASN A 495 -6.58 -9.98 36.23
CA ASN A 495 -7.69 -10.77 35.70
C ASN A 495 -8.15 -10.39 34.30
N ASP A 496 -8.01 -9.10 33.92
CA ASP A 496 -8.40 -8.69 32.56
C ASP A 496 -7.35 -8.99 31.49
N GLN A 497 -6.35 -9.77 31.87
CA GLN A 497 -5.36 -10.29 30.93
C GLN A 497 -5.59 -11.78 30.71
N TYR A 498 -6.74 -12.27 31.18
CA TYR A 498 -7.18 -13.63 30.95
C TYR A 498 -8.35 -13.68 29.98
N TRP A 499 -8.45 -14.77 29.23
CA TRP A 499 -9.38 -14.87 28.13
C TRP A 499 -10.16 -16.18 28.16
N LEU A 500 -11.46 -16.05 27.96
CA LEU A 500 -12.38 -17.16 27.89
C LEU A 500 -12.41 -17.55 26.44
N ILE A 501 -12.03 -18.81 26.17
CA ILE A 501 -11.93 -19.31 24.81
C ILE A 501 -13.09 -20.27 24.55
N GLU A 502 -14.03 -19.83 23.72
CA GLU A 502 -15.26 -20.57 23.50
C GLU A 502 -15.22 -21.12 22.08
N ARG A 503 -15.54 -22.41 21.95
CA ARG A 503 -15.49 -23.09 20.67
C ARG A 503 -16.82 -22.95 19.95
N ASN A 504 -16.77 -22.46 18.71
CA ASN A 504 -17.97 -22.38 17.87
C ASN A 504 -18.22 -23.68 17.12
N GLU A 505 -19.35 -23.79 16.45
CA GLU A 505 -19.67 -25.00 15.71
C GLU A 505 -18.80 -25.19 14.46
N ASP A 506 -18.33 -24.08 13.90
CA ASP A 506 -17.52 -24.12 12.68
C ASP A 506 -16.03 -24.32 13.01
N ASN A 507 -15.75 -24.76 14.24
CA ASN A 507 -14.38 -24.97 14.73
C ASN A 507 -13.50 -23.73 14.90
N THR A 508 -14.09 -22.55 14.73
CA THR A 508 -13.40 -21.31 15.10
C THR A 508 -13.73 -21.04 16.57
N TYR A 509 -13.13 -20.01 17.15
CA TYR A 509 -13.27 -19.70 18.57
C TYR A 509 -13.61 -18.23 18.76
N ILE A 510 -14.29 -17.93 19.85
CA ILE A 510 -14.44 -16.59 20.34
C ILE A 510 -13.45 -16.45 21.51
N ILE A 511 -12.68 -15.36 21.50
CA ILE A 511 -11.72 -15.11 22.54
C ILE A 511 -12.20 -13.89 23.34
N ARG A 512 -12.72 -14.16 24.54
CA ARG A 512 -13.55 -13.22 25.26
C ARG A 512 -12.84 -12.80 26.54
N ASN A 513 -12.79 -11.50 26.79
CA ASN A 513 -12.13 -11.01 27.99
C ASN A 513 -12.81 -11.48 29.27
N TYR A 514 -12.03 -12.05 30.19
CA TYR A 514 -12.54 -12.59 31.45
C TYR A 514 -13.23 -11.53 32.31
N GLU A 515 -12.64 -10.35 32.37
CA GLU A 515 -13.17 -9.33 33.24
C GLU A 515 -14.25 -8.47 32.61
N ASN A 516 -14.15 -8.25 31.30
CA ASN A 516 -15.16 -7.47 30.56
C ASN A 516 -15.74 -8.36 29.47
N ARG A 517 -16.79 -9.10 29.83
CA ARG A 517 -17.28 -10.20 28.99
C ARG A 517 -18.08 -9.81 27.73
N LYS A 518 -18.45 -8.54 27.65
CA LYS A 518 -18.98 -7.99 26.43
C LYS A 518 -17.87 -7.84 25.37
N ILE A 519 -16.62 -7.83 25.82
CA ILE A 519 -15.46 -7.54 24.98
C ILE A 519 -14.74 -8.80 24.43
N VAL A 520 -14.56 -8.85 23.12
CA VAL A 520 -13.91 -10.00 22.49
C VAL A 520 -12.84 -9.50 21.52
N LEU A 521 -11.88 -10.38 21.21
CA LEU A 521 -10.86 -10.14 20.19
C LEU A 521 -11.50 -9.94 18.82
N ASP A 522 -11.16 -8.82 18.18
CA ASP A 522 -11.83 -8.33 16.99
C ASP A 522 -10.76 -7.77 16.06
N LEU A 523 -10.69 -8.33 14.85
CA LEU A 523 -9.81 -7.80 13.81
C LEU A 523 -10.46 -6.55 13.22
N SER A 524 -9.82 -5.41 13.47
CA SER A 524 -10.35 -4.07 13.12
C SER A 524 -10.90 -3.96 11.70
N ASN A 525 -12.20 -3.64 11.62
CA ASN A 525 -12.93 -3.47 10.35
C ASN A 525 -12.95 -4.69 9.41
N GLY A 526 -12.66 -5.87 9.95
CA GLY A 526 -12.58 -7.09 9.16
C GLY A 526 -11.53 -7.00 8.06
N SER A 527 -10.47 -6.24 8.33
CA SER A 527 -9.42 -5.99 7.36
C SER A 527 -8.23 -6.89 7.63
N THR A 528 -7.76 -7.57 6.57
CA THR A 528 -6.67 -8.53 6.69
C THR A 528 -5.38 -7.98 6.05
N THR A 529 -5.30 -6.66 5.92
CA THR A 529 -4.07 -6.04 5.43
C THR A 529 -2.98 -6.10 6.49
N ASP A 530 -1.79 -6.54 6.08
CA ASP A 530 -0.63 -6.62 6.97
C ASP A 530 -0.45 -5.36 7.82
N GLY A 531 -0.42 -5.55 9.14
CA GLY A 531 -0.20 -4.46 10.07
C GLY A 531 -1.47 -3.92 10.70
N ASN A 532 -2.63 -4.40 10.23
CA ASN A 532 -3.93 -4.01 10.81
C ASN A 532 -4.06 -4.45 12.26
N GLY A 533 -4.73 -3.63 13.07
CA GLY A 533 -4.75 -3.82 14.51
C GLY A 533 -5.86 -4.71 15.01
N LEU A 534 -5.73 -5.16 16.25
CA LEU A 534 -6.83 -5.85 16.87
C LEU A 534 -7.53 -4.99 17.92
N LEU A 535 -8.83 -5.20 18.07
CA LEU A 535 -9.61 -4.46 19.04
C LEU A 535 -10.15 -5.38 20.10
N GLY A 536 -10.41 -4.80 21.27
CA GLY A 536 -11.37 -5.35 22.20
C GLY A 536 -12.66 -4.65 21.82
N PHE A 537 -13.55 -5.38 21.15
CA PHE A 537 -14.81 -4.82 20.67
C PHE A 537 -16.00 -5.62 21.19
N GLU A 538 -17.15 -4.95 21.32
CA GLU A 538 -18.38 -5.61 21.76
C GLU A 538 -18.72 -6.83 20.88
N PHE A 539 -19.06 -7.94 21.54
CA PHE A 539 -19.29 -9.22 20.90
C PHE A 539 -20.51 -9.17 19.97
N HIS A 540 -20.30 -9.51 18.70
CA HIS A 540 -21.38 -9.71 17.74
C HIS A 540 -21.31 -11.08 17.04
N GLY A 541 -20.16 -11.74 17.11
CA GLY A 541 -20.02 -13.09 16.57
C GLY A 541 -19.77 -13.16 15.08
N GLY A 542 -19.61 -12.00 14.46
CA GLY A 542 -19.28 -11.89 13.05
C GLY A 542 -17.93 -12.51 12.72
N ILE A 543 -17.64 -12.62 11.44
CA ILE A 543 -16.46 -13.33 10.97
C ILE A 543 -15.14 -12.76 11.50
N ASN A 544 -15.07 -11.45 11.67
CA ASN A 544 -13.85 -10.82 12.20
C ASN A 544 -13.67 -10.96 13.71
N GLN A 545 -14.53 -11.75 14.35
CA GLN A 545 -14.41 -12.03 15.78
C GLN A 545 -14.20 -13.52 16.05
N ARG A 546 -14.07 -14.28 14.96
CA ARG A 546 -13.92 -15.72 15.03
C ARG A 546 -12.48 -16.09 14.69
N TRP A 547 -11.91 -16.99 15.48
CA TRP A 547 -10.48 -17.25 15.38
C TRP A 547 -10.15 -18.73 15.26
N ILE A 548 -9.21 -19.04 14.38
CA ILE A 548 -8.66 -20.38 14.25
C ILE A 548 -7.45 -20.52 15.20
N ILE A 549 -7.48 -21.53 16.06
CA ILE A 549 -6.38 -21.78 16.98
C ILE A 549 -5.70 -23.09 16.64
N LYS A 550 -4.50 -23.00 16.06
CA LYS A 550 -3.85 -24.17 15.53
C LYS A 550 -2.54 -24.50 16.26
N PRO A 551 -2.40 -25.76 16.74
CA PRO A 551 -1.17 -26.24 17.34
C PRO A 551 0.06 -25.95 16.51
N PHE A 552 1.10 -25.44 17.14
CA PHE A 552 2.34 -25.16 16.45
C PHE A 552 3.48 -25.76 17.25
N SER A 553 4.35 -26.52 16.60
CA SER A 553 5.52 -27.01 17.31
C SER A 553 6.80 -26.68 16.59
N PHE A 554 7.74 -26.08 17.31
CA PHE A 554 9.04 -25.78 16.75
C PHE A 554 9.95 -26.99 16.64
N ASN A 555 9.84 -27.96 17.56
CA ASN A 555 10.54 -29.21 17.32
C ASN A 555 9.67 -30.28 16.65
N SER A 556 9.45 -30.04 15.36
CA SER A 556 8.59 -30.84 14.50
C SER A 556 9.21 -32.20 14.17
N ILE A 557 10.53 -32.26 14.09
CA ILE A 557 11.24 -33.48 13.76
C ILE A 557 12.15 -33.89 14.90
N GLN A 558 12.49 -35.18 14.96
CA GLN A 558 13.33 -35.64 16.04
C GLN A 558 14.83 -35.56 15.69
N ASP A 559 15.65 -35.36 16.72
CA ASP A 559 17.10 -35.35 16.58
C ASP A 559 17.56 -36.68 15.99
N GLY A 560 18.59 -36.62 15.15
CA GLY A 560 19.13 -37.81 14.54
C GLY A 560 20.04 -37.47 13.37
N ILE A 561 20.45 -38.52 12.65
CA ILE A 561 21.28 -38.36 11.48
C ILE A 561 20.40 -38.46 10.24
N TYR A 562 20.56 -37.50 9.34
CA TYR A 562 19.64 -37.30 8.25
C TYR A 562 20.37 -37.08 6.95
N GLN A 563 19.68 -37.39 5.85
CA GLN A 563 20.04 -36.86 4.54
C GLN A 563 18.89 -36.00 4.08
N PHE A 564 19.21 -34.96 3.32
CA PHE A 564 18.20 -34.10 2.73
C PHE A 564 18.10 -34.41 1.23
N MET A 565 17.00 -35.02 0.83
CA MET A 565 16.76 -35.38 -0.57
C MET A 565 15.92 -34.29 -1.20
N THR A 566 16.28 -33.85 -2.42
CA THR A 566 15.43 -32.89 -3.14
C THR A 566 14.13 -33.59 -3.52
N VAL A 567 13.04 -32.85 -3.49
CA VAL A 567 11.72 -33.32 -3.89
C VAL A 567 11.69 -33.69 -5.37
N ILE A 568 12.38 -32.92 -6.20
CA ILE A 568 12.28 -33.10 -7.64
C ILE A 568 13.05 -34.33 -8.08
N ASN A 569 14.18 -34.60 -7.42
CA ASN A 569 14.99 -35.77 -7.70
C ASN A 569 15.56 -36.34 -6.39
N GLN A 570 14.93 -37.38 -5.87
CA GLN A 570 15.31 -37.93 -4.55
C GLN A 570 16.69 -38.57 -4.54
N ASP A 571 17.22 -38.90 -5.72
CA ASP A 571 18.59 -39.38 -5.84
C ASP A 571 19.62 -38.28 -5.52
N LEU A 572 19.19 -37.01 -5.57
CA LEU A 572 20.10 -35.91 -5.24
C LEU A 572 19.92 -35.46 -3.81
N ILE A 573 21.03 -35.39 -3.09
CA ILE A 573 21.02 -35.00 -1.68
C ILE A 573 21.96 -33.82 -1.45
N ALA A 574 21.82 -33.17 -0.29
CA ALA A 574 22.68 -32.06 0.11
C ALA A 574 24.04 -32.61 0.54
N ASP A 575 25.07 -32.19 -0.19
CA ASP A 575 26.41 -32.73 -0.03
C ASP A 575 27.33 -31.57 0.30
N LEU A 576 28.08 -31.71 1.39
CA LEU A 576 29.14 -30.75 1.69
C LEU A 576 30.29 -31.04 0.74
N THR A 577 30.44 -30.21 -0.29
CA THR A 577 31.47 -30.46 -1.31
C THR A 577 32.82 -29.95 -0.84
N THR A 578 33.83 -30.21 -1.64
CA THR A 578 35.19 -29.81 -1.32
C THR A 578 35.56 -28.46 -1.96
N ASN A 579 34.66 -27.89 -2.75
CA ASN A 579 34.91 -26.62 -3.43
C ASN A 579 34.57 -25.44 -2.53
N ASN A 580 35.63 -24.77 -2.07
CA ASN A 580 35.55 -23.91 -0.89
C ASN A 580 34.89 -24.75 0.22
N TYR A 581 33.77 -24.29 0.77
CA TYR A 581 33.00 -25.12 1.70
C TYR A 581 31.54 -25.23 1.27
N THR A 582 31.31 -25.14 -0.03
CA THR A 582 29.95 -24.97 -0.52
C THR A 582 29.16 -26.28 -0.49
N ILE A 583 27.88 -26.16 -0.14
CA ILE A 583 27.00 -27.29 -0.08
C ILE A 583 26.14 -27.33 -1.35
N ALA A 584 26.08 -28.52 -1.98
CA ALA A 584 25.43 -28.68 -3.28
C ALA A 584 24.60 -29.95 -3.35
N THR A 585 23.69 -30.02 -4.32
CA THR A 585 22.96 -31.25 -4.59
C THR A 585 23.83 -32.18 -5.42
N LYS A 586 24.05 -33.37 -4.89
CA LYS A 586 24.89 -34.36 -5.53
C LYS A 586 24.29 -35.75 -5.46
N THR A 587 24.63 -36.56 -6.46
CA THR A 587 24.19 -37.95 -6.49
C THR A 587 24.53 -38.63 -5.15
N ASN A 588 23.58 -39.35 -4.58
CA ASN A 588 23.79 -39.91 -3.26
C ASN A 588 24.68 -41.13 -3.27
N ASN A 589 25.60 -41.17 -2.30
CA ASN A 589 26.50 -42.28 -2.11
C ASN A 589 26.52 -42.85 -0.72
N TYR A 590 25.74 -42.24 0.17
CA TYR A 590 25.74 -42.59 1.58
C TYR A 590 27.11 -42.39 2.25
N SER A 591 27.91 -41.45 1.75
CA SER A 591 29.15 -41.11 2.43
C SER A 591 28.89 -40.09 3.53
N SER A 592 29.83 -40.01 4.46
CA SER A 592 29.69 -39.17 5.64
C SER A 592 29.39 -37.71 5.36
N ASN A 593 29.99 -37.14 4.32
CA ASN A 593 29.78 -35.73 4.01
C ASN A 593 28.40 -35.44 3.39
N GLN A 594 27.60 -36.49 3.24
CA GLN A 594 26.26 -36.41 2.67
C GLN A 594 25.23 -36.72 3.75
N LYS A 595 25.72 -36.81 4.99
CA LYS A 595 24.90 -37.08 6.17
C LYS A 595 25.09 -35.95 7.16
N TRP A 596 24.05 -35.65 7.92
CA TRP A 596 24.08 -34.53 8.82
C TRP A 596 23.38 -34.89 10.12
N THR A 597 23.98 -34.52 11.25
CA THR A 597 23.30 -34.61 12.54
C THR A 597 22.42 -33.36 12.72
N VAL A 598 21.13 -33.59 12.97
CA VAL A 598 20.16 -32.51 13.12
C VAL A 598 19.76 -32.44 14.60
N THR A 599 19.96 -31.28 15.23
CA THR A 599 19.74 -31.16 16.68
C THR A 599 18.95 -29.92 17.07
N TYR A 600 17.89 -30.13 17.85
CA TYR A 600 17.05 -29.04 18.28
C TYR A 600 17.71 -28.23 19.39
N ASN A 601 17.56 -26.91 19.31
CA ASN A 601 18.01 -26.00 20.37
C ASN A 601 16.83 -25.32 21.04
N ASP A 602 16.70 -25.53 22.35
CA ASP A 602 15.67 -24.90 23.21
C ASP A 602 15.54 -23.38 23.11
N LYS A 603 16.68 -22.69 23.19
CA LYS A 603 16.67 -21.24 23.28
C LYS A 603 16.32 -20.59 21.94
N LYS A 604 16.78 -21.22 20.87
CA LYS A 604 16.58 -20.73 19.50
C LYS A 604 15.27 -21.24 18.91
N ARG A 605 14.74 -22.33 19.47
CA ARG A 605 13.60 -23.05 18.89
C ARG A 605 13.83 -23.34 17.42
N ALA A 606 15.03 -23.83 17.12
CA ALA A 606 15.47 -24.09 15.76
C ALA A 606 16.54 -25.18 15.79
N TYR A 607 16.91 -25.68 14.61
CA TYR A 607 17.84 -26.81 14.52
C TYR A 607 19.21 -26.42 14.00
N LYS A 608 20.22 -27.09 14.53
CA LYS A 608 21.56 -27.04 13.96
C LYS A 608 21.78 -28.29 13.13
N ILE A 609 22.29 -28.08 11.92
CA ILE A 609 22.54 -29.14 10.94
C ILE A 609 24.04 -29.24 10.71
N ARG A 610 24.69 -30.10 11.49
CA ARG A 610 26.13 -30.27 11.45
C ARG A 610 26.49 -31.44 10.56
N ASN A 611 27.55 -31.29 9.76
CA ASN A 611 27.98 -32.35 8.86
C ASN A 611 28.53 -33.52 9.64
N LEU A 612 28.26 -34.74 9.17
CA LEU A 612 28.70 -35.92 9.92
C LEU A 612 30.20 -36.17 9.74
N GLN A 613 30.71 -36.01 8.52
CA GLN A 613 32.15 -36.09 8.26
C GLN A 613 32.88 -34.95 8.97
N HIS A 614 32.44 -33.72 8.73
CA HIS A 614 33.12 -32.57 9.32
C HIS A 614 32.19 -31.88 10.33
N ALA A 615 32.19 -32.42 11.56
CA ALA A 615 31.24 -32.01 12.59
C ALA A 615 31.35 -30.52 12.98
N HIS A 616 32.55 -29.96 12.83
CA HIS A 616 32.77 -28.54 13.10
C HIS A 616 32.11 -27.61 12.08
N LEU A 617 31.58 -28.16 11.00
CA LEU A 617 30.89 -27.36 9.99
C LEU A 617 29.37 -27.62 9.98
N SER A 618 28.59 -26.53 10.00
CA SER A 618 27.14 -26.66 9.98
C SER A 618 26.54 -25.92 8.78
N LEU A 619 25.47 -26.48 8.21
CA LEU A 619 24.80 -25.86 7.08
C LEU A 619 24.36 -24.43 7.44
N ALA A 620 24.89 -23.47 6.70
CA ALA A 620 24.71 -22.05 7.03
C ALA A 620 24.42 -21.17 5.81
N TRP A 621 23.72 -20.06 6.06
CA TRP A 621 23.50 -19.03 5.05
C TRP A 621 24.50 -17.91 5.26
N ASP A 622 25.13 -17.48 4.17
CA ASP A 622 26.07 -16.34 4.18
C ASP A 622 25.29 -15.03 4.26
N SER A 623 24.48 -14.89 5.31
CA SER A 623 23.52 -13.80 5.41
C SER A 623 24.17 -12.47 5.07
N ASN A 624 25.29 -12.16 5.73
CA ASN A 624 25.90 -10.85 5.63
C ASN A 624 26.24 -10.45 4.20
N HIS A 625 26.60 -11.44 3.38
CA HIS A 625 27.26 -11.17 2.11
C HIS A 625 26.37 -11.54 0.92
N SER A 626 25.95 -12.80 0.87
CA SER A 626 25.35 -13.37 -0.33
C SER A 626 24.31 -14.45 -0.03
N ASP A 627 23.79 -15.06 -1.08
CA ASP A 627 22.75 -16.09 -0.96
C ASP A 627 23.34 -17.48 -0.78
N LYS A 628 24.65 -17.54 -0.54
CA LYS A 628 25.39 -18.81 -0.45
C LYS A 628 24.96 -19.69 0.73
N ILE A 629 24.79 -20.97 0.44
CA ILE A 629 24.64 -22.01 1.46
C ILE A 629 25.95 -22.77 1.53
N PHE A 630 26.49 -22.91 2.74
CA PHE A 630 27.83 -23.51 2.93
C PHE A 630 28.09 -24.00 4.35
N GLY A 631 29.13 -24.82 4.48
CA GLY A 631 29.57 -25.32 5.78
C GLY A 631 30.36 -24.25 6.49
N ALA A 632 29.79 -23.71 7.57
CA ALA A 632 30.47 -22.66 8.31
C ALA A 632 30.81 -23.08 9.74
N THR A 633 31.90 -22.53 10.25
CA THR A 633 32.39 -22.85 11.57
C THR A 633 31.64 -22.07 12.65
N GLY A 634 31.85 -22.46 13.91
CA GLY A 634 31.29 -21.76 15.05
C GLY A 634 29.79 -21.91 15.21
N ASP A 635 29.19 -20.90 15.82
CA ASP A 635 27.77 -20.91 16.15
C ASP A 635 27.20 -19.51 15.93
N TYR A 636 26.14 -19.42 15.13
CA TYR A 636 25.48 -18.14 14.81
C TYR A 636 24.04 -18.34 14.33
N ASP A 637 23.25 -17.28 14.42
CA ASP A 637 21.84 -17.28 14.04
C ASP A 637 21.56 -17.85 12.65
N ASP A 638 22.40 -17.50 11.67
CA ASP A 638 22.18 -17.93 10.29
C ASP A 638 22.49 -19.41 10.07
N GLN A 639 22.93 -20.09 11.13
CA GLN A 639 23.18 -21.53 11.09
C GLN A 639 22.07 -22.34 11.76
N TYR A 640 20.93 -21.69 12.03
CA TYR A 640 19.80 -22.37 12.67
C TYR A 640 18.55 -22.39 11.77
N TRP A 641 17.87 -23.53 11.75
CA TRP A 641 16.79 -23.72 10.78
C TRP A 641 15.52 -24.26 11.40
N ILE A 642 14.39 -23.81 10.85
CA ILE A 642 13.06 -24.17 11.31
C ILE A 642 12.41 -24.99 10.22
N PRO A 643 12.26 -26.31 10.44
CA PRO A 643 11.60 -27.22 9.51
C PRO A 643 10.10 -27.07 9.53
N ILE A 644 9.50 -26.83 8.37
CA ILE A 644 8.07 -26.68 8.26
C ILE A 644 7.54 -27.75 7.32
N LEU A 645 6.81 -28.71 7.89
CA LEU A 645 6.13 -29.77 7.15
C LEU A 645 5.23 -29.25 6.00
N GLN A 646 5.41 -29.80 4.81
CA GLN A 646 4.57 -29.46 3.66
C GLN A 646 3.50 -30.54 3.45
N THR A 647 2.46 -30.22 2.69
CA THR A 647 1.31 -31.11 2.52
C THR A 647 1.66 -32.43 1.82
N ASP A 648 2.82 -32.45 1.17
CA ASP A 648 3.24 -33.61 0.42
C ASP A 648 4.27 -34.46 1.19
N GLY A 649 4.48 -34.11 2.46
CA GLY A 649 5.36 -34.86 3.36
C GLY A 649 6.78 -34.36 3.40
N SER A 650 7.11 -33.41 2.52
CA SER A 650 8.43 -32.83 2.49
C SER A 650 8.54 -31.70 3.51
N PHE A 651 9.74 -31.13 3.61
CA PHE A 651 10.02 -30.02 4.51
C PHE A 651 10.64 -28.85 3.78
N ILE A 652 10.41 -27.67 4.34
CA ILE A 652 11.02 -26.45 3.92
C ILE A 652 11.75 -26.01 5.20
N PHE A 653 12.91 -25.40 5.06
CA PHE A 653 13.71 -25.01 6.22
C PHE A 653 13.95 -23.50 6.26
N ARG A 654 13.24 -22.80 7.14
CA ARG A 654 13.42 -21.36 7.26
C ARG A 654 14.63 -21.05 8.12
N ASN A 655 15.36 -20.00 7.75
CA ASN A 655 16.52 -19.56 8.50
C ASN A 655 16.10 -18.75 9.71
N TYR A 656 16.70 -19.08 10.86
CA TYR A 656 16.44 -18.37 12.10
C TYR A 656 16.61 -16.84 11.99
N LYS A 657 17.67 -16.39 11.31
CA LYS A 657 17.99 -14.95 11.21
C LYS A 657 17.00 -14.19 10.33
N ASN A 658 16.53 -14.83 9.25
CA ASN A 658 15.49 -14.27 8.39
C ASN A 658 14.59 -15.41 7.93
N PRO A 659 13.52 -15.71 8.69
CA PRO A 659 12.63 -16.84 8.40
C PRO A 659 11.94 -16.77 7.03
N ASN A 660 12.10 -15.66 6.34
CA ASN A 660 11.67 -15.53 4.94
C ASN A 660 12.66 -16.24 3.98
N LYS A 661 13.85 -16.58 4.48
CA LYS A 661 14.87 -17.30 3.71
C LYS A 661 14.88 -18.80 3.98
N ILE A 662 14.97 -19.59 2.92
CA ILE A 662 15.10 -21.04 3.02
C ILE A 662 16.25 -21.52 2.16
N PHE A 663 16.72 -22.75 2.39
CA PHE A 663 17.73 -23.31 1.49
C PHE A 663 17.15 -24.28 0.46
N GLY A 664 17.48 -24.00 -0.80
CA GLY A 664 17.00 -24.77 -1.93
C GLY A 664 17.93 -24.59 -3.09
N THR A 665 17.44 -24.87 -4.29
CA THR A 665 18.23 -24.71 -5.49
C THR A 665 17.56 -23.69 -6.38
N ASN A 666 18.39 -22.96 -7.13
CA ASN A 666 17.91 -22.13 -8.24
C ASN A 666 17.50 -23.06 -9.36
N GLY A 667 16.23 -22.99 -9.74
CA GLY A 667 15.70 -23.87 -10.80
C GLY A 667 15.83 -25.35 -10.45
N GLN A 668 15.89 -26.18 -11.47
CA GLN A 668 15.92 -27.63 -11.33
C GLN A 668 17.20 -28.14 -10.68
N PRO A 669 17.08 -29.01 -9.64
CA PRO A 669 18.25 -29.68 -9.08
C PRO A 669 18.90 -30.64 -10.07
N ILE A 670 20.18 -30.46 -10.31
CA ILE A 670 21.00 -31.43 -11.07
C ILE A 670 22.30 -31.62 -10.30
N ASN A 671 23.07 -32.65 -10.65
CA ASN A 671 24.31 -32.94 -9.95
C ASN A 671 25.26 -31.74 -9.89
N ASP A 672 25.70 -31.43 -8.66
CA ASP A 672 26.75 -30.44 -8.36
C ASP A 672 26.36 -28.94 -8.42
N ILE A 673 25.07 -28.63 -8.40
CA ILE A 673 24.66 -27.22 -8.32
C ILE A 673 24.48 -26.80 -6.86
N PRO A 674 25.05 -25.65 -6.49
CA PRO A 674 25.03 -25.17 -5.11
C PRO A 674 23.62 -24.85 -4.62
N LEU A 675 23.36 -25.16 -3.35
CA LEU A 675 22.19 -24.68 -2.64
C LEU A 675 22.27 -23.15 -2.53
N LYS A 676 21.11 -22.51 -2.52
CA LYS A 676 21.04 -21.06 -2.47
C LYS A 676 19.93 -20.68 -1.52
N ALA A 677 20.16 -19.61 -0.75
CA ALA A 677 19.16 -19.06 0.13
C ALA A 677 18.22 -18.23 -0.74
N GLN A 678 16.92 -18.40 -0.54
CA GLN A 678 15.93 -17.70 -1.36
C GLN A 678 14.64 -17.42 -0.60
N ASP A 679 13.92 -16.39 -1.04
CA ASP A 679 12.58 -16.09 -0.53
C ASP A 679 11.64 -17.28 -0.73
N VAL A 680 10.88 -17.63 0.30
CA VAL A 680 9.92 -18.72 0.20
C VAL A 680 8.95 -18.49 -0.96
N THR A 681 8.79 -19.51 -1.77
CA THR A 681 8.00 -19.39 -2.98
C THR A 681 7.00 -20.54 -3.10
N GLY A 682 7.19 -21.56 -2.28
CA GLY A 682 6.34 -22.74 -2.28
C GLY A 682 6.61 -23.74 -3.38
N GLN A 683 7.49 -23.39 -4.33
CA GLN A 683 7.82 -24.27 -5.45
C GLN A 683 8.62 -25.46 -4.96
N ASN A 684 8.67 -26.50 -5.79
CA ASN A 684 9.31 -27.76 -5.43
C ASN A 684 10.81 -27.67 -5.18
N ASN A 685 11.48 -26.74 -5.85
CA ASN A 685 12.93 -26.59 -5.73
C ASN A 685 13.39 -26.03 -4.38
N GLN A 686 12.47 -25.87 -3.45
CA GLN A 686 12.79 -25.37 -2.12
C GLN A 686 12.47 -26.41 -1.05
N LYS A 687 12.06 -27.59 -1.50
CA LYS A 687 11.51 -28.59 -0.60
C LYS A 687 12.35 -29.84 -0.58
N TRP A 688 12.42 -30.47 0.58
CA TRP A 688 13.28 -31.63 0.78
C TRP A 688 12.53 -32.73 1.51
N TYR A 689 12.77 -33.96 1.09
CA TYR A 689 12.34 -35.12 1.85
C TYR A 689 13.49 -35.54 2.76
N LEU A 690 13.16 -35.92 4.00
CA LEU A 690 14.17 -36.29 4.99
C LEU A 690 14.35 -37.80 5.08
N ARG A 691 15.57 -38.27 4.90
CA ARG A 691 15.88 -39.65 5.23
C ARG A 691 16.52 -39.63 6.59
N HIS A 692 15.78 -40.18 7.53
CA HIS A 692 16.24 -40.35 8.87
C HIS A 692 16.98 -41.69 8.92
N LEU A 693 18.29 -41.64 8.75
CA LEU A 693 19.13 -42.86 8.67
C LEU A 693 19.11 -43.59 9.98
N ASN A 694 19.03 -42.80 11.03
CA ASN A 694 19.13 -43.23 12.41
C ASN A 694 17.86 -43.93 12.93
N SER A 695 16.82 -44.03 12.10
CA SER A 695 15.47 -44.33 12.62
C SER A 695 15.21 -45.81 12.93
N SER A 696 13.94 -46.11 13.20
CA SER A 696 13.47 -47.46 13.40
C SER A 696 12.49 -47.92 12.33
N ASN A 697 12.33 -47.15 11.25
CA ASN A 697 11.47 -47.61 10.16
C ASN A 697 12.22 -48.55 9.20
N ASN A 698 12.63 -49.70 9.71
CA ASN A 698 13.36 -50.68 8.90
C ASN A 698 12.55 -51.94 8.67
N PHE A 699 12.78 -52.58 7.54
CA PHE A 699 12.13 -53.85 7.24
C PHE A 699 12.75 -54.99 8.05
N THR A 700 11.88 -55.85 8.58
CA THR A 700 12.32 -57.09 9.21
C THR A 700 11.43 -58.24 8.75
N GLY A 701 12.00 -59.43 8.65
CA GLY A 701 11.26 -60.62 8.29
C GLY A 701 11.22 -60.93 6.81
N TYR A 702 10.14 -61.57 6.40
CA TYR A 702 10.07 -62.17 5.08
C TYR A 702 9.08 -61.44 4.19
N PHE A 703 9.42 -61.34 2.91
CA PHE A 703 8.67 -60.52 1.98
C PHE A 703 8.66 -61.16 0.60
N ASN A 704 7.53 -61.03 -0.10
CA ASN A 704 7.51 -61.15 -1.55
C ASN A 704 7.84 -59.76 -2.07
N ILE A 705 8.78 -59.69 -3.01
CA ILE A 705 9.16 -58.41 -3.55
C ILE A 705 8.49 -58.29 -4.90
N SER A 706 7.39 -57.54 -4.93
CA SER A 706 6.57 -57.50 -6.13
C SER A 706 6.76 -56.23 -6.95
N SER A 707 6.54 -56.34 -8.25
CA SER A 707 6.78 -55.23 -9.12
C SER A 707 5.60 -54.24 -9.12
N LYS A 708 5.92 -52.95 -9.01
CA LYS A 708 4.91 -51.92 -9.21
C LYS A 708 4.21 -52.07 -10.56
N LYS A 709 4.92 -52.52 -11.60
CA LYS A 709 4.22 -52.70 -12.89
C LYS A 709 3.10 -53.76 -12.85
N ASN A 710 3.35 -54.86 -12.12
CA ASN A 710 2.45 -56.00 -12.02
C ASN A 710 2.63 -56.63 -10.66
N PHE A 711 1.64 -56.50 -9.80
CA PHE A 711 1.78 -56.90 -8.41
C PHE A 711 1.92 -58.42 -8.21
N ASN A 712 1.54 -59.19 -9.23
CA ASN A 712 1.62 -60.62 -9.15
C ASN A 712 2.94 -61.16 -9.69
N LYS A 713 3.79 -60.25 -10.17
CA LYS A 713 5.09 -60.63 -10.65
C LYS A 713 6.13 -60.27 -9.58
N ILE A 714 6.85 -61.28 -9.10
CA ILE A 714 7.74 -61.12 -7.94
C ILE A 714 9.15 -61.71 -8.10
N ILE A 715 10.10 -61.16 -7.35
CA ILE A 715 11.49 -61.56 -7.48
C ILE A 715 11.63 -63.02 -7.03
N THR A 716 12.23 -63.84 -7.90
CA THR A 716 12.28 -65.27 -7.66
C THR A 716 13.67 -65.83 -7.91
N MET A 717 14.18 -66.60 -6.97
CA MET A 717 15.43 -67.32 -7.17
C MET A 717 15.15 -68.50 -8.10
N ASN A 718 15.97 -68.68 -9.15
CA ASN A 718 15.74 -69.80 -10.07
C ASN A 718 16.08 -71.15 -9.45
N SER A 719 15.72 -72.26 -10.12
CA SER A 719 15.93 -73.58 -9.56
C SER A 719 17.39 -73.90 -9.23
N ASN A 720 18.31 -73.47 -10.10
CA ASN A 720 19.76 -73.65 -9.92
C ASN A 720 20.34 -72.83 -8.79
N LYS A 721 19.59 -71.83 -8.34
CA LYS A 721 20.02 -70.90 -7.26
C LYS A 721 21.21 -70.06 -7.74
N THR A 722 21.15 -69.63 -9.00
CA THR A 722 22.24 -68.82 -9.57
C THR A 722 21.82 -67.38 -9.84
N GLN A 723 20.55 -67.17 -10.19
CA GLN A 723 20.07 -65.86 -10.66
C GLN A 723 18.71 -65.48 -10.09
N ALA A 724 18.47 -64.19 -9.94
CA ALA A 724 17.14 -63.70 -9.63
C ALA A 724 16.38 -63.53 -10.93
N VAL A 725 15.11 -63.93 -10.94
CA VAL A 725 14.23 -63.72 -12.08
C VAL A 725 12.89 -63.17 -11.60
N ILE A 726 12.04 -62.78 -12.54
CA ILE A 726 10.66 -62.39 -12.23
C ILE A 726 9.77 -63.58 -12.55
N PHE A 727 8.69 -63.77 -11.80
CA PHE A 727 7.83 -64.93 -12.00
C PHE A 727 6.51 -64.74 -11.25
N ASP A 728 5.41 -65.30 -11.75
CA ASP A 728 4.14 -65.23 -11.04
C ASP A 728 4.34 -65.61 -9.57
N ASN A 729 3.61 -64.95 -8.68
CA ASN A 729 3.60 -65.33 -7.28
C ASN A 729 2.88 -66.68 -7.16
N ILE A 730 3.63 -67.73 -6.84
CA ILE A 730 3.07 -69.07 -6.67
C ILE A 730 3.32 -69.60 -5.26
N GLY A 731 3.70 -68.69 -4.37
CA GLY A 731 3.86 -68.98 -2.94
C GLY A 731 4.99 -69.92 -2.54
N ILE A 732 6.10 -69.90 -3.26
CA ILE A 732 7.18 -70.87 -3.03
C ILE A 732 8.31 -70.32 -2.17
N ASN A 733 9.12 -71.23 -1.62
CA ASN A 733 10.27 -70.82 -0.79
C ASN A 733 11.21 -69.84 -1.51
N ASN A 734 11.41 -70.05 -2.83
CA ASN A 734 12.28 -69.19 -3.64
C ASN A 734 11.74 -67.78 -3.95
N GLN A 735 10.60 -67.42 -3.37
CA GLN A 735 9.99 -66.12 -3.61
C GLN A 735 9.80 -65.39 -2.29
N SER A 736 10.28 -66.01 -1.22
CA SER A 736 10.12 -65.42 0.08
C SER A 736 11.47 -65.01 0.65
N TRP A 737 11.77 -63.73 0.52
CA TRP A 737 13.09 -63.20 0.86
C TRP A 737 13.15 -62.61 2.26
N LYS A 738 14.18 -62.99 3.01
CA LYS A 738 14.45 -62.41 4.30
C LYS A 738 15.19 -61.09 4.10
N LEU A 739 14.75 -60.06 4.80
CA LEU A 739 15.46 -58.80 4.78
C LEU A 739 16.24 -58.61 6.06
N LYS A 740 17.57 -58.68 5.94
CA LYS A 740 18.46 -58.59 7.07
C LYS A 740 19.10 -57.22 7.09
N TYR A 741 18.62 -56.39 8.00
CA TYR A 741 19.06 -55.02 8.06
C TYR A 741 20.41 -54.91 8.75
N ASN A 742 21.31 -54.14 8.15
CA ASN A 742 22.56 -53.81 8.81
C ASN A 742 22.56 -52.34 9.18
N ASP A 743 22.53 -52.09 10.48
CA ASP A 743 22.44 -50.75 11.04
C ASP A 743 23.63 -49.83 10.71
N ASN A 744 24.83 -50.40 10.57
CA ASN A 744 26.02 -49.62 10.23
C ASN A 744 25.96 -49.11 8.80
N LYS A 745 25.38 -49.92 7.92
CA LYS A 745 25.41 -49.65 6.50
C LYS A 745 24.16 -49.00 6.00
N ASN A 746 23.12 -48.97 6.82
CA ASN A 746 21.81 -48.46 6.41
C ASN A 746 21.29 -49.23 5.20
N ALA A 747 21.71 -50.49 5.08
CA ALA A 747 21.36 -51.33 3.94
C ALA A 747 20.96 -52.75 4.38
N TYR A 748 20.38 -53.49 3.45
CA TYR A 748 19.88 -54.84 3.70
C TYR A 748 20.61 -55.90 2.88
N GLN A 749 20.88 -57.03 3.52
CA GLN A 749 21.11 -58.23 2.74
C GLN A 749 19.74 -58.85 2.51
N ILE A 750 19.55 -59.36 1.31
CA ILE A 750 18.27 -59.92 0.90
C ILE A 750 18.55 -61.35 0.49
N HIS A 751 18.04 -62.30 1.28
CA HIS A 751 18.48 -63.69 1.14
C HIS A 751 17.42 -64.77 1.41
N ILE A 752 17.63 -65.94 0.79
CA ILE A 752 16.84 -67.13 1.07
C ILE A 752 17.81 -68.19 1.51
N LEU A 753 17.68 -68.60 2.77
CA LEU A 753 18.71 -69.39 3.43
C LEU A 753 20.09 -68.71 3.22
N ASP A 754 21.07 -69.43 2.69
CA ASP A 754 22.42 -68.87 2.51
C ASP A 754 22.64 -68.31 1.08
N ASN A 755 21.55 -68.01 0.38
CA ASN A 755 21.62 -67.51 -0.96
C ASN A 755 21.28 -66.03 -0.94
N PHE A 756 22.19 -65.19 -1.44
CA PHE A 756 22.06 -63.75 -1.32
C PHE A 756 21.88 -63.06 -2.68
N LEU A 757 20.94 -62.14 -2.74
CA LEU A 757 20.86 -61.21 -3.88
C LEU A 757 22.20 -60.48 -3.99
N TYR A 758 22.84 -60.61 -5.15
CA TYR A 758 24.25 -60.25 -5.30
C TYR A 758 24.51 -59.51 -6.62
N PHE A 759 25.15 -58.36 -6.51
CA PHE A 759 25.43 -57.47 -7.64
C PHE A 759 26.55 -58.04 -8.50
N GLN A 760 26.35 -57.95 -9.81
CA GLN A 760 27.28 -58.54 -10.76
C GLN A 760 27.72 -57.52 -11.79
N GLY A 761 27.45 -56.25 -11.52
CA GLY A 761 27.80 -55.19 -12.46
C GLY A 761 26.55 -54.59 -13.06
N GLY A 762 26.62 -53.32 -13.44
CA GLY A 762 25.56 -52.66 -14.20
C GLY A 762 25.37 -53.39 -15.52
N HIS A 763 24.12 -53.41 -15.99
CA HIS A 763 23.66 -54.17 -17.19
C HIS A 763 23.58 -55.70 -16.97
N ASN A 764 24.02 -56.21 -15.82
CA ASN A 764 24.15 -57.66 -15.70
C ASN A 764 23.06 -58.29 -14.86
N ILE A 765 22.75 -59.54 -15.14
CA ILE A 765 21.82 -60.29 -14.31
C ILE A 765 22.28 -60.32 -12.84
N VAL A 766 21.33 -60.16 -11.94
CA VAL A 766 21.61 -60.24 -10.52
C VAL A 766 21.74 -61.70 -10.08
N ALA A 767 22.87 -62.03 -9.44
CA ALA A 767 23.11 -63.41 -8.98
C ALA A 767 22.47 -63.67 -7.61
N THR A 768 22.37 -64.95 -7.26
CA THR A 768 22.09 -65.33 -5.89
C THR A 768 23.32 -66.10 -5.45
N MET A 769 24.05 -65.57 -4.48
CA MET A 769 25.35 -66.11 -4.11
C MET A 769 25.40 -66.72 -2.73
N ARG A 770 26.06 -67.85 -2.61
CA ARG A 770 26.34 -68.48 -1.32
C ARG A 770 27.61 -67.90 -0.70
N ASN A 771 27.82 -68.12 0.59
CA ASN A 771 29.15 -67.88 1.19
C ASN A 771 29.49 -66.38 1.29
N VAL A 772 28.52 -65.47 1.31
CA VAL A 772 28.88 -64.05 1.30
C VAL A 772 29.35 -63.55 2.66
N THR A 773 30.42 -62.76 2.66
CA THR A 773 30.97 -62.22 3.91
C THR A 773 30.15 -61.01 4.34
N ASN A 774 30.18 -60.71 5.63
CA ASN A 774 29.35 -59.63 6.18
C ASN A 774 29.65 -58.23 5.64
N ASP A 775 30.86 -58.04 5.12
CA ASP A 775 31.25 -56.74 4.61
C ASP A 775 31.20 -56.62 3.08
N ASP A 776 30.70 -57.66 2.40
CA ASP A 776 30.64 -57.65 0.94
C ASP A 776 29.50 -56.77 0.40
N LEU A 777 29.84 -55.51 0.06
CA LEU A 777 28.84 -54.53 -0.37
C LEU A 777 28.02 -54.97 -1.58
N ARG A 778 28.53 -55.93 -2.36
CA ARG A 778 27.74 -56.44 -3.47
C ARG A 778 26.46 -57.16 -3.04
N SER A 779 26.42 -57.62 -1.79
CA SER A 779 25.23 -58.28 -1.24
C SER A 779 24.31 -57.34 -0.44
N TYR A 780 24.66 -56.04 -0.39
CA TYR A 780 23.90 -55.04 0.36
C TYR A 780 23.07 -54.17 -0.55
N TRP A 781 21.86 -53.85 -0.11
CA TRP A 781 20.94 -53.08 -0.95
C TRP A 781 20.29 -51.98 -0.09
N TYR A 782 20.20 -50.79 -0.65
CA TYR A 782 19.39 -49.73 -0.05
C TYR A 782 17.97 -49.88 -0.57
N VAL A 783 17.00 -49.75 0.33
CA VAL A 783 15.61 -49.77 -0.05
C VAL A 783 15.05 -48.36 0.17
N GLU A 784 14.72 -47.67 -0.91
CA GLU A 784 14.42 -46.24 -0.85
C GLU A 784 13.02 -45.98 -1.36
N TYR A 785 12.18 -45.38 -0.53
CA TYR A 785 10.85 -45.02 -0.93
C TYR A 785 10.89 -43.78 -1.82
N ASN A 786 10.17 -43.85 -2.95
CA ASN A 786 10.04 -42.71 -3.82
C ASN A 786 8.63 -42.15 -3.76
N PHE A 787 8.51 -40.89 -3.34
CA PHE A 787 7.22 -40.30 -2.98
C PHE A 787 6.37 -40.00 -4.19
N ASN A 788 7.03 -39.53 -5.24
CA ASN A 788 6.34 -39.14 -6.44
C ASN A 788 5.87 -40.36 -7.27
N LYS A 789 6.72 -41.37 -7.46
CA LYS A 789 6.31 -42.59 -8.17
C LYS A 789 5.59 -43.61 -7.29
N ASP A 790 5.67 -43.45 -5.97
CA ASP A 790 4.93 -44.31 -5.05
C ASP A 790 5.43 -45.77 -5.10
N GLY A 791 6.71 -45.99 -4.82
CA GLY A 791 7.27 -47.32 -4.84
C GLY A 791 8.67 -47.25 -4.29
N PHE A 792 9.31 -48.40 -4.10
CA PHE A 792 10.64 -48.47 -3.52
C PHE A 792 11.64 -48.84 -4.58
N ILE A 793 12.78 -48.16 -4.53
CA ILE A 793 13.93 -48.45 -5.35
C ILE A 793 14.77 -49.36 -4.48
N ILE A 794 15.41 -50.33 -5.12
CA ILE A 794 16.32 -51.20 -4.46
C ILE A 794 17.66 -51.01 -5.15
N ARG A 795 18.57 -50.32 -4.47
CA ARG A 795 19.80 -49.83 -5.04
C ARG A 795 20.99 -50.54 -4.40
N ASN A 796 21.94 -50.95 -5.23
CA ASN A 796 23.09 -51.68 -4.74
C ASN A 796 24.01 -50.81 -3.90
N ALA A 797 24.67 -51.41 -2.90
CA ALA A 797 25.58 -50.67 -2.04
C ALA A 797 27.03 -50.64 -2.57
N PHE A 798 27.40 -51.62 -3.40
CA PHE A 798 28.74 -51.65 -3.94
C PHE A 798 28.92 -50.52 -4.94
N ASP A 799 27.93 -50.38 -5.81
CA ASP A 799 27.91 -49.31 -6.79
C ASP A 799 26.51 -48.73 -6.76
N THR A 800 26.39 -47.52 -6.21
CA THR A 800 25.08 -46.94 -5.92
C THR A 800 24.39 -46.36 -7.15
N SER A 801 24.98 -46.57 -8.31
CA SER A 801 24.41 -46.10 -9.58
C SER A 801 23.35 -47.06 -10.10
N TYR A 802 23.28 -48.26 -9.54
CA TYR A 802 22.48 -49.31 -10.15
C TYR A 802 21.41 -49.81 -9.23
N VAL A 803 20.24 -50.08 -9.83
CA VAL A 803 19.07 -50.53 -9.10
C VAL A 803 18.43 -51.77 -9.74
N LEU A 804 17.74 -52.59 -8.95
CA LEU A 804 17.10 -53.77 -9.48
C LEU A 804 16.09 -53.36 -10.54
N ASP A 805 16.04 -54.13 -11.62
CA ASP A 805 15.33 -53.74 -12.82
C ASP A 805 14.87 -55.03 -13.51
N VAL A 806 13.58 -55.12 -13.80
CA VAL A 806 13.04 -56.25 -14.57
C VAL A 806 13.42 -56.05 -16.03
N PHE A 807 14.31 -56.93 -16.51
CA PHE A 807 15.00 -56.77 -17.80
C PHE A 807 14.05 -56.38 -18.91
N GLN A 808 14.34 -55.26 -19.59
CA GLN A 808 13.61 -54.88 -20.79
C GLN A 808 12.14 -54.55 -20.51
N GLY A 809 11.79 -54.46 -19.24
CA GLY A 809 10.41 -54.33 -18.79
C GLY A 809 9.54 -55.47 -19.31
N ASN A 810 10.14 -56.64 -19.50
CA ASN A 810 9.43 -57.81 -19.99
C ASN A 810 8.96 -58.61 -18.80
N PHE A 811 7.66 -58.81 -18.69
CA PHE A 811 7.14 -59.51 -17.53
C PHE A 811 6.81 -60.97 -17.76
N ALA A 812 7.29 -61.53 -18.87
CA ALA A 812 7.16 -62.96 -19.08
C ALA A 812 7.91 -63.68 -17.95
N ASN A 813 7.31 -64.77 -17.46
CA ASN A 813 7.97 -65.63 -16.49
C ASN A 813 9.41 -65.98 -16.90
N ASN A 814 10.31 -65.84 -15.93
CA ASN A 814 11.74 -66.17 -16.05
C ASN A 814 12.61 -65.09 -16.68
N THR A 815 12.04 -63.93 -16.95
CA THR A 815 12.82 -62.78 -17.37
C THR A 815 13.76 -62.44 -16.21
N PRO A 816 15.07 -62.38 -16.45
CA PRO A 816 16.02 -62.08 -15.37
C PRO A 816 15.81 -60.70 -14.75
N ILE A 817 16.26 -60.54 -13.51
CA ILE A 817 16.42 -59.23 -12.88
C ILE A 817 17.83 -58.84 -13.18
N ILE A 818 18.04 -57.63 -13.70
CA ILE A 818 19.38 -57.05 -13.92
C ILE A 818 19.55 -55.87 -12.98
N THR A 819 20.70 -55.20 -13.01
CA THR A 819 20.78 -53.89 -12.38
C THR A 819 21.04 -52.87 -13.46
N TYR A 820 20.44 -51.70 -13.32
CA TYR A 820 20.47 -50.71 -14.36
C TYR A 820 20.40 -49.36 -13.70
N GLN A 821 20.77 -48.32 -14.44
CA GLN A 821 20.62 -46.95 -13.93
C GLN A 821 19.16 -46.66 -13.58
N ASN A 822 18.97 -45.81 -12.58
CA ASN A 822 17.64 -45.49 -12.13
C ASN A 822 16.91 -44.50 -13.02
N TYR A 823 15.81 -44.93 -13.62
CA TYR A 823 14.95 -44.02 -14.39
C TYR A 823 13.58 -43.77 -13.70
N LEU A 824 13.34 -44.43 -12.57
CA LEU A 824 12.02 -44.52 -11.94
C LEU A 824 10.95 -45.14 -12.86
N ASN A 825 11.39 -46.02 -13.75
CA ASN A 825 10.47 -46.82 -14.55
C ASN A 825 9.72 -47.81 -13.66
N ASP A 826 8.52 -48.17 -14.07
CA ASP A 826 7.69 -49.11 -13.32
C ASP A 826 8.37 -50.45 -13.10
N ASN A 827 9.19 -50.89 -14.05
CA ASN A 827 9.91 -52.13 -13.87
C ASN A 827 11.13 -51.97 -12.97
N GLN A 828 11.30 -50.79 -12.34
CA GLN A 828 12.39 -50.55 -11.36
C GLN A 828 11.85 -50.21 -9.96
N LEU A 829 10.54 -50.28 -9.81
CA LEU A 829 9.86 -49.93 -8.55
C LEU A 829 9.22 -51.17 -7.91
N TRP A 830 9.27 -51.23 -6.58
CA TRP A 830 8.95 -52.48 -5.89
C TRP A 830 8.06 -52.25 -4.69
N ASN A 831 7.23 -53.25 -4.39
CA ASN A 831 6.48 -53.30 -3.15
C ASN A 831 7.04 -54.43 -2.29
N PHE A 832 6.86 -54.31 -0.98
CA PHE A 832 7.25 -55.36 -0.06
C PHE A 832 6.05 -55.90 0.66
N ILE A 833 5.64 -57.10 0.29
CA ILE A 833 4.48 -57.74 0.87
C ILE A 833 4.93 -58.83 1.83
N PRO A 834 4.57 -58.69 3.12
CA PRO A 834 4.88 -59.70 4.13
C PRO A 834 4.59 -61.11 3.64
N SER A 835 5.55 -62.01 3.82
CA SER A 835 5.37 -63.40 3.46
C SER A 835 5.77 -64.28 4.62
N LEU A 836 5.85 -65.58 4.36
CA LEU A 836 6.13 -66.55 5.42
C LEU A 836 7.51 -67.16 5.20
N GLY A 837 8.17 -67.48 6.31
CA GLY A 837 9.49 -68.10 6.26
C GLY A 837 9.48 -69.46 6.92
N SER B 2 18.88 40.66 -30.80
CA SER B 2 18.91 42.14 -30.67
C SER B 2 20.20 42.62 -30.00
N PRO B 3 20.84 43.68 -30.56
CA PRO B 3 22.03 44.29 -29.93
C PRO B 3 21.73 45.09 -28.66
N ASN B 4 22.64 45.03 -27.69
CA ASN B 4 22.59 45.81 -26.43
C ASN B 4 21.40 45.59 -25.48
N SER B 5 20.53 44.63 -25.81
CA SER B 5 19.47 44.18 -24.88
C SER B 5 20.08 43.52 -23.62
N PRO B 6 19.25 43.10 -22.65
CA PRO B 6 19.83 42.42 -21.47
C PRO B 6 20.60 41.15 -21.83
N LYS B 7 21.59 40.83 -21.02
CA LYS B 7 22.47 39.69 -21.25
C LYS B 7 21.77 38.34 -21.03
N ASP B 8 20.73 38.35 -20.20
CA ASP B 8 19.98 37.14 -19.84
C ASP B 8 18.48 37.36 -19.52
N ASN B 9 17.82 36.23 -19.25
CA ASN B 9 16.45 36.15 -18.71
C ASN B 9 16.10 37.00 -17.49
N THR B 10 17.08 37.21 -16.62
CA THR B 10 16.82 37.53 -15.22
C THR B 10 15.73 38.57 -14.96
N TRP B 11 15.73 39.63 -15.76
CA TRP B 11 14.84 40.77 -15.50
C TRP B 11 13.35 40.45 -15.54
N ILE B 12 13.01 39.33 -16.17
CA ILE B 12 11.62 38.86 -16.26
C ILE B 12 11.39 37.41 -15.76
N GLN B 13 12.33 36.86 -14.98
CA GLN B 13 12.22 35.45 -14.52
C GLN B 13 11.05 35.21 -13.56
N ALA B 14 10.53 36.29 -13.00
CA ALA B 14 9.47 36.22 -12.01
C ALA B 14 8.08 36.23 -12.63
N ALA B 15 8.01 36.45 -13.95
CA ALA B 15 6.74 36.70 -14.63
C ALA B 15 5.66 35.67 -14.30
N SER B 16 4.52 36.20 -13.88
CA SER B 16 3.27 35.46 -13.79
C SER B 16 2.87 35.01 -15.19
N LEU B 17 3.14 35.87 -16.18
CA LEU B 17 3.00 35.52 -17.60
C LEU B 17 4.18 34.66 -18.06
N THR B 18 4.12 33.37 -17.75
CA THR B 18 5.28 32.48 -17.91
C THR B 18 5.82 32.41 -19.34
N TRP B 19 4.94 32.49 -20.34
CA TRP B 19 5.33 32.42 -21.76
C TRP B 19 6.27 33.55 -22.14
N LEU B 20 6.24 34.60 -21.33
CA LEU B 20 7.04 35.81 -21.60
C LEU B 20 8.53 35.62 -21.33
N MET B 21 8.86 34.64 -20.48
CA MET B 21 10.21 34.46 -19.94
C MET B 21 11.28 34.13 -20.99
N ASP B 22 10.87 33.55 -22.12
CA ASP B 22 11.83 33.20 -23.17
C ASP B 22 11.78 34.20 -24.32
N MET B 23 11.23 35.37 -24.03
CA MET B 23 11.08 36.43 -25.03
C MET B 23 11.79 37.73 -24.65
N SER B 24 12.94 37.61 -23.97
CA SER B 24 13.69 38.77 -23.51
C SER B 24 14.01 39.74 -24.64
N SER B 25 14.64 39.25 -25.71
CA SER B 25 15.01 40.16 -26.79
C SER B 25 13.81 40.94 -27.33
N LEU B 26 12.73 40.24 -27.64
CA LEU B 26 11.54 40.91 -28.17
C LEU B 26 10.95 41.91 -27.20
N LEU B 27 10.77 41.49 -25.94
CA LEU B 27 10.16 42.36 -24.97
C LEU B 27 10.97 43.65 -24.78
N TYR B 28 12.29 43.52 -24.73
CA TYR B 28 13.13 44.69 -24.60
C TYR B 28 12.98 45.63 -25.78
N GLN B 29 12.88 45.08 -26.99
CA GLN B 29 12.63 45.91 -28.17
C GLN B 29 11.29 46.65 -28.08
N LEU B 30 10.21 45.94 -27.77
CA LEU B 30 8.88 46.55 -27.66
C LEU B 30 8.81 47.65 -26.60
N ILE B 31 9.42 47.39 -25.44
CA ILE B 31 9.50 48.41 -24.40
C ILE B 31 10.34 49.62 -24.83
N SER B 32 11.50 49.38 -25.42
CA SER B 32 12.41 50.48 -25.79
C SER B 32 11.91 51.39 -26.91
N THR B 33 11.16 50.82 -27.86
CA THR B 33 10.77 51.55 -29.06
C THR B 33 9.98 52.85 -28.78
N ARG B 34 9.22 52.86 -27.69
CA ARG B 34 8.49 54.04 -27.25
C ARG B 34 9.23 54.85 -26.18
N ILE B 35 10.53 54.61 -26.01
CA ILE B 35 11.33 55.39 -25.06
C ILE B 35 12.37 56.25 -25.78
N PRO B 36 12.12 57.57 -25.83
CA PRO B 36 13.05 58.51 -26.46
C PRO B 36 14.43 58.50 -25.80
N SER B 37 15.48 58.56 -26.62
CA SER B 37 16.85 58.49 -26.15
C SER B 37 17.11 59.41 -24.94
N PHE B 38 16.61 60.64 -25.00
CA PHE B 38 16.81 61.61 -23.90
C PHE B 38 16.13 61.21 -22.58
N ALA B 39 15.00 60.50 -22.67
CA ALA B 39 14.27 60.06 -21.47
C ALA B 39 15.00 58.96 -20.71
N SER B 40 15.84 58.22 -21.42
CA SER B 40 16.62 57.13 -20.87
C SER B 40 17.96 57.07 -21.60
N PRO B 41 18.91 57.91 -21.19
CA PRO B 41 20.16 58.03 -21.94
C PRO B 41 20.98 56.73 -21.97
N ASN B 42 20.94 55.97 -20.87
CA ASN B 42 21.69 54.72 -20.77
C ASN B 42 20.85 53.47 -21.06
N GLY B 43 19.58 53.66 -21.41
CA GLY B 43 18.64 52.54 -21.54
C GLY B 43 18.17 52.11 -20.17
N LEU B 44 17.13 51.29 -20.10
CA LEU B 44 16.63 50.93 -18.78
C LEU B 44 17.62 50.09 -17.96
N HIS B 45 17.59 50.30 -16.65
CA HIS B 45 18.47 49.60 -15.74
C HIS B 45 17.67 48.51 -15.05
N MET B 46 18.20 47.28 -15.10
CA MET B 46 17.58 46.14 -14.45
C MET B 46 18.27 45.90 -13.11
N ARG B 47 17.48 45.57 -12.08
CA ARG B 47 18.05 45.29 -10.75
C ARG B 47 19.18 44.27 -10.85
N GLU B 48 20.32 44.61 -10.24
CA GLU B 48 21.45 43.70 -10.22
C GLU B 48 21.40 42.89 -8.93
N GLN B 49 22.02 41.72 -8.96
CA GLN B 49 22.22 40.89 -7.77
C GLN B 49 20.91 40.42 -7.11
N THR B 50 19.86 40.19 -7.91
CA THR B 50 18.59 39.65 -7.38
C THR B 50 18.74 38.16 -7.11
N ILE B 51 19.69 37.55 -7.81
CA ILE B 51 20.04 36.14 -7.69
C ILE B 51 21.52 36.04 -7.30
N ASP B 52 21.86 34.96 -6.61
CA ASP B 52 23.26 34.62 -6.29
C ASP B 52 23.95 34.08 -7.56
N SER B 53 25.27 33.92 -7.50
CA SER B 53 25.98 33.23 -8.59
C SER B 53 26.87 32.10 -8.04
N ASN B 54 26.49 31.60 -6.87
CA ASN B 54 27.13 30.45 -6.25
C ASN B 54 26.07 29.38 -6.00
N THR B 55 24.81 29.73 -6.30
CA THR B 55 23.66 28.87 -6.04
C THR B 55 22.55 29.08 -7.08
N GLY B 56 22.45 30.29 -7.62
CA GLY B 56 21.37 30.64 -8.55
C GLY B 56 20.09 31.03 -7.84
N GLN B 57 20.08 30.84 -6.52
CA GLN B 57 18.91 31.08 -5.67
C GLN B 57 18.58 32.57 -5.55
N ILE B 58 17.31 32.86 -5.31
CA ILE B 58 16.88 34.23 -5.08
C ILE B 58 17.52 34.78 -3.80
N GLN B 59 18.12 35.96 -3.91
CA GLN B 59 18.79 36.60 -2.78
C GLN B 59 17.77 37.23 -1.84
N ILE B 60 17.76 36.74 -0.61
CA ILE B 60 16.83 37.22 0.38
C ILE B 60 17.58 38.02 1.45
N ASP B 61 17.62 39.33 1.25
CA ASP B 61 18.16 40.29 2.22
C ASP B 61 17.49 41.65 2.05
N ASN B 62 17.79 42.56 2.98
CA ASN B 62 17.16 43.88 3.02
C ASN B 62 17.29 44.69 1.74
N GLU B 63 18.46 44.60 1.11
CA GLU B 63 18.75 45.31 -0.13
C GLU B 63 17.81 44.95 -1.29
N HIS B 64 17.21 43.78 -1.25
CA HIS B 64 16.38 43.33 -2.36
C HIS B 64 14.95 43.09 -1.92
N ARG B 65 14.66 43.43 -0.66
CA ARG B 65 13.32 43.29 -0.14
C ARG B 65 12.37 44.28 -0.81
N LEU B 66 11.29 43.74 -1.37
CA LEU B 66 10.29 44.57 -2.03
C LEU B 66 8.95 44.48 -1.35
N LEU B 67 8.15 45.50 -1.57
CA LEU B 67 6.83 45.61 -0.98
C LEU B 67 5.81 46.03 -2.03
N ARG B 68 4.60 45.48 -1.94
CA ARG B 68 3.52 45.93 -2.79
C ARG B 68 2.23 46.14 -2.00
N TRP B 69 1.74 47.39 -2.02
CA TRP B 69 0.45 47.70 -1.44
C TRP B 69 -0.65 47.27 -2.40
N ASP B 70 -1.62 46.51 -1.89
CA ASP B 70 -2.68 45.95 -2.73
C ASP B 70 -3.95 45.68 -1.92
N ARG B 71 -5.10 46.00 -2.52
CA ARG B 71 -6.41 45.87 -1.86
C ARG B 71 -6.93 44.43 -1.90
N ARG B 72 -6.35 43.61 -2.76
CA ARG B 72 -6.73 42.21 -2.86
C ARG B 72 -6.11 41.37 -1.73
N PRO B 73 -6.89 40.42 -1.17
CA PRO B 73 -6.45 39.63 -0.05
C PRO B 73 -5.66 38.36 -0.44
N PRO B 74 -5.07 37.67 0.56
CA PRO B 74 -4.24 36.49 0.31
C PRO B 74 -4.95 35.35 -0.42
N ASN B 75 -6.23 35.09 -0.09
CA ASN B 75 -6.99 34.04 -0.77
C ASN B 75 -6.95 34.20 -2.28
N ASP B 76 -6.72 35.44 -2.72
CA ASP B 76 -6.49 35.77 -4.12
C ASP B 76 -4.97 35.82 -4.41
N ILE B 77 -4.24 36.72 -3.76
CA ILE B 77 -2.84 36.99 -4.11
C ILE B 77 -1.88 35.81 -3.91
N PHE B 78 -2.02 35.10 -2.80
CA PHE B 78 -1.19 33.93 -2.51
C PHE B 78 -1.50 32.77 -3.46
N LEU B 79 -2.70 32.77 -4.02
CA LEU B 79 -3.12 31.73 -4.95
C LEU B 79 -2.65 32.05 -6.38
N ASN B 80 -2.84 33.31 -6.78
CA ASN B 80 -2.66 33.69 -8.18
C ASN B 80 -1.36 34.45 -8.44
N GLY B 81 -0.76 34.98 -7.38
CA GLY B 81 0.38 35.88 -7.54
C GLY B 81 -0.09 37.23 -8.03
N PHE B 82 0.83 38.03 -8.56
CA PHE B 82 0.46 39.32 -9.14
C PHE B 82 0.39 39.20 -10.66
N ILE B 83 -0.83 39.00 -11.18
CA ILE B 83 -1.07 38.93 -12.61
C ILE B 83 -1.34 40.34 -13.16
N PRO B 84 -0.63 40.76 -14.23
CA PRO B 84 -0.86 42.07 -14.88
C PRO B 84 -2.27 42.26 -15.42
N ARG B 85 -2.67 43.51 -15.58
CA ARG B 85 -3.98 43.84 -16.18
C ARG B 85 -4.08 43.43 -17.66
N VAL B 86 -2.94 43.29 -18.33
CA VAL B 86 -2.90 42.75 -19.69
C VAL B 86 -2.21 41.38 -19.64
N THR B 87 -2.86 40.37 -20.23
CA THR B 87 -2.37 38.99 -20.20
C THR B 87 -2.37 38.36 -21.59
N ASN B 88 -2.63 39.19 -22.60
CA ASN B 88 -2.73 38.76 -24.00
C ASN B 88 -1.37 38.35 -24.60
N GLN B 89 -1.31 37.19 -25.24
CA GLN B 89 -0.04 36.69 -25.81
C GLN B 89 0.41 37.43 -27.08
N ASN B 90 -0.55 38.06 -27.77
CA ASN B 90 -0.25 38.90 -28.92
C ASN B 90 0.09 40.34 -28.51
N LEU B 91 1.32 40.53 -28.03
CA LEU B 91 1.74 41.82 -27.47
C LEU B 91 1.95 42.93 -28.49
N SER B 92 1.51 44.13 -28.12
CA SER B 92 1.63 45.33 -28.93
C SER B 92 2.51 46.38 -28.22
N PRO B 93 3.34 47.10 -28.98
CA PRO B 93 4.13 48.14 -28.32
C PRO B 93 3.40 49.47 -28.15
N VAL B 94 2.20 49.61 -28.71
CA VAL B 94 1.38 50.82 -28.57
C VAL B 94 0.94 51.12 -27.12
N GLU B 95 0.34 50.13 -26.45
CA GLU B 95 -0.15 50.28 -25.07
C GLU B 95 0.28 49.16 -24.14
N ASP B 96 0.04 47.91 -24.53
CA ASP B 96 0.38 46.73 -23.71
C ASP B 96 1.75 46.82 -23.00
N THR B 97 2.75 47.32 -23.72
CA THR B 97 4.11 47.35 -23.16
C THR B 97 4.63 48.79 -23.02
N HIS B 98 3.71 49.73 -23.01
CA HIS B 98 4.05 51.15 -23.04
C HIS B 98 4.37 51.61 -21.63
N LEU B 99 5.63 51.46 -21.22
CA LEU B 99 6.04 51.66 -19.83
C LEU B 99 5.75 53.08 -19.33
N LEU B 100 6.21 54.07 -20.09
CA LEU B 100 6.06 55.46 -19.70
C LEU B 100 4.60 55.88 -19.55
N ASN B 101 3.75 55.38 -20.44
CA ASN B 101 2.32 55.65 -20.33
C ASN B 101 1.75 55.08 -19.03
N TYR B 102 2.12 53.84 -18.73
CA TYR B 102 1.76 53.19 -17.47
C TYR B 102 2.23 54.00 -16.25
N LEU B 103 3.48 54.47 -16.29
CA LEU B 103 4.06 55.26 -15.22
C LEU B 103 3.40 56.62 -15.05
N ARG B 104 2.94 57.20 -16.17
CA ARG B 104 2.32 58.53 -16.16
C ARG B 104 0.80 58.51 -15.96
N THR B 105 0.17 57.43 -16.39
CA THR B 105 -1.30 57.39 -16.49
C THR B 105 -1.93 56.21 -15.74
N ASN B 106 -1.10 55.25 -15.33
CA ASN B 106 -1.58 53.96 -14.80
C ASN B 106 -2.49 53.20 -15.79
N SER B 107 -2.12 53.26 -17.06
CA SER B 107 -2.81 52.56 -18.14
C SER B 107 -2.58 51.05 -18.04
N PRO B 108 -3.59 50.26 -18.46
CA PRO B 108 -3.43 48.80 -18.44
C PRO B 108 -2.21 48.37 -19.26
N SER B 109 -1.44 47.46 -18.69
CA SER B 109 -0.18 47.03 -19.27
C SER B 109 0.24 45.68 -18.71
N ILE B 110 1.40 45.20 -19.14
CA ILE B 110 1.94 43.94 -18.66
C ILE B 110 2.71 44.16 -17.37
N PHE B 111 2.70 45.40 -16.88
CA PHE B 111 3.56 45.79 -15.77
C PHE B 111 2.88 45.68 -14.40
N VAL B 112 3.68 45.28 -13.42
CA VAL B 112 3.24 45.21 -12.03
C VAL B 112 4.32 45.87 -11.20
N SER B 113 3.94 46.88 -10.44
CA SER B 113 4.90 47.63 -9.64
C SER B 113 5.02 47.16 -8.19
N THR B 114 6.22 47.33 -7.64
CA THR B 114 6.53 47.13 -6.22
C THR B 114 7.37 48.32 -5.77
N THR B 115 7.50 48.51 -4.46
CA THR B 115 8.42 49.52 -3.92
C THR B 115 9.45 48.93 -2.95
N ARG B 116 10.70 49.38 -3.08
CA ARG B 116 11.81 48.93 -2.24
C ARG B 116 11.48 49.12 -0.77
N ALA B 117 11.91 48.17 0.06
CA ALA B 117 11.84 48.36 1.51
C ALA B 117 12.97 49.30 1.91
N ARG B 118 12.74 50.12 2.94
CA ARG B 118 13.66 51.18 3.33
C ARG B 118 14.28 50.94 4.71
N TYR B 119 15.57 51.27 4.83
CA TYR B 119 16.33 50.99 6.03
C TYR B 119 17.31 52.13 6.33
N ASN B 120 17.57 52.35 7.61
CA ASN B 120 18.62 53.31 7.98
C ASN B 120 19.98 52.62 7.96
N ASN B 121 21.04 53.40 8.13
CA ASN B 121 22.41 52.90 7.95
C ASN B 121 22.76 51.79 8.93
N LEU B 122 21.88 51.58 9.91
CA LEU B 122 22.10 50.57 10.95
C LEU B 122 21.30 49.31 10.59
N GLY B 123 20.54 49.40 9.52
CA GLY B 123 19.80 48.25 8.98
C GLY B 123 18.42 48.02 9.60
N LEU B 124 17.91 49.01 10.31
CA LEU B 124 16.56 48.92 10.88
C LEU B 124 15.54 49.54 9.91
N GLU B 125 14.41 48.85 9.75
CA GLU B 125 13.41 49.23 8.75
C GLU B 125 12.74 50.57 9.00
N ILE B 126 12.63 51.34 7.92
CA ILE B 126 12.03 52.66 7.91
C ILE B 126 10.65 52.59 7.26
N THR B 127 9.82 53.60 7.51
CA THR B 127 8.54 53.77 6.81
C THR B 127 8.75 53.90 5.29
N PRO B 128 8.18 52.95 4.53
CA PRO B 128 8.35 52.89 3.07
C PRO B 128 7.42 53.84 2.34
N TRP B 129 7.47 53.83 1.00
CA TRP B 129 6.49 54.54 0.19
C TRP B 129 5.11 54.00 0.51
N THR B 130 4.18 54.88 0.83
CA THR B 130 2.89 54.47 1.38
C THR B 130 1.73 55.22 0.72
N PRO B 131 0.72 54.46 0.24
CA PRO B 131 -0.46 55.02 -0.43
C PRO B 131 -1.24 55.96 0.47
N HIS B 132 -1.81 57.01 -0.11
CA HIS B 132 -2.56 58.02 0.64
C HIS B 132 -3.79 57.42 1.34
N SER B 133 -4.30 56.33 0.78
CA SER B 133 -5.50 55.67 1.32
C SER B 133 -5.20 54.57 2.38
N ALA B 134 -3.92 54.37 2.69
CA ALA B 134 -3.46 53.24 3.51
C ALA B 134 -4.07 53.16 4.91
N ASN B 135 -4.54 54.30 5.41
CA ASN B 135 -5.19 54.37 6.72
C ASN B 135 -6.70 54.19 6.65
N ASN B 136 -7.23 54.10 5.43
CA ASN B 136 -8.65 53.91 5.20
C ASN B 136 -8.96 52.48 4.76
N ASN B 137 -9.89 51.85 5.48
CA ASN B 137 -10.39 50.51 5.16
C ASN B 137 -9.32 49.41 5.07
N ILE B 138 -9.61 48.39 4.26
CA ILE B 138 -8.79 47.21 4.17
C ILE B 138 -7.78 47.29 3.01
N ILE B 139 -6.51 47.32 3.39
CA ILE B 139 -5.40 47.29 2.44
C ILE B 139 -4.35 46.28 2.93
N TYR B 140 -3.54 45.74 2.02
CA TYR B 140 -2.53 44.74 2.37
C TYR B 140 -1.13 45.18 1.95
N ARG B 141 -0.11 44.72 2.68
CA ARG B 141 1.27 45.10 2.44
C ARG B 141 2.11 43.85 2.20
N TYR B 142 2.25 43.47 0.92
CA TYR B 142 2.91 42.22 0.51
C TYR B 142 4.44 42.31 0.51
N GLU B 143 5.07 41.30 1.10
CA GLU B 143 6.54 41.18 1.09
C GLU B 143 6.99 40.27 -0.07
N ILE B 144 7.90 40.78 -0.88
CA ILE B 144 8.33 40.10 -2.11
C ILE B 144 9.86 39.94 -2.20
N PHE B 145 10.30 38.75 -2.62
CA PHE B 145 11.69 38.53 -3.02
C PHE B 145 11.64 37.81 -4.36
N ALA B 146 11.92 38.54 -5.43
CA ALA B 146 11.77 38.02 -6.78
C ALA B 146 13.03 38.25 -7.63
N PRO B 147 13.29 37.36 -8.60
CA PRO B 147 14.37 37.64 -9.53
C PRO B 147 14.02 38.81 -10.43
N GLY B 148 15.05 39.52 -10.88
CA GLY B 148 14.90 40.60 -11.87
C GLY B 148 14.06 41.80 -11.46
N GLY B 149 13.34 42.37 -12.43
CA GLY B 149 12.60 43.62 -12.24
C GLY B 149 13.39 44.80 -12.76
N ILE B 150 12.66 45.86 -13.12
CA ILE B 150 13.25 47.08 -13.68
C ILE B 150 13.39 48.16 -12.61
N ASP B 151 14.59 48.68 -12.42
CA ASP B 151 14.83 49.86 -11.57
C ASP B 151 14.39 51.14 -12.29
N ILE B 152 13.17 51.56 -12.00
CA ILE B 152 12.58 52.76 -12.61
C ILE B 152 13.42 54.03 -12.43
N ASN B 153 13.80 54.33 -11.20
CA ASN B 153 14.59 55.52 -10.87
C ASN B 153 15.91 55.58 -11.66
N ALA B 154 16.62 54.46 -11.73
CA ALA B 154 17.83 54.36 -12.53
C ALA B 154 17.58 54.38 -14.05
N SER B 155 16.32 54.18 -14.46
CA SER B 155 15.97 54.17 -15.88
C SER B 155 15.59 55.53 -16.47
N PHE B 156 14.93 56.38 -15.68
CA PHE B 156 14.26 57.58 -16.22
C PHE B 156 14.54 58.91 -15.53
N SER B 157 14.37 59.98 -16.31
CA SER B 157 14.35 61.36 -15.81
C SER B 157 12.99 62.04 -16.15
N ARG B 158 11.93 61.61 -15.45
CA ARG B 158 10.65 62.34 -15.43
C ARG B 158 10.24 62.54 -13.96
N ASN B 159 10.05 63.80 -13.57
CA ASN B 159 9.78 64.13 -12.17
C ASN B 159 8.37 63.72 -11.74
N PRO B 164 6.74 60.82 -8.78
CA PRO B 164 7.76 59.82 -9.04
C PRO B 164 8.18 59.08 -7.76
N ASN B 165 7.97 57.77 -7.77
CA ASN B 165 8.36 56.91 -6.67
C ASN B 165 9.76 56.36 -6.92
N GLU B 166 10.76 57.02 -6.35
CA GLU B 166 12.15 56.65 -6.61
C GLU B 166 12.52 55.25 -6.12
N ASP B 167 11.61 54.63 -5.38
CA ASP B 167 11.78 53.24 -4.94
C ASP B 167 10.96 52.23 -5.75
N GLU B 168 10.35 52.67 -6.85
CA GLU B 168 9.50 51.78 -7.64
C GLU B 168 10.35 50.79 -8.44
N ILE B 169 10.04 49.51 -8.27
CA ILE B 169 10.62 48.45 -9.09
C ILE B 169 9.47 47.76 -9.78
N THR B 170 9.58 47.62 -11.10
CA THR B 170 8.49 47.20 -11.96
C THR B 170 8.78 45.86 -12.64
N PHE B 171 7.78 44.97 -12.64
CA PHE B 171 7.95 43.63 -13.17
C PHE B 171 7.08 43.38 -14.42
N PRO B 172 7.72 43.29 -15.60
CA PRO B 172 6.97 42.92 -16.82
C PRO B 172 6.49 41.45 -16.76
N GLY B 173 5.18 41.26 -16.90
CA GLY B 173 4.60 39.93 -16.80
C GLY B 173 4.25 39.55 -15.38
N GLY B 174 4.38 40.51 -14.46
CA GLY B 174 3.98 40.29 -13.07
C GLY B 174 4.92 39.43 -12.25
N ILE B 175 4.42 38.92 -11.12
CA ILE B 175 5.21 38.16 -10.16
C ILE B 175 4.44 36.93 -9.71
N ARG B 176 5.06 35.75 -9.85
CA ARG B 176 4.44 34.48 -9.43
C ARG B 176 4.32 34.42 -7.90
N PRO B 177 3.36 33.63 -7.36
CA PRO B 177 3.08 33.62 -5.91
C PRO B 177 4.20 33.10 -5.02
N GLU B 178 5.07 32.24 -5.54
CA GLU B 178 6.21 31.72 -4.76
C GLU B 178 7.25 32.77 -4.41
N PHE B 179 7.13 33.97 -4.97
CA PHE B 179 8.04 35.06 -4.65
C PHE B 179 7.47 36.01 -3.59
N ILE B 180 6.25 35.71 -3.15
CA ILE B 180 5.58 36.50 -2.13
C ILE B 180 5.65 35.76 -0.79
N ARG B 181 6.51 36.21 0.11
CA ARG B 181 6.72 35.52 1.37
C ARG B 181 5.62 35.77 2.39
N SER B 182 5.14 37.01 2.45
CA SER B 182 4.19 37.39 3.50
C SER B 182 3.41 38.65 3.17
N THR B 183 2.44 38.97 4.04
CA THR B 183 1.70 40.22 3.94
C THR B 183 1.14 40.70 5.28
N TYR B 184 0.99 42.01 5.41
CA TYR B 184 0.30 42.59 6.55
C TYR B 184 -1.13 42.91 6.17
N GLU B 185 -2.06 42.56 7.06
CA GLU B 185 -3.46 42.90 6.88
C GLU B 185 -3.77 44.15 7.71
N TYR B 186 -4.17 45.21 7.01
CA TYR B 186 -4.53 46.45 7.67
C TYR B 186 -6.04 46.67 7.66
N HIS B 187 -6.57 46.91 8.85
CA HIS B 187 -7.94 47.36 9.01
C HIS B 187 -7.88 48.78 9.57
N ASN B 188 -8.26 49.75 8.74
CA ASN B 188 -8.22 51.17 9.09
C ASN B 188 -6.92 51.67 9.75
N GLY B 189 -5.80 51.39 9.09
CA GLY B 189 -4.49 51.89 9.52
C GLY B 189 -3.69 50.98 10.43
N GLU B 190 -4.37 50.21 11.27
CA GLU B 190 -3.74 49.34 12.26
C GLU B 190 -3.51 47.94 11.67
N ILE B 191 -2.42 47.27 12.06
CA ILE B 191 -2.14 45.93 11.54
C ILE B 191 -2.87 44.88 12.38
N VAL B 192 -3.66 44.03 11.73
CA VAL B 192 -4.42 43.01 12.46
C VAL B 192 -3.85 41.58 12.37
N ARG B 193 -3.08 41.31 11.31
CA ARG B 193 -2.57 39.96 11.04
C ARG B 193 -1.33 39.98 10.14
N ILE B 194 -0.44 39.02 10.36
CA ILE B 194 0.71 38.80 9.48
C ILE B 194 0.54 37.45 8.81
N TRP B 195 0.29 37.46 7.50
CA TRP B 195 0.08 36.24 6.75
C TRP B 195 1.41 35.75 6.21
N ILE B 196 1.65 34.46 6.35
CA ILE B 196 2.86 33.85 5.80
C ILE B 196 2.48 32.77 4.78
N ASN B 197 3.20 32.79 3.66
CA ASN B 197 2.95 31.92 2.52
C ASN B 197 3.88 30.72 2.53
N PRO B 198 3.32 29.53 2.82
CA PRO B 198 4.11 28.30 2.84
C PRO B 198 4.83 28.01 1.52
N ASN B 199 4.26 28.50 0.41
CA ASN B 199 4.76 28.20 -0.92
C ASN B 199 5.85 29.19 -1.41
N PHE B 200 6.29 30.08 -0.52
CA PHE B 200 7.41 30.96 -0.81
C PHE B 200 8.62 30.16 -1.24
N ILE B 201 9.39 30.70 -2.18
CA ILE B 201 10.45 29.96 -2.85
C ILE B 201 11.51 29.38 -1.91
N ASN B 202 11.71 30.00 -0.75
CA ASN B 202 12.61 29.45 0.27
C ASN B 202 11.86 29.17 1.58
N PRO B 203 11.31 27.96 1.71
CA PRO B 203 10.46 27.53 2.83
C PRO B 203 11.19 27.44 4.16
N SER B 204 12.49 27.72 4.19
CA SER B 204 13.23 27.68 5.45
C SER B 204 13.52 29.08 6.01
N THR B 205 13.04 30.12 5.34
CA THR B 205 13.21 31.50 5.82
C THR B 205 11.88 32.11 6.27
N LEU B 206 10.86 31.27 6.38
CA LEU B 206 9.53 31.73 6.78
C LEU B 206 9.47 32.19 8.23
N ASN B 207 10.45 31.79 9.03
CA ASN B 207 10.52 32.24 10.42
C ASN B 207 11.33 33.52 10.62
N ASP B 208 11.88 34.07 9.53
CA ASP B 208 12.57 35.36 9.59
C ASP B 208 11.63 36.52 9.28
N VAL B 209 10.37 36.19 8.97
CA VAL B 209 9.30 37.17 8.85
C VAL B 209 9.13 37.83 10.21
N SER B 210 9.15 39.16 10.22
CA SER B 210 8.95 39.91 11.46
C SER B 210 7.90 41.00 11.29
N GLY B 211 7.42 41.50 12.42
CA GLY B 211 6.39 42.53 12.45
C GLY B 211 6.20 42.94 13.90
N PRO B 212 5.18 43.75 14.19
CA PRO B 212 4.97 44.18 15.56
C PRO B 212 4.58 43.03 16.48
N SER B 213 4.99 43.16 17.72
CA SER B 213 4.63 42.27 18.82
C SER B 213 3.12 42.18 19.02
N ASN B 214 2.69 41.06 19.59
CA ASN B 214 1.28 40.83 19.94
C ASN B 214 0.33 41.00 18.76
N ILE B 215 0.84 40.71 17.57
CA ILE B 215 0.02 40.55 16.39
C ILE B 215 0.32 39.16 15.85
N SER B 216 -0.73 38.35 15.72
CA SER B 216 -0.59 36.94 15.36
C SER B 216 -0.13 36.75 13.90
N LYS B 217 0.72 35.74 13.71
CA LYS B 217 1.18 35.32 12.39
C LYS B 217 0.42 34.06 12.01
N VAL B 218 -0.08 33.99 10.79
CA VAL B 218 -0.72 32.75 10.34
C VAL B 218 -0.23 32.24 9.00
N PHE B 219 0.01 30.93 8.93
CA PHE B 219 0.34 30.25 7.69
C PHE B 219 -0.92 30.08 6.86
N TRP B 220 -0.89 30.64 5.66
CA TRP B 220 -2.04 30.65 4.79
C TRP B 220 -2.23 29.32 4.05
N HIS B 221 -3.48 28.97 3.80
CA HIS B 221 -3.83 27.94 2.84
C HIS B 221 -4.96 28.47 1.98
N GLU B 222 -5.27 27.79 0.88
CA GLU B 222 -6.31 28.26 -0.03
C GLU B 222 -7.70 28.23 0.63
N ASN B 223 -8.50 29.24 0.32
CA ASN B 223 -9.83 29.45 0.93
C ASN B 223 -9.79 29.49 2.46
N HIS B 224 -8.75 30.12 3.01
CA HIS B 224 -8.68 30.34 4.44
C HIS B 224 -9.87 31.18 4.86
N SER B 225 -10.54 30.74 5.93
CA SER B 225 -11.80 31.34 6.38
C SER B 225 -11.73 32.85 6.63
N GLU B 226 -10.59 33.33 7.13
CA GLU B 226 -10.40 34.76 7.34
C GLU B 226 -9.42 35.36 6.32
N GLY B 227 -9.40 34.79 5.11
CA GLY B 227 -8.37 35.09 4.11
C GLY B 227 -8.76 35.90 2.89
N ASN B 228 -10.05 36.24 2.76
CA ASN B 228 -10.43 37.23 1.75
C ASN B 228 -11.27 38.39 2.28
N ASN B 229 -10.71 39.06 3.28
CA ASN B 229 -11.26 40.29 3.80
C ASN B 229 -10.94 41.41 2.84
N MET B 230 -11.98 42.00 2.23
CA MET B 230 -11.84 43.06 1.22
C MET B 230 -12.99 44.08 1.23
N ASP B 231 -12.74 45.24 0.63
CA ASP B 231 -13.74 46.31 0.52
C ASP B 231 -14.86 45.96 -0.48
N ASN B 242 -8.80 50.78 -10.43
CA ASN B 242 -8.22 49.48 -10.73
C ASN B 242 -7.28 48.96 -9.64
N GLN B 243 -6.85 47.71 -9.79
CA GLN B 243 -6.00 47.02 -8.82
C GLN B 243 -4.65 47.71 -8.53
N ASP B 244 -4.15 48.51 -9.48
CA ASP B 244 -2.87 49.21 -9.30
C ASP B 244 -3.00 50.63 -8.75
N PHE B 245 -4.21 50.99 -8.31
CA PHE B 245 -4.49 52.35 -7.84
C PHE B 245 -3.50 52.80 -6.76
N ASP B 246 -3.25 51.93 -5.79
CA ASP B 246 -2.44 52.26 -4.61
C ASP B 246 -0.92 52.10 -4.78
N MET B 247 -0.48 51.69 -5.97
CA MET B 247 0.95 51.59 -6.26
C MET B 247 1.40 52.72 -7.19
N PHE B 248 0.41 53.42 -7.74
CA PHE B 248 0.61 54.55 -8.66
C PHE B 248 1.29 55.70 -7.90
N ALA B 249 2.49 56.07 -8.35
CA ALA B 249 3.31 57.10 -7.68
C ALA B 249 2.59 58.35 -7.11
N PRO B 250 1.71 59.00 -7.90
CA PRO B 250 0.92 60.11 -7.37
C PRO B 250 -0.12 59.74 -6.28
N ASN B 251 -0.39 58.45 -6.10
CA ASN B 251 -1.36 58.01 -5.09
C ASN B 251 -0.73 57.63 -3.73
N GLY B 252 0.54 57.99 -3.56
CA GLY B 252 1.25 57.76 -2.32
C GLY B 252 2.56 58.53 -2.26
N GLU B 253 3.26 58.39 -1.15
CA GLU B 253 4.57 59.02 -0.96
C GLU B 253 5.28 58.45 0.26
N ILE B 254 6.52 58.88 0.49
CA ILE B 254 7.23 58.58 1.71
C ILE B 254 6.88 59.68 2.72
N PRO B 255 6.10 59.33 3.76
CA PRO B 255 5.72 60.32 4.78
C PRO B 255 6.86 60.78 5.69
N ASN B 256 7.78 59.87 6.00
CA ASN B 256 8.85 60.13 6.99
C ASN B 256 9.98 59.09 6.95
N ASN B 257 10.92 59.20 7.88
CA ASN B 257 11.97 58.18 8.05
C ASN B 257 11.88 57.51 9.41
N ASN B 258 10.66 57.20 9.83
CA ASN B 258 10.42 56.63 11.16
C ASN B 258 10.76 55.14 11.21
N LEU B 259 11.22 54.69 12.37
CA LEU B 259 11.44 53.27 12.62
C LEU B 259 10.10 52.56 12.70
N LEU B 260 10.00 51.41 12.05
CA LEU B 260 8.79 50.60 12.13
C LEU B 260 8.92 49.61 13.26
N ASN B 261 7.79 49.31 13.90
CA ASN B 261 7.71 48.32 14.97
C ASN B 261 7.88 46.92 14.40
N ASN B 262 9.02 46.30 14.71
CA ASN B 262 9.38 44.99 14.13
C ASN B 262 10.10 44.05 15.10
N ASN B 263 10.82 43.07 14.52
CA ASN B 263 11.66 42.08 15.22
C ASN B 263 11.13 41.70 16.59
N SER B 264 9.90 41.16 16.60
CA SER B 264 9.15 41.05 17.85
C SER B 264 8.69 39.62 18.13
N LEU B 265 9.41 38.66 17.56
CA LEU B 265 9.32 37.26 17.98
C LEU B 265 10.69 36.59 17.94
N ASN B 266 11.14 36.30 16.72
CA ASN B 266 12.26 35.37 16.46
C ASN B 266 12.04 34.02 17.14
N VAL B 267 10.82 33.51 16.97
CA VAL B 267 10.47 32.18 17.40
C VAL B 267 10.12 31.35 16.18
N ILE B 268 9.96 30.05 16.39
CA ILE B 268 9.42 29.19 15.36
C ILE B 268 7.91 29.23 15.53
N GLN B 269 7.19 29.63 14.49
CA GLN B 269 5.73 29.68 14.56
C GLN B 269 5.17 28.27 14.62
N ASN B 270 4.09 28.08 15.39
CA ASN B 270 3.46 26.77 15.52
C ASN B 270 2.92 26.24 14.20
N SER B 271 3.55 25.17 13.69
CA SER B 271 3.13 24.55 12.44
C SER B 271 3.83 23.22 12.14
N GLU B 272 3.47 22.62 11.01
CA GLU B 272 4.12 21.41 10.54
C GLU B 272 5.42 21.74 9.79
N TYR B 273 6.50 21.10 10.23
CA TYR B 273 7.82 21.27 9.66
C TYR B 273 8.49 19.94 9.38
N GLN B 274 9.51 19.97 8.53
CA GLN B 274 10.51 18.91 8.51
C GLN B 274 11.83 19.43 9.08
N ILE B 275 12.57 18.54 9.74
CA ILE B 275 13.84 18.89 10.34
C ILE B 275 14.96 18.19 9.57
N LYS B 276 15.81 18.98 8.93
CA LYS B 276 16.83 18.46 8.03
C LYS B 276 18.23 18.76 8.56
N ASN B 277 19.12 17.78 8.45
CA ASN B 277 20.50 17.92 8.90
C ASN B 277 21.31 18.81 7.97
N LYS B 278 22.26 19.57 8.53
CA LYS B 278 23.12 20.41 7.70
C LYS B 278 24.13 19.57 6.93
N LYS B 279 24.64 18.52 7.56
CA LYS B 279 25.66 17.67 6.95
C LYS B 279 25.14 16.92 5.71
N ASP B 280 23.84 16.62 5.72
CA ASP B 280 23.16 15.99 4.57
C ASP B 280 21.69 16.38 4.53
N ARG B 281 21.37 17.35 3.67
CA ARG B 281 20.00 17.88 3.54
C ARG B 281 18.97 16.86 3.07
N ASN B 282 19.44 15.72 2.57
CA ASN B 282 18.55 14.66 2.12
C ASN B 282 17.94 13.82 3.23
N ILE B 283 18.52 13.91 4.44
CA ILE B 283 18.04 13.14 5.58
C ILE B 283 17.29 14.00 6.60
N VAL B 284 16.26 13.40 7.19
CA VAL B 284 15.35 14.12 8.09
C VAL B 284 15.15 13.40 9.42
N VAL B 285 14.79 14.17 10.44
CA VAL B 285 14.40 13.63 11.74
C VAL B 285 13.12 12.82 11.57
N THR B 286 13.18 11.53 11.89
CA THR B 286 12.01 10.67 11.69
C THR B 286 11.81 9.69 12.83
N LEU B 287 10.55 9.56 13.24
CA LEU B 287 10.15 8.61 14.28
C LEU B 287 9.99 7.23 13.67
N ASP B 288 10.80 6.29 14.16
CA ASP B 288 10.88 4.94 13.57
C ASP B 288 9.52 4.23 13.51
N SER B 289 8.83 4.16 14.65
CA SER B 289 7.55 3.48 14.74
C SER B 289 6.49 4.32 15.46
N ASP B 290 5.40 3.66 15.90
CA ASP B 290 4.27 4.35 16.51
C ASP B 290 4.00 3.94 17.96
N TYR B 291 5.04 3.50 18.68
CA TYR B 291 4.87 3.12 20.09
C TYR B 291 5.82 3.86 21.03
N GLY B 292 5.50 3.83 22.32
CA GLY B 292 6.28 4.51 23.36
C GLY B 292 7.73 4.05 23.39
N GLY B 293 8.64 5.02 23.42
CA GLY B 293 10.07 4.73 23.46
C GLY B 293 10.70 4.30 22.15
N SER B 294 9.97 4.50 21.04
CA SER B 294 10.52 4.27 19.72
C SER B 294 11.63 5.29 19.46
N PRO B 295 12.79 4.81 18.96
CA PRO B 295 13.92 5.71 18.74
C PRO B 295 13.62 6.75 17.65
N VAL B 296 14.28 7.90 17.74
CA VAL B 296 14.21 8.88 16.68
C VAL B 296 15.51 8.82 15.88
N GLU B 297 15.36 8.64 14.58
CA GLU B 297 16.49 8.36 13.68
C GLU B 297 16.53 9.33 12.52
N SER B 298 17.70 9.42 11.89
CA SER B 298 17.83 10.06 10.60
C SER B 298 17.41 9.04 9.56
N TYR B 299 16.69 9.49 8.55
CA TYR B 299 16.31 8.64 7.41
C TYR B 299 16.23 9.53 6.18
N LYS B 300 16.55 8.94 5.02
CA LYS B 300 16.38 9.61 3.74
C LYS B 300 14.96 10.15 3.62
N ASN B 301 14.84 11.43 3.33
CA ASN B 301 13.53 12.07 3.16
C ASN B 301 12.76 11.47 1.96
N PHE B 302 11.59 10.90 2.28
CA PHE B 302 10.63 10.42 1.29
C PHE B 302 9.28 11.09 1.52
N GLY B 303 9.23 12.05 2.45
CA GLY B 303 8.00 12.78 2.77
C GLY B 303 6.90 11.96 3.43
N PHE B 304 7.31 10.97 4.23
CA PHE B 304 6.35 10.22 5.05
C PHE B 304 5.85 11.06 6.24
N GLU B 305 4.62 10.79 6.65
CA GLU B 305 4.03 11.50 7.79
C GLU B 305 4.89 11.40 9.05
N ASN B 306 5.52 10.25 9.28
CA ASN B 306 6.41 10.08 10.44
C ASN B 306 7.75 10.82 10.33
N GLN B 307 7.91 11.55 9.22
CA GLN B 307 9.09 12.38 8.98
C GLN B 307 8.70 13.86 9.10
N LYS B 308 7.55 14.11 9.70
CA LYS B 308 7.01 15.46 9.83
C LYS B 308 6.68 15.73 11.30
N TRP B 309 6.89 16.97 11.75
CA TRP B 309 6.75 17.29 13.16
C TRP B 309 6.00 18.59 13.33
N ASN B 310 5.07 18.60 14.29
CA ASN B 310 4.40 19.82 14.70
C ASN B 310 5.21 20.45 15.81
N ILE B 311 5.74 21.64 15.55
CA ILE B 311 6.52 22.36 16.55
C ILE B 311 5.65 23.39 17.23
N LYS B 312 5.60 23.30 18.56
CA LYS B 312 4.72 24.12 19.37
C LYS B 312 5.57 24.84 20.42
N TYR B 313 5.46 26.17 20.43
CA TYR B 313 6.22 27.02 21.32
C TYR B 313 5.49 27.25 22.64
N ASP B 314 6.26 27.29 23.72
CA ASP B 314 5.76 27.64 25.04
C ASP B 314 6.35 28.99 25.44
N SER B 315 5.48 29.96 25.67
CA SER B 315 5.89 31.31 26.05
C SER B 315 6.65 31.35 27.38
N LYS B 316 6.06 30.78 28.42
CA LYS B 316 6.61 30.85 29.77
C LYS B 316 8.00 30.23 29.90
N LYS B 317 8.27 29.20 29.10
CA LYS B 317 9.52 28.45 29.20
C LYS B 317 10.51 28.80 28.11
N ASN B 318 10.08 29.63 27.16
CA ASN B 318 10.87 29.97 25.97
C ASN B 318 11.53 28.73 25.36
N ALA B 319 10.71 27.71 25.13
CA ALA B 319 11.16 26.43 24.59
C ALA B 319 10.01 25.74 23.87
N TYR B 320 10.30 24.64 23.19
CA TYR B 320 9.35 24.07 22.24
C TYR B 320 9.11 22.59 22.50
N LYS B 321 7.88 22.15 22.25
CA LYS B 321 7.62 20.71 22.13
C LYS B 321 7.50 20.33 20.65
N ILE B 322 7.93 19.11 20.35
CA ILE B 322 8.03 18.62 19.00
C ILE B 322 7.22 17.32 18.88
N TYR B 323 6.01 17.43 18.31
CA TYR B 323 5.05 16.33 18.18
C TYR B 323 5.13 15.68 16.80
N ASN B 324 5.25 14.35 16.77
CA ASN B 324 5.25 13.66 15.48
C ASN B 324 3.91 13.79 14.78
N ARG B 325 3.92 13.87 13.45
CA ARG B 325 2.69 14.04 12.72
C ARG B 325 1.92 12.75 12.55
N GLU B 326 2.63 11.66 12.27
CA GLU B 326 1.99 10.34 12.13
C GLU B 326 1.44 9.85 13.47
N THR B 327 2.18 10.10 14.55
CA THR B 327 1.71 9.75 15.88
C THR B 327 1.81 10.95 16.82
N PRO B 328 0.81 11.85 16.73
CA PRO B 328 0.76 13.14 17.43
C PRO B 328 0.93 13.07 18.94
N THR B 329 0.55 11.95 19.56
CA THR B 329 0.73 11.81 21.00
C THR B 329 2.16 11.47 21.41
N LEU B 330 3.07 11.36 20.45
CA LEU B 330 4.47 11.09 20.77
C LEU B 330 5.36 12.30 20.51
N LEU B 331 6.14 12.66 21.54
CA LEU B 331 6.97 13.85 21.52
C LEU B 331 8.44 13.48 21.37
N LEU B 332 9.17 14.25 20.55
CA LEU B 332 10.62 14.11 20.43
C LEU B 332 11.24 14.37 21.81
N SER B 333 11.83 13.32 22.39
CA SER B 333 12.22 13.32 23.79
C SER B 333 13.60 12.73 24.08
N TRP B 334 14.27 13.28 25.08
CA TRP B 334 15.43 12.65 25.69
C TRP B 334 15.09 12.28 27.14
N ASN B 335 15.12 11.00 27.45
CA ASN B 335 14.83 10.55 28.81
C ASN B 335 16.03 10.77 29.75
N SER B 336 16.07 11.96 30.35
CA SER B 336 17.08 12.34 31.34
C SER B 336 16.97 11.55 32.63
N ASN B 337 15.86 10.84 32.78
CA ASN B 337 15.56 10.08 34.00
C ASN B 337 15.93 8.60 33.87
N SER B 338 16.61 8.24 32.79
CA SER B 338 16.97 6.84 32.58
C SER B 338 18.17 6.43 33.42
N SER B 339 18.15 5.18 33.89
CA SER B 339 19.38 4.49 34.26
C SER B 339 19.97 4.06 32.91
N ASN B 340 21.25 3.73 32.90
CA ASN B 340 22.01 3.62 31.65
C ASN B 340 22.44 4.98 31.13
N GLY B 341 21.77 6.02 31.60
CA GLY B 341 22.05 7.40 31.22
C GLY B 341 22.06 7.59 29.72
N GLU B 342 21.10 6.95 29.04
CA GLU B 342 20.92 7.05 27.60
C GLU B 342 21.18 8.47 27.07
N GLN B 343 21.87 8.56 25.93
CA GLN B 343 22.04 9.83 25.24
C GLN B 343 21.18 9.86 23.96
N VAL B 344 20.51 8.75 23.69
CA VAL B 344 19.66 8.60 22.50
C VAL B 344 18.34 9.36 22.61
N ILE B 345 17.73 9.65 21.46
CA ILE B 345 16.44 10.34 21.39
C ILE B 345 15.32 9.34 21.11
N ARG B 346 14.18 9.51 21.78
CA ARG B 346 13.01 8.65 21.53
C ARG B 346 11.70 9.45 21.49
N GLY B 347 10.62 8.79 21.09
CA GLY B 347 9.29 9.39 21.13
C GLY B 347 8.46 8.89 22.30
N TYR B 348 8.16 9.79 23.24
CA TYR B 348 7.32 9.48 24.41
C TYR B 348 6.08 10.37 24.48
N THR B 349 5.05 9.89 25.18
CA THR B 349 3.85 10.69 25.44
C THR B 349 4.17 11.85 26.38
N GLU B 350 3.31 12.87 26.39
CA GLU B 350 3.46 14.04 27.25
C GLU B 350 3.58 13.64 28.72
N SER B 351 4.73 13.94 29.31
CA SER B 351 5.08 13.50 30.67
C SER B 351 4.98 14.63 31.71
N GLY B 352 5.21 15.86 31.29
CA GLY B 352 5.21 17.02 32.18
C GLY B 352 6.61 17.56 32.42
N SER B 353 7.61 16.75 32.09
CA SER B 353 9.01 17.09 32.35
C SER B 353 9.57 18.06 31.31
N ASN B 354 10.69 18.70 31.68
CA ASN B 354 11.43 19.54 30.75
C ASN B 354 12.04 18.72 29.63
N ASN B 355 12.52 17.51 29.96
CA ASN B 355 13.32 16.73 29.01
C ASN B 355 12.64 16.51 27.63
N GLN B 356 11.39 16.97 27.50
CA GLN B 356 10.66 16.96 26.24
C GLN B 356 10.56 18.37 25.64
N TYR B 357 11.35 19.28 26.20
CA TYR B 357 11.37 20.65 25.73
C TYR B 357 12.73 20.95 25.11
N TRP B 358 12.73 21.82 24.11
CA TRP B 358 13.95 22.19 23.43
C TRP B 358 13.91 23.69 23.21
N THR B 359 15.04 24.35 23.48
CA THR B 359 15.23 25.71 23.03
C THR B 359 15.81 25.61 21.64
N ILE B 360 15.39 26.50 20.76
CA ILE B 360 15.86 26.53 19.37
C ILE B 360 16.50 27.87 19.08
N GLU B 361 17.82 27.86 18.92
CA GLU B 361 18.59 29.08 18.67
C GLU B 361 19.12 29.08 17.25
N LYS B 362 18.96 30.22 16.58
CA LYS B 362 19.51 30.41 15.23
C LYS B 362 20.93 30.96 15.34
N ASN B 363 21.84 30.41 14.52
CA ASN B 363 23.24 30.87 14.55
C ASN B 363 23.58 31.92 13.48
N VAL B 364 24.82 32.39 13.49
CA VAL B 364 25.31 33.39 12.53
C VAL B 364 24.93 33.06 11.09
N ASN B 365 25.02 31.78 10.73
CA ASN B 365 24.77 31.31 9.36
C ASN B 365 23.30 31.07 9.00
N GLY B 366 22.42 31.10 10.01
CA GLY B 366 20.99 30.90 9.77
C GLY B 366 20.52 29.46 9.85
N PHE B 367 21.31 28.63 10.54
CA PHE B 367 20.93 27.26 10.88
C PHE B 367 20.50 27.21 12.34
N TYR B 368 19.79 26.15 12.72
CA TYR B 368 19.25 26.05 14.07
C TYR B 368 19.89 24.94 14.89
N LYS B 369 20.14 25.24 16.16
CA LYS B 369 20.62 24.25 17.15
C LYS B 369 19.51 23.97 18.14
N PHE B 370 19.30 22.68 18.42
CA PHE B 370 18.36 22.25 19.46
C PHE B 370 19.12 21.89 20.72
N ARG B 371 18.80 22.52 21.85
CA ARG B 371 19.33 22.06 23.12
C ARG B 371 18.22 21.81 24.14
N ASN B 372 18.33 20.69 24.84
CA ASN B 372 17.31 20.23 25.77
C ASN B 372 17.12 21.18 26.95
N LEU B 373 15.86 21.45 27.32
CA LEU B 373 15.59 22.43 28.37
C LEU B 373 16.03 21.93 29.73
N SER B 374 15.88 20.63 29.97
CA SER B 374 16.25 20.00 31.23
C SER B 374 17.75 20.09 31.51
N ASP B 375 18.54 20.06 30.42
CA ASP B 375 19.99 20.14 30.48
C ASP B 375 20.48 20.91 29.25
N PRO B 376 20.62 22.24 29.36
CA PRO B 376 20.91 23.10 28.21
C PRO B 376 22.26 22.81 27.56
N SER B 377 23.10 22.04 28.24
CA SER B 377 24.42 21.68 27.72
C SER B 377 24.34 20.51 26.73
N LYS B 378 23.15 19.91 26.63
CA LYS B 378 22.92 18.76 25.77
C LYS B 378 22.22 19.16 24.46
N ILE B 379 22.95 18.99 23.36
CA ILE B 379 22.53 19.47 22.04
C ILE B 379 22.16 18.33 21.09
N LEU B 380 21.07 18.52 20.34
CA LEU B 380 20.54 17.51 19.41
C LEU B 380 21.47 17.32 18.21
N ASP B 381 21.81 16.06 17.97
CA ASP B 381 22.92 15.69 17.11
C ASP B 381 22.67 14.29 16.51
N LEU B 382 23.46 13.92 15.51
CA LEU B 382 23.48 12.55 14.99
C LEU B 382 24.66 11.79 15.59
N LYS B 383 24.44 10.53 15.97
CA LYS B 383 25.47 9.69 16.58
C LYS B 383 26.76 9.64 15.76
N ASP B 384 27.87 9.99 16.41
CA ASP B 384 29.21 10.01 15.81
C ASP B 384 29.30 10.88 14.54
N GLY B 385 28.24 11.64 14.28
CA GLY B 385 28.15 12.49 13.10
C GLY B 385 27.91 11.72 11.82
N ASN B 386 27.26 10.57 11.93
CA ASN B 386 26.94 9.72 10.78
C ASN B 386 25.65 10.15 10.08
N THR B 387 25.67 10.14 8.75
CA THR B 387 24.51 10.52 7.94
C THR B 387 23.76 9.32 7.39
N LEU B 388 24.36 8.13 7.52
CA LEU B 388 23.77 6.87 7.09
C LEU B 388 22.34 6.71 7.62
N ASN B 389 21.50 6.00 6.86
CA ASN B 389 20.12 5.71 7.26
C ASN B 389 20.05 4.98 8.58
N LYS B 390 19.05 5.32 9.40
CA LYS B 390 18.78 4.69 10.70
C LYS B 390 19.74 5.03 11.84
N THR B 391 20.77 5.84 11.58
CA THR B 391 21.70 6.23 12.65
C THR B 391 20.98 7.13 13.64
N PRO B 392 20.90 6.70 14.91
CA PRO B 392 20.07 7.33 15.93
C PRO B 392 20.39 8.80 16.17
N LEU B 393 19.34 9.58 16.42
CA LEU B 393 19.47 10.91 16.95
C LEU B 393 19.93 10.79 18.40
N VAL B 394 20.95 11.55 18.76
CA VAL B 394 21.43 11.55 20.14
C VAL B 394 21.51 12.97 20.67
N VAL B 395 21.86 13.08 21.95
CA VAL B 395 22.18 14.35 22.53
C VAL B 395 23.70 14.32 22.79
N SER B 396 24.36 15.46 22.60
CA SER B 396 25.81 15.56 22.83
C SER B 396 26.25 16.98 23.16
N SER B 397 27.47 17.11 23.71
CA SER B 397 28.04 18.41 24.04
C SER B 397 28.38 19.20 22.77
N GLU B 398 28.50 20.51 22.91
CA GLU B 398 28.66 21.44 21.79
C GLU B 398 29.89 21.15 20.92
N ASN B 399 29.66 21.11 19.62
CA ASN B 399 30.69 20.84 18.63
C ASN B 399 30.83 21.99 17.64
N SER B 400 31.95 21.97 16.89
CA SER B 400 32.09 22.78 15.69
C SER B 400 31.50 22.02 14.49
N SER B 401 31.00 20.81 14.76
CA SER B 401 30.50 19.91 13.72
C SER B 401 29.13 20.31 13.17
N SER B 402 28.93 20.04 11.88
CA SER B 402 27.71 20.40 11.17
C SER B 402 26.56 19.41 11.40
N SER B 403 26.85 18.30 12.06
CA SER B 403 25.83 17.30 12.37
C SER B 403 24.87 17.73 13.50
N GLN B 404 25.22 18.78 14.24
CA GLN B 404 24.30 19.35 15.24
C GLN B 404 23.64 20.65 14.76
N GLU B 405 23.84 20.99 13.48
CA GLU B 405 23.15 22.10 12.84
C GLU B 405 21.99 21.58 12.00
N TRP B 406 20.83 22.23 12.09
CA TRP B 406 19.65 21.76 11.35
C TRP B 406 18.87 22.89 10.66
N LEU B 407 18.13 22.52 9.62
CA LEU B 407 17.19 23.42 8.96
C LEU B 407 15.77 23.05 9.37
N ILE B 408 14.99 24.07 9.74
CA ILE B 408 13.58 23.87 10.08
C ILE B 408 12.78 24.36 8.89
N GLU B 409 12.33 23.43 8.06
CA GLU B 409 11.66 23.75 6.81
C GLU B 409 10.15 23.56 6.88
N LYS B 410 9.40 24.62 6.58
CA LYS B 410 7.95 24.57 6.56
C LYS B 410 7.47 23.65 5.43
N THR B 411 6.56 22.74 5.77
CA THR B 411 5.98 21.84 4.79
C THR B 411 5.04 22.64 3.91
N ASN B 412 5.04 22.30 2.62
CA ASN B 412 4.30 23.05 1.60
C ASN B 412 3.84 22.10 0.51
N TYR B 413 2.55 22.10 0.21
CA TYR B 413 2.01 21.10 -0.72
C TYR B 413 1.36 21.68 -1.98
N GLN B 414 0.69 22.82 -1.84
CA GLN B 414 0.05 23.48 -2.97
C GLN B 414 1.09 24.28 -3.72
N THR B 415 1.84 23.54 -4.53
CA THR B 415 3.07 24.00 -5.11
C THR B 415 2.80 24.61 -6.51
N VAL B 416 1.75 24.12 -7.17
CA VAL B 416 1.35 24.65 -8.46
C VAL B 416 -0.14 24.99 -8.47
N LYS B 417 -0.47 26.08 -9.16
CA LYS B 417 -1.84 26.53 -9.32
C LYS B 417 -2.64 25.51 -10.14
N ASP B 418 -3.93 25.36 -9.82
CA ASP B 418 -4.85 24.57 -10.63
C ASP B 418 -4.89 25.05 -12.07
N GLY B 419 -4.74 24.13 -13.01
CA GLY B 419 -4.86 24.45 -14.42
C GLY B 419 -4.21 23.46 -15.35
N THR B 420 -4.01 23.90 -16.59
CA THR B 420 -3.48 23.05 -17.64
C THR B 420 -1.98 23.24 -17.78
N TYR B 421 -1.26 22.13 -17.90
CA TYR B 421 0.19 22.13 -17.97
C TYR B 421 0.72 21.05 -18.90
N GLN B 422 1.91 21.28 -19.44
CA GLN B 422 2.70 20.24 -20.08
C GLN B 422 3.77 19.83 -19.08
N VAL B 423 4.05 18.55 -19.01
CA VAL B 423 5.04 18.00 -18.12
C VAL B 423 6.11 17.35 -18.96
N SER B 424 7.35 17.81 -18.79
CA SER B 424 8.48 17.31 -19.57
C SER B 424 9.67 17.00 -18.69
N SER B 425 10.60 16.21 -19.23
CA SER B 425 11.72 15.71 -18.45
C SER B 425 12.86 16.73 -18.42
N LYS B 426 13.57 16.80 -17.30
CA LYS B 426 14.76 17.65 -17.15
C LYS B 426 15.84 17.29 -18.19
N LEU B 427 15.85 16.03 -18.61
CA LEU B 427 16.81 15.54 -19.60
C LEU B 427 16.63 16.22 -20.96
N ASN B 428 15.39 16.60 -21.26
CA ASN B 428 15.02 17.22 -22.52
C ASN B 428 13.62 17.81 -22.38
N GLU B 429 13.54 19.14 -22.36
CA GLU B 429 12.28 19.83 -22.08
C GLU B 429 11.27 19.80 -23.24
N ASN B 430 11.71 19.33 -24.40
CA ASN B 430 10.80 19.10 -25.52
C ASN B 430 10.26 17.67 -25.55
N LYS B 431 10.62 16.86 -24.55
CA LYS B 431 10.04 15.52 -24.41
C LYS B 431 8.98 15.51 -23.32
N VAL B 432 7.71 15.52 -23.76
CA VAL B 432 6.57 15.69 -22.87
C VAL B 432 5.87 14.37 -22.59
N ILE B 433 5.16 14.31 -21.47
CA ILE B 433 4.35 13.16 -21.11
C ILE B 433 3.08 13.17 -21.95
N GLU B 434 2.93 12.15 -22.78
CA GLU B 434 1.82 12.05 -23.73
C GLU B 434 0.89 10.86 -23.42
N GLN B 435 -0.41 11.10 -23.49
CA GLN B 435 -1.39 10.05 -23.32
C GLN B 435 -1.81 9.48 -24.67
N ILE B 436 -1.42 8.23 -24.95
CA ILE B 436 -1.82 7.57 -26.19
C ILE B 436 -2.88 6.51 -25.90
N SER B 437 -3.82 6.34 -26.84
CA SER B 437 -5.13 5.73 -26.56
C SER B 437 -5.68 6.27 -25.22
N THR B 438 -6.05 5.41 -24.29
CA THR B 438 -6.63 5.85 -23.02
C THR B 438 -5.80 5.42 -21.83
N ASN B 439 -5.42 4.15 -21.79
CA ASN B 439 -4.68 3.59 -20.64
C ASN B 439 -3.17 3.83 -20.69
N LYS B 440 -2.66 4.21 -21.86
CA LYS B 440 -1.21 4.26 -22.08
C LYS B 440 -0.64 5.68 -22.05
N VAL B 441 0.51 5.83 -21.41
CA VAL B 441 1.29 7.05 -21.44
C VAL B 441 2.73 6.74 -21.82
N HIS B 442 3.37 7.65 -22.54
CA HIS B 442 4.80 7.53 -22.85
C HIS B 442 5.42 8.90 -23.09
N ILE B 443 6.75 8.95 -23.21
CA ILE B 443 7.45 10.17 -23.57
C ILE B 443 7.40 10.36 -25.09
N PHE B 444 7.22 11.62 -25.52
CA PHE B 444 7.23 11.95 -26.94
C PHE B 444 7.67 13.39 -27.18
N SER B 445 8.21 13.65 -28.36
CA SER B 445 8.53 15.02 -28.76
C SER B 445 7.27 15.88 -28.70
N ASN B 446 7.39 17.10 -28.18
CA ASN B 446 6.25 17.99 -28.11
C ASN B 446 5.76 18.45 -29.48
N SER B 447 4.46 18.46 -29.66
CA SER B 447 3.85 19.15 -30.81
C SER B 447 2.55 19.85 -30.40
N ASP B 448 2.40 20.13 -29.11
CA ASP B 448 1.35 21.01 -28.58
C ASP B 448 -0.07 20.48 -28.74
N LYS B 449 -0.23 19.16 -28.70
CA LYS B 449 -1.55 18.56 -28.85
C LYS B 449 -2.23 18.30 -27.50
N GLU B 450 -3.57 18.18 -27.54
CA GLU B 450 -4.37 17.88 -26.35
C GLU B 450 -3.87 16.71 -25.50
N ASN B 451 -3.49 15.60 -26.15
CA ASN B 451 -3.00 14.43 -25.42
C ASN B 451 -1.59 14.63 -24.86
N GLN B 452 -1.08 15.85 -25.00
CA GLN B 452 0.18 16.23 -24.36
C GLN B 452 -0.04 17.32 -23.30
N VAL B 453 -1.30 17.57 -22.97
CA VAL B 453 -1.61 18.58 -21.96
C VAL B 453 -2.42 17.95 -20.81
N TRP B 454 -2.04 18.29 -19.59
CA TRP B 454 -2.62 17.67 -18.41
C TRP B 454 -3.28 18.70 -17.50
N ASN B 455 -4.41 18.31 -16.90
CA ASN B 455 -5.08 19.13 -15.92
C ASN B 455 -4.61 18.70 -14.53
N LEU B 456 -3.96 19.63 -13.82
CA LEU B 456 -3.54 19.43 -12.44
C LEU B 456 -4.54 20.09 -11.52
N ILE B 457 -5.19 19.29 -10.70
CA ILE B 457 -6.17 19.79 -9.72
C ILE B 457 -5.84 19.33 -8.31
N TYR B 458 -5.67 20.30 -7.42
CA TYR B 458 -5.28 20.09 -6.03
C TYR B 458 -6.44 19.59 -5.19
N ASN B 459 -6.18 18.58 -4.38
CA ASN B 459 -7.14 18.09 -3.41
C ASN B 459 -6.75 18.62 -2.02
N PRO B 460 -7.55 19.54 -1.45
CA PRO B 460 -7.15 20.23 -0.22
C PRO B 460 -7.12 19.34 1.02
N ILE B 461 -7.81 18.20 0.97
CA ILE B 461 -7.80 17.26 2.09
C ILE B 461 -6.54 16.39 2.03
N LEU B 462 -6.24 15.88 0.84
CA LEU B 462 -5.06 15.03 0.66
C LEU B 462 -3.77 15.83 0.53
N LYS B 463 -3.89 17.13 0.26
CA LYS B 463 -2.76 18.01 -0.05
C LYS B 463 -1.93 17.44 -1.21
N ALA B 464 -2.63 16.84 -2.19
CA ALA B 464 -2.00 16.19 -3.32
C ALA B 464 -2.80 16.44 -4.59
N TYR B 465 -2.20 16.14 -5.74
CA TYR B 465 -2.79 16.47 -7.03
C TYR B 465 -3.30 15.27 -7.83
N LYS B 466 -4.44 15.45 -8.47
CA LYS B 466 -4.88 14.57 -9.53
C LYS B 466 -4.32 15.13 -10.84
N ILE B 467 -3.68 14.28 -11.62
CA ILE B 467 -3.13 14.66 -12.92
C ILE B 467 -3.95 14.03 -14.03
N LYS B 468 -4.85 14.83 -14.60
CA LYS B 468 -5.90 14.33 -15.49
C LYS B 468 -5.66 14.67 -16.95
N SER B 469 -5.83 13.67 -17.82
CA SER B 469 -5.81 13.87 -19.25
C SER B 469 -6.81 14.96 -19.66
N LEU B 470 -6.42 15.78 -20.62
CA LEU B 470 -7.33 16.80 -21.13
C LEU B 470 -8.34 16.20 -22.13
N LYS B 471 -7.85 15.30 -22.99
CA LYS B 471 -8.70 14.59 -23.94
C LYS B 471 -9.69 13.63 -23.27
N TYR B 472 -9.26 13.00 -22.17
CA TYR B 472 -10.07 12.00 -21.47
C TYR B 472 -10.12 12.25 -19.96
N PRO B 473 -11.06 13.11 -19.52
CA PRO B 473 -11.14 13.59 -18.14
C PRO B 473 -11.33 12.49 -17.10
N ASN B 474 -12.00 11.40 -17.48
CA ASN B 474 -12.19 10.22 -16.63
C ASN B 474 -10.90 9.50 -16.27
N TYR B 475 -9.84 9.76 -17.04
CA TYR B 475 -8.56 9.09 -16.86
C TYR B 475 -7.55 10.02 -16.21
N SER B 476 -6.86 9.52 -15.21
CA SER B 476 -5.78 10.27 -14.59
C SER B 476 -4.54 9.40 -14.49
N LEU B 477 -3.39 10.06 -14.38
CA LEU B 477 -2.10 9.40 -14.31
C LEU B 477 -2.01 8.58 -13.02
N ALA B 478 -1.70 7.30 -13.15
CA ALA B 478 -1.70 6.37 -12.02
C ALA B 478 -0.49 5.44 -12.06
N TRP B 479 -0.13 4.91 -10.89
CA TRP B 479 0.93 3.91 -10.79
C TRP B 479 0.33 2.51 -10.75
N ASP B 480 0.72 1.66 -11.71
CA ASP B 480 0.24 0.26 -11.78
C ASP B 480 0.97 -0.58 -10.74
N SER B 481 0.69 -0.27 -9.47
CA SER B 481 1.38 -0.83 -8.30
C SER B 481 1.36 -2.35 -8.19
N ASN B 482 0.24 -2.94 -8.61
CA ASN B 482 -0.04 -4.37 -8.43
C ASN B 482 0.54 -5.27 -9.52
N ASN B 483 0.93 -4.68 -10.64
CA ASN B 483 1.44 -5.46 -11.76
C ASN B 483 2.75 -4.95 -12.37
N THR B 484 2.64 -4.14 -13.43
CA THR B 484 3.81 -3.77 -14.23
C THR B 484 4.73 -2.75 -13.55
N ARG B 485 4.27 -2.20 -12.43
CA ARG B 485 4.93 -1.06 -11.75
C ARG B 485 5.21 0.11 -12.72
N THR B 486 4.57 0.05 -13.89
CA THR B 486 4.65 1.08 -14.95
C THR B 486 3.65 2.20 -14.62
N ILE B 487 3.88 3.39 -15.18
CA ILE B 487 2.90 4.46 -15.09
C ILE B 487 1.85 4.31 -16.18
N VAL B 488 0.58 4.39 -15.78
CA VAL B 488 -0.54 4.27 -16.70
C VAL B 488 -1.56 5.41 -16.49
N ALA B 489 -2.57 5.44 -17.35
CA ALA B 489 -3.74 6.28 -17.14
C ALA B 489 -4.91 5.36 -16.82
N ALA B 490 -5.69 5.72 -15.79
CA ALA B 490 -6.78 4.86 -15.32
C ALA B 490 -7.98 5.65 -14.81
N THR B 491 -9.13 5.00 -14.80
CA THR B 491 -10.35 5.53 -14.20
C THR B 491 -10.29 5.47 -12.67
N GLY B 492 -11.35 5.91 -12.01
CA GLY B 492 -11.44 5.83 -10.55
C GLY B 492 -10.87 7.04 -9.81
N ASP B 493 -11.13 7.11 -8.52
CA ASP B 493 -10.67 8.22 -7.68
C ASP B 493 -10.01 7.69 -6.41
N TYR B 494 -8.97 6.88 -6.61
CA TYR B 494 -8.27 6.19 -5.52
C TYR B 494 -7.13 7.07 -5.03
N ASN B 495 -6.77 6.92 -3.75
CA ASN B 495 -5.63 7.63 -3.14
C ASN B 495 -4.32 7.54 -3.95
N ASP B 496 -4.07 6.36 -4.51
CA ASP B 496 -2.84 6.08 -5.28
C ASP B 496 -2.84 6.70 -6.67
N GLN B 497 -3.89 7.44 -7.01
CA GLN B 497 -3.93 8.23 -8.23
C GLN B 497 -3.66 9.71 -7.94
N TYR B 498 -3.24 9.99 -6.71
CA TYR B 498 -2.92 11.34 -6.29
C TYR B 498 -1.40 11.52 -6.18
N TRP B 499 -0.93 12.73 -6.45
CA TRP B 499 0.50 12.99 -6.59
C TRP B 499 0.94 14.20 -5.78
N LEU B 500 2.02 14.00 -5.03
CA LEU B 500 2.63 15.06 -4.23
C LEU B 500 3.68 15.69 -5.10
N ILE B 501 3.49 16.97 -5.40
CA ILE B 501 4.35 17.68 -6.32
C ILE B 501 5.28 18.59 -5.52
N GLU B 502 6.56 18.24 -5.50
CA GLU B 502 7.54 18.93 -4.67
C GLU B 502 8.48 19.71 -5.57
N ARG B 503 8.68 20.99 -5.27
CA ARG B 503 9.49 21.87 -6.08
C ARG B 503 10.95 21.75 -5.65
N ASN B 504 11.84 21.48 -6.61
CA ASN B 504 13.28 21.46 -6.36
C ASN B 504 13.87 22.86 -6.50
N GLU B 505 15.13 23.02 -6.10
CA GLU B 505 15.80 24.31 -6.19
C GLU B 505 16.05 24.75 -7.64
N ASP B 506 16.20 23.78 -8.54
CA ASP B 506 16.49 24.07 -9.94
C ASP B 506 15.21 24.31 -10.76
N ASN B 507 14.11 24.55 -10.05
CA ASN B 507 12.77 24.74 -10.62
C ASN B 507 12.14 23.53 -11.34
N THR B 508 12.75 22.36 -11.21
CA THR B 508 12.08 21.12 -11.62
C THR B 508 11.28 20.60 -10.43
N TYR B 509 10.49 19.57 -10.64
CA TYR B 509 9.68 19.00 -9.58
C TYR B 509 9.89 17.50 -9.44
N ILE B 510 9.65 16.99 -8.24
CA ILE B 510 9.48 15.56 -8.03
C ILE B 510 7.97 15.31 -7.97
N ILE B 511 7.51 14.30 -8.68
CA ILE B 511 6.09 13.94 -8.66
C ILE B 511 5.95 12.58 -7.99
N ARG B 512 5.54 12.61 -6.72
CA ARG B 512 5.62 11.47 -5.81
C ARG B 512 4.23 10.91 -5.53
N ASN B 513 4.10 9.59 -5.59
CA ASN B 513 2.82 8.95 -5.31
C ASN B 513 2.39 9.13 -3.85
N TYR B 514 1.14 9.57 -3.67
CA TYR B 514 0.58 9.87 -2.34
C TYR B 514 0.54 8.64 -1.46
N GLU B 515 0.15 7.53 -2.07
CA GLU B 515 -0.08 6.27 -1.38
C GLU B 515 1.23 5.55 -1.05
N ASN B 516 2.14 5.48 -2.01
CA ASN B 516 3.46 4.89 -1.74
C ASN B 516 4.56 5.91 -2.03
N ARG B 517 5.00 6.56 -0.95
CA ARG B 517 5.82 7.76 -1.03
C ARG B 517 7.28 7.51 -1.38
N LYS B 518 7.67 6.24 -1.42
CA LYS B 518 8.97 5.85 -1.95
C LYS B 518 8.97 5.94 -3.49
N ILE B 519 7.77 5.89 -4.06
CA ILE B 519 7.57 5.82 -5.51
C ILE B 519 7.37 7.19 -6.17
N VAL B 520 8.19 7.48 -7.18
CA VAL B 520 8.07 8.73 -7.92
C VAL B 520 8.06 8.49 -9.43
N LEU B 521 7.56 9.48 -10.17
CA LEU B 521 7.54 9.44 -11.62
C LEU B 521 8.97 9.45 -12.16
N ASP B 522 9.23 8.52 -13.07
CA ASP B 522 10.59 8.15 -13.44
C ASP B 522 10.57 7.79 -14.90
N LEU B 523 11.33 8.53 -15.72
CA LEU B 523 11.49 8.21 -17.14
C LEU B 523 12.47 7.05 -17.28
N SER B 524 11.96 5.91 -17.74
CA SER B 524 12.67 4.64 -17.83
C SER B 524 14.10 4.76 -18.40
N ASN B 525 15.07 4.35 -17.58
CA ASN B 525 16.50 4.35 -17.95
C ASN B 525 17.06 5.67 -18.47
N GLY B 526 16.40 6.77 -18.13
CA GLY B 526 16.82 8.11 -18.52
C GLY B 526 16.85 8.28 -20.02
N SER B 527 15.99 7.53 -20.70
CA SER B 527 15.96 7.50 -22.15
C SER B 527 14.84 8.40 -22.66
N THR B 528 15.19 9.26 -23.61
CA THR B 528 14.27 10.25 -24.13
C THR B 528 13.89 9.90 -25.56
N THR B 529 14.03 8.61 -25.92
CA THR B 529 13.59 8.15 -27.24
C THR B 529 12.05 8.09 -27.28
N ASP B 530 11.47 8.65 -28.34
CA ASP B 530 10.03 8.66 -28.55
C ASP B 530 9.39 7.31 -28.28
N GLY B 531 8.39 7.31 -27.40
CA GLY B 531 7.68 6.08 -27.06
C GLY B 531 8.16 5.40 -25.78
N ASN B 532 9.25 5.89 -25.20
CA ASN B 532 9.78 5.33 -23.93
C ASN B 532 8.80 5.48 -22.78
N GLY B 533 8.74 4.47 -21.92
CA GLY B 533 7.75 4.43 -20.85
C GLY B 533 8.14 5.19 -19.60
N LEU B 534 7.16 5.44 -18.75
CA LEU B 534 7.41 6.02 -17.44
C LEU B 534 7.21 4.98 -16.36
N LEU B 535 7.99 5.08 -15.31
CA LEU B 535 7.89 4.13 -14.22
C LEU B 535 7.47 4.82 -12.94
N GLY B 536 6.91 4.03 -12.04
CA GLY B 536 6.85 4.36 -10.63
C GLY B 536 8.06 3.66 -10.06
N PHE B 537 9.10 4.43 -9.78
CA PHE B 537 10.36 3.88 -9.30
C PHE B 537 10.80 4.55 -7.99
N GLU B 538 11.55 3.81 -7.17
CA GLU B 538 12.06 4.32 -5.90
C GLU B 538 12.82 5.65 -6.08
N PHE B 539 12.48 6.61 -5.23
CA PHE B 539 13.03 7.95 -5.27
C PHE B 539 14.56 7.97 -5.09
N HIS B 540 15.27 8.55 -6.06
CA HIS B 540 16.70 8.85 -5.92
C HIS B 540 17.05 10.30 -6.26
N GLY B 541 16.13 10.99 -6.93
CA GLY B 541 16.28 12.43 -7.23
C GLY B 541 17.19 12.74 -8.40
N GLY B 542 17.60 11.70 -9.12
CA GLY B 542 18.41 11.84 -10.33
C GLY B 542 17.64 12.56 -11.42
N ILE B 543 18.35 12.92 -12.49
CA ILE B 543 17.81 13.77 -13.56
C ILE B 543 16.53 13.21 -14.22
N ASN B 544 16.43 11.88 -14.33
CA ASN B 544 15.25 11.26 -14.94
C ASN B 544 14.04 11.15 -14.00
N GLN B 545 14.11 11.78 -12.83
CA GLN B 545 12.98 11.82 -11.91
C GLN B 545 12.57 13.27 -11.62
N ARG B 546 13.17 14.19 -12.37
CA ARG B 546 12.94 15.61 -12.20
C ARG B 546 12.16 16.12 -13.39
N TRP B 547 11.12 16.90 -13.12
CA TRP B 547 10.15 17.23 -14.15
C TRP B 547 9.88 18.73 -14.24
N ILE B 548 9.81 19.24 -15.47
CA ILE B 548 9.46 20.63 -15.72
C ILE B 548 7.94 20.70 -15.93
N ILE B 549 7.28 21.56 -15.17
CA ILE B 549 5.83 21.68 -15.23
C ILE B 549 5.51 23.07 -15.76
N LYS B 550 5.06 23.15 -17.00
CA LYS B 550 4.92 24.42 -17.68
C LYS B 550 3.47 24.71 -18.05
N PRO B 551 2.93 25.88 -17.61
CA PRO B 551 1.57 26.30 -17.98
C PRO B 551 1.34 26.23 -19.48
N PHE B 552 0.20 25.71 -19.88
CA PHE B 552 -0.16 25.65 -21.28
C PHE B 552 -1.57 26.20 -21.43
N SER B 553 -1.78 27.04 -22.43
CA SER B 553 -3.12 27.58 -22.69
C SER B 553 -3.48 27.37 -24.14
N PHE B 554 -4.60 26.69 -24.39
CA PHE B 554 -5.08 26.55 -25.75
C PHE B 554 -5.71 27.82 -26.30
N ASN B 555 -6.33 28.63 -25.44
CA ASN B 555 -6.83 29.91 -25.89
C ASN B 555 -5.83 31.03 -25.61
N SER B 556 -4.75 31.00 -26.37
CA SER B 556 -3.61 31.89 -26.19
C SER B 556 -3.91 33.31 -26.69
N ILE B 557 -4.81 33.41 -27.67
CA ILE B 557 -5.15 34.72 -28.24
C ILE B 557 -6.63 35.01 -28.07
N GLN B 558 -6.97 36.29 -28.00
CA GLN B 558 -8.36 36.64 -27.85
C GLN B 558 -9.13 36.66 -29.16
N ASP B 559 -10.40 36.30 -29.09
CA ASP B 559 -11.32 36.42 -30.20
C ASP B 559 -11.34 37.84 -30.75
N GLY B 560 -11.42 37.96 -32.06
CA GLY B 560 -11.51 39.26 -32.69
C GLY B 560 -11.30 39.18 -34.18
N ILE B 561 -11.15 40.34 -34.81
CA ILE B 561 -10.92 40.43 -36.23
C ILE B 561 -9.44 40.67 -36.47
N TYR B 562 -8.86 39.89 -37.36
CA TYR B 562 -7.41 39.84 -37.49
C TYR B 562 -6.96 39.89 -38.94
N GLN B 563 -5.74 40.38 -39.15
CA GLN B 563 -5.00 40.07 -40.36
C GLN B 563 -3.79 39.21 -40.00
N PHE B 564 -3.40 38.32 -40.91
CA PHE B 564 -2.23 37.49 -40.76
C PHE B 564 -1.11 38.01 -41.64
N MET B 565 -0.10 38.62 -41.02
CA MET B 565 1.05 39.18 -41.73
C MET B 565 2.19 38.15 -41.73
N THR B 566 2.82 37.92 -42.88
CA THR B 566 3.98 37.02 -42.90
C THR B 566 5.11 37.70 -42.16
N VAL B 567 5.94 36.91 -41.48
CA VAL B 567 7.08 37.45 -40.73
C VAL B 567 8.14 38.02 -41.68
N ILE B 568 8.29 37.41 -42.84
CA ILE B 568 9.35 37.83 -43.76
C ILE B 568 9.02 39.15 -44.43
N ASN B 569 7.74 39.37 -44.71
CA ASN B 569 7.27 40.61 -45.30
C ASN B 569 5.90 40.95 -44.74
N GLN B 570 5.89 41.84 -43.75
CA GLN B 570 4.65 42.21 -43.06
C GLN B 570 3.62 42.88 -43.96
N ASP B 571 4.06 43.45 -45.09
CA ASP B 571 3.12 44.03 -46.07
C ASP B 571 2.24 42.95 -46.73
N LEU B 572 2.67 41.70 -46.64
CA LEU B 572 1.93 40.58 -47.25
C LEU B 572 1.07 39.89 -46.20
N ILE B 573 -0.22 39.79 -46.50
CA ILE B 573 -1.18 39.17 -45.58
C ILE B 573 -1.91 38.00 -46.24
N ALA B 574 -2.55 37.17 -45.41
CA ALA B 574 -3.38 36.06 -45.91
C ALA B 574 -4.65 36.62 -46.51
N ASP B 575 -4.86 36.31 -47.78
CA ASP B 575 -5.90 36.92 -48.59
C ASP B 575 -6.74 35.81 -49.25
N LEU B 576 -8.05 35.80 -48.99
CA LEU B 576 -8.95 34.88 -49.67
C LEU B 576 -9.11 35.35 -51.10
N THR B 577 -8.44 34.67 -52.03
CA THR B 577 -8.41 35.11 -53.41
C THR B 577 -9.66 34.65 -54.12
N THR B 578 -9.80 35.08 -55.37
CA THR B 578 -10.97 34.75 -56.14
C THR B 578 -10.72 33.56 -57.07
N ASN B 579 -9.50 33.00 -56.98
CA ASN B 579 -9.05 31.91 -57.84
C ASN B 579 -9.38 30.57 -57.19
N ASN B 580 -10.39 29.90 -57.73
CA ASN B 580 -11.13 28.85 -57.00
C ASN B 580 -11.48 29.50 -55.66
N TYR B 581 -11.04 28.90 -54.55
CA TYR B 581 -11.24 29.53 -53.24
C TYR B 581 -9.91 29.61 -52.49
N THR B 582 -8.81 29.72 -53.23
CA THR B 582 -7.51 29.54 -52.60
C THR B 582 -7.04 30.79 -51.85
N ILE B 583 -6.35 30.55 -50.74
CA ILE B 583 -5.88 31.62 -49.88
C ILE B 583 -4.40 31.85 -50.15
N ALA B 584 -4.02 33.11 -50.37
CA ALA B 584 -2.65 33.42 -50.77
C ALA B 584 -2.12 34.64 -50.05
N THR B 585 -0.80 34.80 -50.05
CA THR B 585 -0.18 35.99 -49.50
C THR B 585 -0.27 37.09 -50.55
N LYS B 586 -0.86 38.21 -50.18
CA LYS B 586 -1.03 39.33 -51.10
C LYS B 586 -0.84 40.67 -50.42
N THR B 587 -0.43 41.65 -51.20
CA THR B 587 -0.22 43.00 -50.74
C THR B 587 -1.45 43.49 -49.98
N ASN B 588 -1.23 44.01 -48.79
CA ASN B 588 -2.33 44.39 -47.94
C ASN B 588 -3.06 45.66 -48.41
N ASN B 589 -4.39 45.61 -48.37
CA ASN B 589 -5.26 46.71 -48.74
C ASN B 589 -6.29 47.04 -47.68
N TYR B 590 -6.38 46.20 -46.65
CA TYR B 590 -7.37 46.36 -45.61
C TYR B 590 -8.80 46.15 -46.18
N SER B 591 -8.91 45.32 -47.22
CA SER B 591 -10.22 44.93 -47.71
C SER B 591 -10.75 43.73 -46.93
N SER B 592 -12.07 43.58 -46.94
CA SER B 592 -12.76 42.58 -46.15
C SER B 592 -12.21 41.16 -46.34
N ASN B 593 -11.87 40.82 -47.57
CA ASN B 593 -11.37 39.48 -47.90
C ASN B 593 -9.95 39.20 -47.36
N GLN B 594 -9.34 40.22 -46.78
CA GLN B 594 -8.00 40.14 -46.19
C GLN B 594 -8.09 40.22 -44.67
N LYS B 595 -9.32 40.08 -44.15
CA LYS B 595 -9.54 40.11 -42.71
C LYS B 595 -10.30 38.85 -42.30
N TRP B 596 -10.03 38.38 -41.10
CA TRP B 596 -10.60 37.14 -40.63
C TRP B 596 -11.09 37.32 -39.20
N THR B 597 -12.29 36.80 -38.91
CA THR B 597 -12.73 36.67 -37.51
C THR B 597 -12.13 35.37 -36.99
N VAL B 598 -11.46 35.46 -35.84
CA VAL B 598 -10.80 34.33 -35.20
C VAL B 598 -11.56 34.02 -33.92
N THR B 599 -12.05 32.78 -33.78
CA THR B 599 -12.94 32.41 -32.67
C THR B 599 -12.53 31.11 -31.99
N TYR B 600 -12.38 31.17 -30.67
CA TYR B 600 -12.01 29.99 -29.90
C TYR B 600 -13.18 29.04 -29.74
N ASN B 601 -12.92 27.74 -29.87
CA ASN B 601 -13.92 26.71 -29.65
C ASN B 601 -13.55 25.83 -28.45
N ASP B 602 -14.42 25.79 -27.44
CA ASP B 602 -14.21 24.98 -26.22
C ASP B 602 -13.94 23.50 -26.45
N LYS B 603 -14.79 22.87 -27.25
CA LYS B 603 -14.74 21.43 -27.49
C LYS B 603 -13.47 21.01 -28.25
N LYS B 604 -13.08 21.84 -29.21
CA LYS B 604 -11.92 21.58 -30.05
C LYS B 604 -10.61 22.09 -29.44
N ARG B 605 -10.73 23.05 -28.53
CA ARG B 605 -9.59 23.78 -27.98
C ARG B 605 -8.72 24.35 -29.08
N ALA B 606 -9.37 24.91 -30.08
CA ALA B 606 -8.71 25.44 -31.27
C ALA B 606 -9.59 26.52 -31.85
N TYR B 607 -9.07 27.26 -32.82
CA TYR B 607 -9.77 28.43 -33.35
C TYR B 607 -10.28 28.21 -34.75
N LYS B 608 -11.43 28.81 -35.03
CA LYS B 608 -11.93 28.87 -36.38
C LYS B 608 -11.62 30.26 -36.93
N ILE B 609 -11.12 30.27 -38.17
CA ILE B 609 -10.66 31.46 -38.86
C ILE B 609 -11.55 31.69 -40.09
N ARG B 610 -12.62 32.47 -39.89
CA ARG B 610 -13.62 32.72 -40.91
C ARG B 610 -13.35 34.05 -41.61
N ASN B 611 -13.51 34.06 -42.93
CA ASN B 611 -13.29 35.26 -43.73
C ASN B 611 -14.32 36.33 -43.41
N LEU B 612 -13.89 37.59 -43.36
CA LEU B 612 -14.79 38.65 -42.97
C LEU B 612 -15.75 39.00 -44.12
N GLN B 613 -15.23 39.03 -45.34
CA GLN B 613 -16.07 39.23 -46.51
C GLN B 613 -17.01 38.04 -46.73
N HIS B 614 -16.44 36.85 -46.70
CA HIS B 614 -17.19 35.64 -46.97
C HIS B 614 -17.22 34.79 -45.71
N ALA B 615 -18.13 35.12 -44.80
CA ALA B 615 -18.16 34.48 -43.48
C ALA B 615 -18.43 32.97 -43.52
N HIS B 616 -19.15 32.52 -44.56
CA HIS B 616 -19.39 31.09 -44.74
C HIS B 616 -18.13 30.28 -45.10
N LEU B 617 -17.03 30.98 -45.37
CA LEU B 617 -15.76 30.30 -45.70
C LEU B 617 -14.72 30.48 -44.59
N SER B 618 -14.09 29.38 -44.20
CA SER B 618 -13.07 29.46 -43.18
C SER B 618 -11.74 28.86 -43.65
N LEU B 619 -10.63 29.42 -43.19
CA LEU B 619 -9.29 28.99 -43.58
C LEU B 619 -9.10 27.52 -43.25
N ALA B 620 -8.88 26.71 -44.29
CA ALA B 620 -8.86 25.26 -44.10
C ALA B 620 -7.74 24.58 -44.86
N TRP B 621 -7.33 23.42 -44.35
CA TRP B 621 -6.40 22.52 -45.03
C TRP B 621 -7.20 21.44 -45.78
N ASP B 622 -6.84 21.22 -47.06
CA ASP B 622 -7.41 20.16 -47.90
C ASP B 622 -6.87 18.78 -47.48
N SER B 623 -7.09 18.45 -46.21
CA SER B 623 -6.42 17.33 -45.56
C SER B 623 -6.53 15.99 -46.29
N ASN B 624 -7.68 15.71 -46.90
CA ASN B 624 -7.87 14.42 -47.57
C ASN B 624 -7.26 14.30 -48.96
N HIS B 625 -6.84 15.44 -49.55
CA HIS B 625 -6.50 15.45 -50.97
C HIS B 625 -5.16 16.10 -51.37
N SER B 626 -4.76 17.18 -50.68
CA SER B 626 -3.52 17.88 -51.00
C SER B 626 -3.01 18.75 -49.85
N ASP B 627 -1.99 19.56 -50.13
CA ASP B 627 -1.46 20.50 -49.17
C ASP B 627 -2.10 21.89 -49.27
N LYS B 628 -3.17 22.00 -50.04
CA LYS B 628 -3.87 23.26 -50.29
C LYS B 628 -4.47 23.91 -49.04
N ILE B 629 -4.23 25.20 -48.88
CA ILE B 629 -4.95 26.04 -47.92
C ILE B 629 -5.98 26.88 -48.69
N PHE B 630 -7.23 26.88 -48.19
CA PHE B 630 -8.35 27.47 -48.94
C PHE B 630 -9.56 27.80 -48.09
N GLY B 631 -10.44 28.64 -48.61
CA GLY B 631 -11.72 28.92 -47.98
C GLY B 631 -12.69 27.78 -48.19
N ALA B 632 -13.00 27.06 -47.11
CA ALA B 632 -13.88 25.90 -47.17
C ALA B 632 -15.20 26.13 -46.44
N THR B 633 -16.24 25.52 -46.96
CA THR B 633 -17.59 25.66 -46.45
C THR B 633 -17.80 24.70 -45.28
N GLY B 634 -18.86 24.93 -44.50
CA GLY B 634 -19.25 24.02 -43.43
C GLY B 634 -18.32 24.08 -42.23
N ASP B 635 -18.25 22.97 -41.49
CA ASP B 635 -17.50 22.87 -40.26
C ASP B 635 -16.85 21.49 -40.18
N TYR B 636 -15.53 21.47 -39.97
CA TYR B 636 -14.76 20.22 -39.91
C TYR B 636 -13.39 20.38 -39.24
N ASP B 637 -12.83 19.27 -38.77
CA ASP B 637 -11.55 19.25 -38.04
C ASP B 637 -10.42 20.02 -38.69
N ASP B 638 -10.26 19.89 -40.01
CA ASP B 638 -9.15 20.55 -40.69
C ASP B 638 -9.35 22.06 -40.85
N GLN B 639 -10.45 22.56 -40.31
CA GLN B 639 -10.71 24.00 -40.27
C GLN B 639 -10.37 24.64 -38.92
N TYR B 640 -9.77 23.87 -38.02
CA TYR B 640 -9.45 24.36 -36.67
C TYR B 640 -7.94 24.48 -36.44
N TRP B 641 -7.53 25.58 -35.80
CA TRP B 641 -6.12 25.90 -35.68
C TRP B 641 -5.70 26.24 -34.27
N ILE B 642 -4.47 25.85 -33.93
CA ILE B 642 -3.92 26.05 -32.60
C ILE B 642 -2.75 27.00 -32.73
N PRO B 643 -2.92 28.25 -32.24
CA PRO B 643 -1.85 29.23 -32.37
C PRO B 643 -0.81 29.04 -31.28
N ILE B 644 0.45 29.02 -31.70
CA ILE B 644 1.54 28.80 -30.76
C ILE B 644 2.54 29.93 -30.85
N LEU B 645 2.60 30.72 -29.78
CA LEU B 645 3.48 31.87 -29.69
C LEU B 645 4.95 31.49 -29.91
N GLN B 646 5.62 32.23 -30.79
CA GLN B 646 7.05 32.03 -31.02
C GLN B 646 7.86 33.06 -30.23
N THR B 647 9.16 32.80 -30.03
CA THR B 647 9.97 33.70 -29.20
C THR B 647 10.14 35.10 -29.79
N ASP B 648 9.83 35.28 -31.06
CA ASP B 648 9.93 36.59 -31.68
C ASP B 648 8.59 37.33 -31.74
N GLY B 649 7.57 36.79 -31.09
CA GLY B 649 6.27 37.45 -31.01
C GLY B 649 5.29 37.05 -32.10
N SER B 650 5.78 36.28 -33.07
CA SER B 650 4.91 35.78 -34.13
C SER B 650 4.23 34.49 -33.67
N PHE B 651 3.37 33.95 -34.52
CA PHE B 651 2.61 32.73 -34.22
C PHE B 651 2.76 31.73 -35.35
N ILE B 652 2.65 30.46 -34.99
CA ILE B 652 2.56 29.34 -35.89
C ILE B 652 1.20 28.75 -35.59
N PHE B 653 0.52 28.20 -36.60
CA PHE B 653 -0.85 27.69 -36.43
C PHE B 653 -0.90 26.23 -36.80
N ARG B 654 -1.07 25.37 -35.79
CA ARG B 654 -1.13 23.94 -36.02
C ARG B 654 -2.55 23.55 -36.36
N ASN B 655 -2.70 22.60 -37.28
CA ASN B 655 -4.02 22.11 -37.67
C ASN B 655 -4.53 21.07 -36.68
N TYR B 656 -5.78 21.22 -36.23
CA TYR B 656 -6.36 20.28 -35.28
C TYR B 656 -6.30 18.83 -35.77
N LYS B 657 -6.56 18.59 -37.06
CA LYS B 657 -6.59 17.21 -37.57
C LYS B 657 -5.21 16.56 -37.56
N ASN B 658 -4.18 17.31 -37.91
CA ASN B 658 -2.81 16.83 -37.77
C ASN B 658 -1.97 17.99 -37.30
N PRO B 659 -1.77 18.09 -35.96
CA PRO B 659 -1.04 19.22 -35.39
C PRO B 659 0.41 19.34 -35.83
N ASN B 660 0.89 18.36 -36.61
CA ASN B 660 2.19 18.50 -37.27
C ASN B 660 2.14 19.40 -38.51
N LYS B 661 0.92 19.70 -38.98
CA LYS B 661 0.74 20.59 -40.13
C LYS B 661 0.44 22.01 -39.70
N ILE B 662 1.07 22.97 -40.37
CA ILE B 662 0.78 24.38 -40.18
C ILE B 662 0.56 25.04 -41.53
N PHE B 663 0.03 26.26 -41.51
CA PHE B 663 -0.16 26.97 -42.75
C PHE B 663 0.91 28.05 -42.96
N GLY B 664 1.58 27.95 -44.10
CA GLY B 664 2.67 28.84 -44.44
C GLY B 664 2.84 28.96 -45.94
N THR B 665 3.99 29.46 -46.36
CA THR B 665 4.31 29.55 -47.76
C THR B 665 5.47 28.60 -48.07
N ASN B 666 5.48 28.06 -49.28
CA ASN B 666 6.63 27.37 -49.82
C ASN B 666 7.65 28.43 -50.18
N GLY B 667 8.84 28.35 -49.59
CA GLY B 667 9.87 29.40 -49.81
C GLY B 667 9.40 30.78 -49.39
N GLN B 668 10.01 31.80 -49.99
CA GLN B 668 9.75 33.21 -49.65
C GLN B 668 8.35 33.67 -50.05
N PRO B 669 7.67 34.41 -49.16
CA PRO B 669 6.39 34.99 -49.54
C PRO B 669 6.60 36.12 -50.53
N ILE B 670 5.92 36.04 -51.68
CA ILE B 670 5.79 37.17 -52.60
C ILE B 670 4.32 37.30 -52.96
N ASN B 671 3.92 38.41 -53.57
CA ASN B 671 2.51 38.61 -53.88
C ASN B 671 1.88 37.47 -54.71
N ASP B 672 0.71 37.00 -54.27
CA ASP B 672 -0.11 36.03 -55.01
C ASP B 672 0.35 34.55 -54.96
N ILE B 673 1.23 34.18 -54.03
CA ILE B 673 1.57 32.76 -53.87
C ILE B 673 0.69 32.09 -52.81
N PRO B 674 0.12 30.92 -53.14
CA PRO B 674 -0.80 30.22 -52.24
C PRO B 674 -0.15 29.77 -50.96
N LEU B 675 -0.88 29.85 -49.84
CA LEU B 675 -0.47 29.20 -48.61
C LEU B 675 -0.52 27.70 -48.81
N LYS B 676 0.37 27.00 -48.13
CA LYS B 676 0.46 25.54 -48.23
C LYS B 676 0.56 24.97 -46.83
N ALA B 677 -0.06 23.81 -46.64
CA ALA B 677 0.08 23.06 -45.40
C ALA B 677 1.40 22.34 -45.48
N GLN B 678 2.18 22.40 -44.40
CA GLN B 678 3.51 21.81 -44.37
C GLN B 678 3.91 21.36 -42.96
N ASP B 679 4.80 20.40 -42.89
CA ASP B 679 5.38 19.94 -41.62
C ASP B 679 6.09 21.09 -40.93
N VAL B 680 5.91 21.20 -39.62
CA VAL B 680 6.56 22.27 -38.85
C VAL B 680 8.06 22.15 -39.00
N THR B 681 8.68 23.27 -39.31
CA THR B 681 10.10 23.29 -39.57
C THR B 681 10.78 24.42 -38.78
N GLY B 682 9.95 25.32 -38.24
CA GLY B 682 10.45 26.44 -37.46
C GLY B 682 11.03 27.61 -38.25
N GLN B 683 11.08 27.49 -39.58
CA GLN B 683 11.60 28.57 -40.43
C GLN B 683 10.60 29.71 -40.49
N ASN B 684 11.06 30.87 -40.94
CA ASN B 684 10.22 32.06 -40.92
C ASN B 684 9.03 32.05 -41.87
N ASN B 685 9.12 31.27 -42.95
CA ASN B 685 8.01 31.12 -43.90
C ASN B 685 6.78 30.40 -43.37
N GLN B 686 6.81 30.03 -42.09
CA GLN B 686 5.70 29.32 -41.43
C GLN B 686 5.11 30.18 -40.31
N LYS B 687 5.62 31.40 -40.17
CA LYS B 687 5.29 32.25 -39.02
C LYS B 687 4.56 33.51 -39.43
N TRP B 688 3.64 33.93 -38.58
CA TRP B 688 2.77 35.05 -38.86
C TRP B 688 2.71 36.01 -37.69
N TYR B 689 2.74 37.31 -37.98
CA TYR B 689 2.41 38.32 -37.00
C TYR B 689 0.93 38.63 -37.13
N LEU B 690 0.25 38.80 -36.00
CA LEU B 690 -1.18 39.06 -35.96
C LEU B 690 -1.49 40.55 -35.79
N ARG B 691 -2.20 41.12 -36.76
CA ARG B 691 -2.78 42.43 -36.53
C ARG B 691 -4.18 42.24 -36.01
N HIS B 692 -4.38 42.67 -34.78
CA HIS B 692 -5.65 42.60 -34.13
C HIS B 692 -6.32 43.93 -34.40
N LEU B 693 -7.11 43.98 -35.48
CA LEU B 693 -7.74 45.24 -35.94
C LEU B 693 -8.76 45.74 -34.96
N ASN B 694 -9.41 44.79 -34.32
CA ASN B 694 -10.50 44.98 -33.38
C ASN B 694 -10.04 45.50 -32.00
N SER B 695 -8.74 45.66 -31.79
CA SER B 695 -8.17 45.80 -30.44
C SER B 695 -8.31 47.18 -29.80
N SER B 696 -7.62 47.36 -28.67
CA SER B 696 -7.56 48.62 -27.96
C SER B 696 -6.14 49.21 -27.92
N ASN B 697 -5.20 48.63 -28.66
CA ASN B 697 -3.87 49.22 -28.73
C ASN B 697 -3.79 50.31 -29.81
N ASN B 698 -4.51 51.40 -29.58
CA ASN B 698 -4.51 52.53 -30.50
C ASN B 698 -3.90 53.78 -29.88
N PHE B 699 -3.28 54.60 -30.74
CA PHE B 699 -2.72 55.87 -30.32
C PHE B 699 -3.80 56.93 -30.00
N THR B 700 -3.64 57.61 -28.87
CA THR B 700 -4.46 58.77 -28.56
C THR B 700 -3.56 59.92 -28.10
N GLY B 701 -3.99 61.15 -28.38
CA GLY B 701 -3.29 62.33 -27.93
C GLY B 701 -2.24 62.89 -28.88
N TYR B 702 -1.22 63.51 -28.31
CA TYR B 702 -0.29 64.33 -29.05
C TYR B 702 1.09 63.70 -29.10
N PHE B 703 1.76 63.86 -30.24
CA PHE B 703 3.02 63.16 -30.49
C PHE B 703 3.95 63.98 -31.34
N ASN B 704 5.25 63.88 -31.04
CA ASN B 704 6.25 64.24 -32.02
C ASN B 704 6.47 62.97 -32.84
N ILE B 705 6.46 63.09 -34.16
CA ILE B 705 6.64 61.92 -35.00
C ILE B 705 8.07 61.96 -35.49
N SER B 706 8.92 61.15 -34.87
CA SER B 706 10.35 61.26 -35.13
C SER B 706 10.89 60.16 -36.04
N SER B 707 11.99 60.47 -36.73
CA SER B 707 12.53 59.54 -37.69
C SER B 707 13.44 58.52 -37.04
N LYS B 708 13.25 57.25 -37.40
CA LYS B 708 14.15 56.19 -36.97
C LYS B 708 15.60 56.51 -37.31
N LYS B 709 15.81 57.16 -38.44
CA LYS B 709 17.17 57.55 -38.87
C LYS B 709 17.84 58.57 -37.95
N ASN B 710 17.06 59.50 -37.41
CA ASN B 710 17.59 60.53 -36.52
C ASN B 710 16.45 60.98 -35.63
N PHE B 711 16.52 60.65 -34.35
CA PHE B 711 15.41 60.84 -33.43
C PHE B 711 15.10 62.32 -33.19
N ASN B 712 16.08 63.18 -33.52
CA ASN B 712 15.91 64.61 -33.32
C ASN B 712 15.27 65.27 -34.53
N LYS B 713 15.03 64.49 -35.56
CA LYS B 713 14.41 64.99 -36.77
C LYS B 713 12.95 64.53 -36.84
N ILE B 714 12.04 65.50 -36.83
CA ILE B 714 10.61 65.21 -36.66
C ILE B 714 9.70 65.88 -37.70
N ILE B 715 8.52 65.29 -37.91
CA ILE B 715 7.59 65.78 -38.91
C ILE B 715 7.06 67.13 -38.47
N THR B 716 7.17 68.13 -39.36
CA THR B 716 6.86 69.51 -39.03
C THR B 716 6.00 70.14 -40.10
N MET B 717 4.93 70.82 -39.70
CA MET B 717 4.15 71.61 -40.63
C MET B 717 4.89 72.93 -40.86
N ASN B 718 5.05 73.31 -42.13
CA ASN B 718 5.78 74.54 -42.47
C ASN B 718 5.01 75.82 -42.08
N SER B 719 5.65 76.98 -42.18
CA SER B 719 5.03 78.20 -41.70
C SER B 719 3.72 78.54 -42.40
N ASN B 720 3.69 78.26 -43.70
CA ASN B 720 2.53 78.48 -44.55
C ASN B 720 1.37 77.56 -44.29
N LYS B 721 1.65 76.47 -43.58
CA LYS B 721 0.67 75.42 -43.32
C LYS B 721 0.25 74.74 -44.62
N THR B 722 1.20 74.55 -45.54
CA THR B 722 0.90 73.90 -46.81
C THR B 722 1.46 72.50 -46.94
N GLN B 723 2.60 72.24 -46.30
CA GLN B 723 3.33 70.98 -46.47
C GLN B 723 3.95 70.47 -45.17
N ALA B 724 4.21 69.17 -45.13
CA ALA B 724 4.92 68.55 -44.04
C ALA B 724 6.40 68.51 -44.46
N VAL B 725 7.30 68.82 -43.52
CA VAL B 725 8.73 68.75 -43.74
C VAL B 725 9.36 68.09 -42.53
N ILE B 726 10.66 67.80 -42.63
CA ILE B 726 11.44 67.28 -41.53
C ILE B 726 12.19 68.48 -40.94
N PHE B 727 12.38 68.51 -39.62
CA PHE B 727 13.07 69.63 -38.99
C PHE B 727 13.52 69.21 -37.59
N ASP B 728 14.64 69.75 -37.11
CA ASP B 728 15.06 69.57 -35.72
C ASP B 728 13.85 69.74 -34.80
N ASN B 729 13.79 68.93 -33.74
CA ASN B 729 12.82 69.08 -32.69
C ASN B 729 13.12 70.38 -31.97
N ILE B 730 12.21 71.34 -32.09
CA ILE B 730 12.38 72.64 -31.41
C ILE B 730 11.19 72.95 -30.48
N GLY B 731 10.33 71.95 -30.24
CA GLY B 731 9.23 72.04 -29.25
C GLY B 731 8.07 72.95 -29.62
N ILE B 732 7.77 73.05 -30.90
CA ILE B 732 6.78 74.01 -31.37
C ILE B 732 5.43 73.36 -31.69
N ASN B 733 4.39 74.18 -31.68
CA ASN B 733 3.02 73.78 -32.08
C ASN B 733 2.99 72.94 -33.34
N ASN B 734 3.71 73.39 -34.37
CA ASN B 734 3.73 72.73 -35.67
C ASN B 734 4.44 71.38 -35.71
N GLN B 735 4.89 70.90 -34.56
CA GLN B 735 5.59 69.61 -34.48
C GLN B 735 4.85 68.65 -33.54
N SER B 736 3.71 69.09 -33.05
CA SER B 736 2.95 68.28 -32.09
C SER B 736 1.64 67.86 -32.72
N TRP B 737 1.59 66.62 -33.17
CA TRP B 737 0.48 66.10 -33.98
C TRP B 737 -0.51 65.31 -33.16
N LYS B 738 -1.79 65.64 -33.30
CA LYS B 738 -2.85 64.87 -32.67
C LYS B 738 -3.15 63.67 -33.56
N LEU B 739 -3.24 62.50 -32.93
CA LEU B 739 -3.65 61.30 -33.60
C LEU B 739 -5.10 60.97 -33.28
N LYS B 740 -5.95 61.07 -34.30
CA LYS B 740 -7.37 60.85 -34.14
C LYS B 740 -7.77 59.55 -34.81
N TYR B 741 -8.00 58.54 -33.98
CA TYR B 741 -8.28 57.20 -34.46
C TYR B 741 -9.71 57.07 -34.95
N ASN B 742 -9.87 56.49 -36.12
CA ASN B 742 -11.20 56.12 -36.59
C ASN B 742 -11.36 54.60 -36.55
N ASP B 743 -12.22 54.17 -35.65
CA ASP B 743 -12.42 52.75 -35.39
C ASP B 743 -12.95 51.94 -36.60
N ASN B 744 -13.77 52.57 -37.44
CA ASN B 744 -14.27 51.92 -38.66
C ASN B 744 -13.19 51.68 -39.69
N LYS B 745 -12.22 52.59 -39.77
CA LYS B 745 -11.25 52.57 -40.86
C LYS B 745 -9.93 51.94 -40.43
N ASN B 746 -9.79 51.70 -39.12
CA ASN B 746 -8.56 51.21 -38.52
C ASN B 746 -7.38 52.11 -38.84
N ALA B 747 -7.67 53.39 -39.05
CA ALA B 747 -6.66 54.37 -39.44
C ALA B 747 -6.82 55.67 -38.65
N TYR B 748 -5.81 56.54 -38.76
CA TYR B 748 -5.76 57.82 -38.05
C TYR B 748 -5.80 59.02 -38.98
N GLN B 749 -6.48 60.07 -38.53
CA GLN B 749 -6.17 61.40 -39.03
C GLN B 749 -5.07 61.96 -38.14
N ILE B 750 -4.10 62.61 -38.77
CA ILE B 750 -2.94 63.18 -38.09
C ILE B 750 -2.98 64.69 -38.32
N HIS B 751 -3.30 65.45 -37.27
CA HIS B 751 -3.65 66.87 -37.47
C HIS B 751 -3.14 67.83 -36.40
N ILE B 752 -3.01 69.11 -36.79
CA ILE B 752 -2.70 70.19 -35.88
C ILE B 752 -3.78 71.25 -36.10
N LEU B 753 -4.61 71.41 -35.08
CA LEU B 753 -5.86 72.14 -35.19
C LEU B 753 -6.63 71.59 -36.41
N ASP B 754 -6.99 72.45 -37.37
CA ASP B 754 -7.76 72.00 -38.53
C ASP B 754 -6.86 71.70 -39.75
N ASN B 755 -5.59 71.43 -39.51
CA ASN B 755 -4.63 71.15 -40.58
C ASN B 755 -4.26 69.68 -40.57
N PHE B 756 -4.56 68.98 -41.66
CA PHE B 756 -4.43 67.53 -41.69
C PHE B 756 -3.32 67.07 -42.61
N LEU B 757 -2.52 66.11 -42.15
CA LEU B 757 -1.58 65.38 -43.03
C LEU B 757 -2.39 64.80 -44.18
N TYR B 758 -2.06 65.18 -45.41
CA TYR B 758 -2.94 64.89 -46.56
C TYR B 758 -2.16 64.37 -47.77
N PHE B 759 -2.61 63.24 -48.31
CA PHE B 759 -1.97 62.53 -49.42
C PHE B 759 -2.17 63.30 -50.70
N GLN B 760 -1.11 63.45 -51.49
CA GLN B 760 -1.21 64.18 -52.75
C GLN B 760 -0.71 63.35 -53.93
N GLY B 761 -0.54 62.04 -53.70
CA GLY B 761 -0.03 61.14 -54.72
C GLY B 761 1.32 60.59 -54.35
N GLY B 762 1.65 59.40 -54.86
CA GLY B 762 2.98 58.83 -54.73
C GLY B 762 3.97 59.72 -55.44
N HIS B 763 5.19 59.80 -54.89
CA HIS B 763 6.27 60.72 -55.34
C HIS B 763 6.05 62.19 -54.93
N ASN B 764 4.91 62.51 -54.34
CA ASN B 764 4.58 63.92 -54.14
C ASN B 764 4.70 64.38 -52.69
N ILE B 765 5.03 65.65 -52.49
CA ILE B 765 5.09 66.22 -51.15
C ILE B 765 3.77 66.05 -50.42
N VAL B 766 3.83 65.66 -49.15
CA VAL B 766 2.63 65.54 -48.34
C VAL B 766 2.11 66.91 -47.88
N ALA B 767 0.83 67.16 -48.17
CA ALA B 767 0.22 68.45 -47.82
C ALA B 767 -0.31 68.47 -46.39
N THR B 768 -0.57 69.68 -45.90
CA THR B 768 -1.37 69.84 -44.69
C THR B 768 -2.60 70.59 -45.15
N MET B 769 -3.75 69.96 -45.05
CA MET B 769 -4.98 70.50 -45.62
C MET B 769 -6.01 70.89 -44.58
N ARG B 770 -6.63 72.04 -44.77
CA ARG B 770 -7.77 72.42 -43.97
C ARG B 770 -9.05 71.85 -44.59
N ASN B 771 -10.11 71.79 -43.79
CA ASN B 771 -11.45 71.55 -44.31
C ASN B 771 -11.69 70.11 -44.75
N VAL B 772 -10.95 69.15 -44.18
CA VAL B 772 -11.09 67.78 -44.69
C VAL B 772 -12.37 67.12 -44.19
N THR B 773 -13.08 66.42 -45.07
CA THR B 773 -14.28 65.70 -44.64
C THR B 773 -13.91 64.38 -43.96
N ASN B 774 -14.81 63.88 -43.14
CA ASN B 774 -14.53 62.70 -42.33
C ASN B 774 -14.31 61.40 -43.11
N ASP B 775 -14.77 61.37 -44.36
CA ASP B 775 -14.66 60.17 -45.17
C ASP B 775 -13.52 60.28 -46.20
N ASP B 776 -12.74 61.36 -46.14
CA ASP B 776 -11.66 61.59 -47.11
C ASP B 776 -10.44 60.73 -46.79
N LEU B 777 -10.32 59.59 -47.47
CA LEU B 777 -9.21 58.66 -47.20
C LEU B 777 -7.81 59.24 -47.41
N ARG B 778 -7.70 60.34 -48.15
CA ARG B 778 -6.39 61.02 -48.32
C ARG B 778 -5.84 61.56 -46.98
N SER B 779 -6.74 61.83 -46.04
CA SER B 779 -6.36 62.31 -44.71
C SER B 779 -6.21 61.20 -43.65
N TYR B 780 -6.40 59.92 -44.04
CA TYR B 780 -6.25 58.81 -43.11
C TYR B 780 -4.96 58.02 -43.35
N TRP B 781 -4.35 57.57 -42.26
CA TRP B 781 -3.08 56.91 -42.29
C TRP B 781 -3.14 55.66 -41.40
N TYR B 782 -2.63 54.54 -41.90
CA TYR B 782 -2.40 53.38 -41.07
C TYR B 782 -1.03 53.55 -40.41
N VAL B 783 -0.95 53.15 -39.14
CA VAL B 783 0.26 53.20 -38.38
C VAL B 783 0.62 51.74 -38.04
N GLU B 784 1.69 51.25 -38.66
CA GLU B 784 1.96 49.82 -38.66
C GLU B 784 3.32 49.55 -38.06
N TYR B 785 3.36 48.80 -36.97
CA TYR B 785 4.63 48.44 -36.39
C TYR B 785 5.32 47.35 -37.22
N ASN B 786 6.60 47.57 -37.50
CA ASN B 786 7.42 46.55 -38.14
C ASN B 786 8.36 45.92 -37.14
N PHE B 787 8.21 44.62 -36.91
CA PHE B 787 8.98 43.92 -35.88
C PHE B 787 10.46 43.81 -36.19
N ASN B 788 10.79 43.53 -37.44
CA ASN B 788 12.15 43.32 -37.83
C ASN B 788 12.98 44.62 -37.84
N LYS B 789 12.44 45.69 -38.40
CA LYS B 789 13.15 46.98 -38.43
C LYS B 789 12.93 47.83 -37.19
N ASP B 790 12.00 47.42 -36.34
CA ASP B 790 11.75 48.09 -35.06
C ASP B 790 11.34 49.56 -35.26
N GLY B 791 10.26 49.78 -35.98
CA GLY B 791 9.78 51.14 -36.21
C GLY B 791 8.39 51.06 -36.80
N PHE B 792 7.74 52.21 -36.94
CA PHE B 792 6.39 52.27 -37.48
C PHE B 792 6.40 52.81 -38.88
N ILE B 793 5.59 52.20 -39.74
CA ILE B 793 5.32 52.68 -41.07
C ILE B 793 4.04 53.49 -40.95
N ILE B 794 3.96 54.59 -41.69
CA ILE B 794 2.76 55.40 -41.74
C ILE B 794 2.27 55.36 -43.19
N ARG B 795 1.22 54.58 -43.43
CA ARG B 795 0.79 54.26 -44.79
C ARG B 795 -0.53 54.96 -45.10
N ASN B 796 -0.63 55.55 -46.29
CA ASN B 796 -1.86 56.24 -46.65
C ASN B 796 -3.02 55.28 -46.81
N ALA B 797 -4.22 55.77 -46.51
CA ALA B 797 -5.41 54.96 -46.66
C ALA B 797 -6.08 55.07 -48.02
N PHE B 798 -5.88 56.18 -48.74
CA PHE B 798 -6.47 56.34 -50.06
C PHE B 798 -5.76 55.44 -51.07
N ASP B 799 -4.44 55.42 -50.99
CA ASP B 799 -3.67 54.52 -51.81
C ASP B 799 -2.64 53.86 -50.89
N THR B 800 -2.86 52.56 -50.62
CA THR B 800 -2.11 51.84 -49.59
C THR B 800 -0.70 51.44 -50.04
N SER B 801 -0.31 51.85 -51.24
CA SER B 801 1.02 51.60 -51.78
C SER B 801 2.09 52.56 -51.26
N TYR B 802 1.67 53.67 -50.66
CA TYR B 802 2.55 54.79 -50.34
C TYR B 802 2.63 55.06 -48.85
N VAL B 803 3.86 55.30 -48.39
CA VAL B 803 4.11 55.54 -46.98
C VAL B 803 4.93 56.83 -46.85
N LEU B 804 4.80 57.50 -45.70
CA LEU B 804 5.57 58.70 -45.41
C LEU B 804 7.05 58.41 -45.55
N ASP B 805 7.79 59.33 -46.15
CA ASP B 805 9.17 59.10 -46.59
C ASP B 805 9.90 60.44 -46.50
N VAL B 806 10.97 60.55 -45.72
CA VAL B 806 11.77 61.78 -45.75
C VAL B 806 12.53 61.80 -47.09
N PHE B 807 12.20 62.79 -47.92
CA PHE B 807 12.66 62.89 -49.31
C PHE B 807 14.17 62.67 -49.51
N GLN B 808 14.49 61.70 -50.39
CA GLN B 808 15.88 61.38 -50.71
C GLN B 808 16.73 60.92 -49.52
N GLY B 809 16.10 60.64 -48.37
CA GLY B 809 16.81 60.39 -47.11
C GLY B 809 17.72 61.55 -46.74
N ASN B 810 17.29 62.75 -47.08
CA ASN B 810 18.02 63.95 -46.76
C ASN B 810 17.48 64.53 -45.45
N PHE B 811 18.32 64.70 -44.46
CA PHE B 811 17.80 65.11 -43.16
C PHE B 811 18.07 66.57 -42.83
N ALA B 812 18.49 67.32 -43.85
CA ALA B 812 18.67 68.75 -43.71
C ALA B 812 17.32 69.37 -43.36
N ASN B 813 17.34 70.37 -42.48
CA ASN B 813 16.11 71.06 -42.13
C ASN B 813 15.33 71.46 -43.37
N ASN B 814 14.01 71.23 -43.32
CA ASN B 814 13.07 71.67 -44.37
C ASN B 814 12.97 70.73 -45.57
N THR B 815 13.64 69.60 -45.51
CA THR B 815 13.46 68.59 -46.54
C THR B 815 12.00 68.10 -46.49
N PRO B 816 11.29 68.14 -47.62
CA PRO B 816 9.87 67.77 -47.55
C PRO B 816 9.64 66.29 -47.22
N ILE B 817 8.49 65.99 -46.61
CA ILE B 817 8.05 64.61 -46.49
C ILE B 817 7.27 64.35 -47.76
N ILE B 818 7.55 63.21 -48.43
CA ILE B 818 6.76 62.79 -49.60
C ILE B 818 6.06 61.50 -49.21
N THR B 819 5.35 60.88 -50.15
CA THR B 819 4.96 59.48 -50.01
C THR B 819 5.63 58.66 -51.11
N TYR B 820 6.11 57.48 -50.76
CA TYR B 820 6.83 56.62 -51.67
C TYR B 820 6.51 55.18 -51.30
N GLN B 821 6.84 54.24 -52.19
CA GLN B 821 6.62 52.84 -51.92
C GLN B 821 7.51 52.42 -50.77
N ASN B 822 7.06 51.41 -50.05
CA ASN B 822 7.71 51.06 -48.83
C ASN B 822 8.90 50.14 -49.07
N TYR B 823 10.06 50.54 -48.57
CA TYR B 823 11.22 49.67 -48.69
C TYR B 823 11.79 49.32 -47.32
N LEU B 824 11.13 49.79 -46.25
CA LEU B 824 11.65 49.67 -44.89
C LEU B 824 13.00 50.38 -44.73
N ASN B 825 13.22 51.43 -45.51
CA ASN B 825 14.35 52.33 -45.31
C ASN B 825 14.18 53.14 -44.02
N ASP B 826 15.29 53.51 -43.40
CA ASP B 826 15.30 54.25 -42.15
C ASP B 826 14.55 55.56 -42.27
N ASN B 827 14.62 56.20 -43.44
CA ASN B 827 13.88 57.41 -43.70
C ASN B 827 12.41 57.16 -43.95
N GLN B 828 11.96 55.92 -43.80
CA GLN B 828 10.53 55.59 -43.90
C GLN B 828 9.93 55.05 -42.60
N LEU B 829 10.72 55.04 -41.53
CA LEU B 829 10.33 54.43 -40.26
C LEU B 829 10.26 55.50 -39.17
N TRP B 830 9.29 55.37 -38.27
CA TRP B 830 8.95 56.45 -37.36
C TRP B 830 8.71 55.97 -35.94
N ASN B 831 9.06 56.83 -34.98
CA ASN B 831 8.70 56.65 -33.59
C ASN B 831 7.64 57.68 -33.22
N PHE B 832 6.83 57.37 -32.22
CA PHE B 832 5.82 58.28 -31.73
C PHE B 832 6.12 58.61 -30.28
N ILE B 833 6.59 59.84 -30.07
CA ILE B 833 6.96 60.34 -28.78
C ILE B 833 5.90 61.29 -28.21
N PRO B 834 5.23 60.90 -27.12
CA PRO B 834 4.25 61.75 -26.44
C PRO B 834 4.68 63.20 -26.41
N SER B 835 3.80 64.11 -26.82
CA SER B 835 4.08 65.53 -26.66
C SER B 835 2.88 66.23 -26.03
N LEU B 836 2.89 67.55 -26.11
CA LEU B 836 1.90 68.37 -25.42
C LEU B 836 1.02 69.09 -26.44
N GLY B 837 -0.25 69.26 -26.08
CA GLY B 837 -1.21 69.94 -26.96
C GLY B 837 -1.80 71.18 -26.33
C1 MPD C . 5.06 -75.19 -14.15
C2 MPD C . 5.00 -73.95 -13.28
O2 MPD C . 5.33 -72.79 -14.08
CM MPD C . 6.07 -74.10 -12.21
C3 MPD C . 3.58 -73.83 -12.75
C4 MPD C . 3.25 -72.53 -12.03
O4 MPD C . 3.39 -71.41 -12.90
C5 MPD C . 1.82 -72.58 -11.55
C1 MPD D . 15.99 76.76 -33.76
C2 MPD D . 16.10 77.15 -35.22
O2 MPD D . 16.35 75.92 -35.96
CM MPD D . 17.22 78.16 -35.28
C3 MPD D . 14.88 77.86 -35.83
C4 MPD D . 15.12 78.36 -37.27
O4 MPD D . 15.99 77.52 -38.00
C5 MPD D . 15.71 79.77 -37.32
C1 MPD E . 17.79 6.08 -13.21
C2 MPD E . 16.98 4.87 -12.77
O2 MPD E . 15.67 5.32 -12.32
CM MPD E . 17.67 4.19 -11.60
C3 MPD E . 16.87 3.89 -13.95
C4 MPD E . 15.47 3.47 -14.44
O4 MPD E . 14.65 4.61 -14.69
C5 MPD E . 14.73 2.53 -13.50
C1 GOL F . -1.13 30.16 -18.82
O1 GOL F . -1.94 29.04 -18.57
C2 GOL F . -0.60 30.14 -20.25
O2 GOL F . -0.99 31.34 -20.89
C3 GOL F . 0.92 30.00 -20.27
O3 GOL F . 1.38 29.60 -21.54
#